data_5MVI
#
_entry.id   5MVI
#
_cell.length_a   139.662
_cell.length_b   139.662
_cell.length_c   513.484
_cell.angle_alpha   90.00
_cell.angle_beta   90.00
_cell.angle_gamma   120.00
#
_symmetry.space_group_name_H-M   'H 3'
#
_entity_poly.entity_id   1
_entity_poly.type   'polypeptide(L)'
_entity_poly.pdbx_seq_one_letter_code
;MSAHISNVRPDFDREIVDIVDYVMNYEITSKVAYDTAHYCLLDTLGCGLEALEYPACKKLLGPIVPGTVVPNGARVPGTQ
FQLDPVQAAFNIGAMIRWLDFNDTWLAAEWGHPSDNLGGILATADWLSRNAVAAGKAPLTMKQVLSGMIKAHEIQGCIAL
ENAFNRVGLDHVLLVKVASTAVVAEMLGLTRDEILNAVSLAWVDGQSLRTYRHAPNTGTRKSWAAGDATSRAVRLALMAK
TGEMGYPSALTAKTWGFYDVSFKGETFRFQRPYGSYVMENVLFKISFPAEFHSQTAVEAAMTLYEQMQAAGKTAADIEKV
TIRTHEACLRIIDKKGPLNNPADRDHCIQYMVAVPLLFGRLTAADYEDEVAQDKRIDALREKIVCYEDPAFTADYHDPEK
RAIGNAISVEFTDGSRFGEVVVEYPIGHARRRADGIPKLIEKFKINLARQFPTRQQQRILDVSLDRARLEQMPVNEYLDL
YVI
;
_entity_poly.pdbx_strand_id   E,D,A,B,C,F
#
# COMPACT_ATOMS: atom_id res chain seq x y z
N ASP A 11 -28.25 -49.89 -57.68
CA ASP A 11 -28.92 -49.31 -58.88
C ASP A 11 -29.32 -47.88 -58.61
N PHE A 12 -29.10 -46.99 -59.57
CA PHE A 12 -29.13 -45.55 -59.30
C PHE A 12 -30.54 -45.00 -59.18
N ASP A 13 -30.68 -43.97 -58.37
CA ASP A 13 -31.96 -43.29 -58.23
C ASP A 13 -32.44 -42.85 -59.59
N ARG A 14 -33.69 -43.15 -59.91
CA ARG A 14 -34.24 -42.91 -61.25
C ARG A 14 -34.22 -41.43 -61.65
N GLU A 15 -34.17 -40.53 -60.65
CA GLU A 15 -34.02 -39.09 -60.90
C GLU A 15 -32.69 -38.79 -61.60
N ILE A 16 -31.63 -39.48 -61.19
CA ILE A 16 -30.28 -39.29 -61.73
C ILE A 16 -30.13 -39.93 -63.10
N VAL A 17 -30.74 -41.09 -63.29
CA VAL A 17 -30.79 -41.76 -64.61
C VAL A 17 -31.45 -40.91 -65.69
N ASP A 18 -32.51 -40.20 -65.31
CA ASP A 18 -33.31 -39.45 -66.27
C ASP A 18 -32.52 -38.23 -66.75
N ILE A 19 -31.71 -37.65 -65.87
CA ILE A 19 -30.75 -36.62 -66.24
C ILE A 19 -29.70 -37.24 -67.17
N VAL A 20 -29.00 -38.26 -66.70
CA VAL A 20 -27.88 -38.80 -67.49
C VAL A 20 -28.27 -39.13 -68.94
N ASP A 21 -29.44 -39.75 -69.11
CA ASP A 21 -29.91 -40.18 -70.41
C ASP A 21 -30.32 -39.03 -71.32
N TYR A 22 -30.94 -38.02 -70.72
CA TYR A 22 -31.34 -36.80 -71.43
C TYR A 22 -30.14 -36.05 -72.02
N VAL A 23 -29.12 -35.89 -71.15
CA VAL A 23 -27.83 -35.29 -71.50
C VAL A 23 -27.02 -36.09 -72.51
N MET A 24 -27.11 -37.39 -72.43
CA MET A 24 -26.31 -38.23 -73.31
C MET A 24 -26.93 -38.41 -74.68
N ASN A 25 -28.23 -38.62 -74.70
CA ASN A 25 -28.86 -39.21 -75.85
C ASN A 25 -29.87 -38.34 -76.57
N TYR A 26 -30.36 -37.28 -75.91
CA TYR A 26 -31.45 -36.46 -76.45
C TYR A 26 -30.97 -35.52 -77.55
N GLU A 27 -31.72 -35.51 -78.66
CA GLU A 27 -31.45 -34.60 -79.74
C GLU A 27 -32.51 -33.52 -79.79
N ILE A 28 -32.06 -32.29 -79.56
CA ILE A 28 -32.86 -31.07 -79.72
C ILE A 28 -33.22 -30.89 -81.24
N THR A 29 -34.50 -30.75 -81.55
CA THR A 29 -34.96 -30.52 -82.95
C THR A 29 -35.71 -29.22 -83.12
N SER A 30 -35.57 -28.30 -82.17
CA SER A 30 -36.41 -27.06 -82.14
C SER A 30 -35.70 -25.76 -82.56
N LYS A 31 -35.89 -25.44 -83.81
CA LYS A 31 -35.30 -24.25 -84.38
C LYS A 31 -35.46 -23.07 -83.38
N VAL A 32 -36.63 -23.00 -82.78
CA VAL A 32 -36.98 -21.94 -81.85
C VAL A 32 -36.06 -21.94 -80.62
N ALA A 33 -35.68 -23.14 -80.17
CA ALA A 33 -34.74 -23.31 -79.05
C ALA A 33 -33.31 -22.91 -79.37
N TYR A 34 -32.85 -23.20 -80.58
CA TYR A 34 -31.49 -22.82 -80.97
C TYR A 34 -31.41 -21.31 -81.24
N ASP A 35 -32.43 -20.78 -81.92
CA ASP A 35 -32.45 -19.35 -82.26
C ASP A 35 -32.46 -18.49 -80.99
N THR A 36 -33.10 -19.00 -79.93
CA THR A 36 -33.17 -18.27 -78.64
C THR A 36 -31.87 -18.50 -77.87
N ALA A 37 -31.30 -19.69 -78.01
CA ALA A 37 -30.02 -19.99 -77.39
C ALA A 37 -29.00 -18.99 -77.91
N HIS A 38 -29.06 -18.73 -79.21
CA HIS A 38 -28.11 -17.81 -79.85
C HIS A 38 -28.11 -16.41 -79.19
N TYR A 39 -29.30 -15.91 -78.87
CA TYR A 39 -29.43 -14.57 -78.33
C TYR A 39 -29.12 -14.54 -76.85
N CYS A 40 -29.33 -15.68 -76.19
CA CYS A 40 -29.07 -15.80 -74.75
C CYS A 40 -27.58 -15.84 -74.46
N LEU A 41 -26.82 -16.36 -75.43
CA LEU A 41 -25.37 -16.41 -75.34
C LEU A 41 -24.80 -15.00 -75.36
N LEU A 42 -25.18 -14.21 -76.34
CA LEU A 42 -24.49 -12.96 -76.51
C LEU A 42 -25.05 -11.92 -75.55
N ASP A 43 -26.26 -12.15 -75.04
CA ASP A 43 -26.82 -11.30 -73.95
C ASP A 43 -26.00 -11.46 -72.68
N THR A 44 -25.79 -12.72 -72.31
CA THR A 44 -25.07 -13.08 -71.10
C THR A 44 -23.62 -12.61 -71.17
N LEU A 45 -23.01 -12.73 -72.33
CA LEU A 45 -21.61 -12.37 -72.47
C LEU A 45 -21.43 -10.88 -72.23
N GLY A 46 -22.36 -10.08 -72.72
CA GLY A 46 -22.27 -8.63 -72.59
C GLY A 46 -22.52 -8.16 -71.18
N CYS A 47 -23.37 -8.89 -70.47
CA CYS A 47 -23.58 -8.66 -69.05
C CYS A 47 -22.26 -8.83 -68.27
N GLY A 48 -21.52 -9.88 -68.58
CA GLY A 48 -20.20 -10.11 -68.02
C GLY A 48 -19.21 -9.00 -68.29
N LEU A 49 -19.19 -8.51 -69.52
CA LEU A 49 -18.30 -7.40 -69.90
C LEU A 49 -18.57 -6.12 -69.03
N GLU A 50 -19.85 -5.90 -68.72
CA GLU A 50 -20.31 -4.71 -67.98
C GLU A 50 -19.88 -4.78 -66.51
N ALA A 51 -19.87 -5.98 -65.97
CA ALA A 51 -19.38 -6.22 -64.60
C ALA A 51 -17.91 -5.77 -64.36
N LEU A 52 -17.10 -5.86 -65.41
CA LEU A 52 -15.68 -5.49 -65.33
C LEU A 52 -15.45 -4.04 -64.96
N GLU A 53 -16.50 -3.22 -65.04
CA GLU A 53 -16.45 -1.80 -64.61
C GLU A 53 -16.33 -1.70 -63.08
N TYR A 54 -16.58 -2.82 -62.40
CA TYR A 54 -16.90 -2.75 -60.99
C TYR A 54 -15.83 -3.47 -60.16
N PRO A 55 -15.03 -2.73 -59.40
CA PRO A 55 -13.90 -3.24 -58.58
C PRO A 55 -14.28 -4.33 -57.56
N ALA A 56 -15.56 -4.43 -57.20
CA ALA A 56 -16.00 -5.49 -56.31
C ALA A 56 -15.91 -6.80 -57.04
N CYS A 57 -16.34 -6.82 -58.31
CA CYS A 57 -16.21 -8.01 -59.11
C CYS A 57 -14.74 -8.31 -59.26
N LYS A 58 -14.00 -7.37 -59.81
CA LYS A 58 -12.64 -7.65 -60.29
C LYS A 58 -11.65 -8.20 -59.25
N LYS A 59 -11.80 -7.74 -58.02
CA LYS A 59 -11.01 -8.25 -56.87
C LYS A 59 -11.15 -9.77 -56.61
N LEU A 60 -12.24 -10.37 -57.12
CA LEU A 60 -12.45 -11.80 -56.99
C LEU A 60 -11.91 -12.68 -58.15
N LEU A 61 -11.32 -12.06 -59.11
CA LEU A 61 -11.02 -12.70 -60.47
C LEU A 61 -9.54 -13.00 -60.61
N GLY A 62 -9.13 -13.51 -61.78
CA GLY A 62 -7.73 -13.82 -62.05
C GLY A 62 -7.45 -15.22 -61.53
N PRO A 63 -6.18 -15.65 -61.61
CA PRO A 63 -5.77 -16.84 -60.88
C PRO A 63 -5.67 -16.59 -59.37
N ILE A 64 -5.57 -17.66 -58.60
CA ILE A 64 -5.33 -17.63 -57.14
C ILE A 64 -4.00 -16.99 -56.88
N VAL A 65 -3.01 -17.28 -57.72
CA VAL A 65 -1.64 -16.79 -57.50
C VAL A 65 -1.14 -16.06 -58.73
N PRO A 66 -1.04 -14.71 -58.64
CA PRO A 66 -0.75 -14.09 -59.93
C PRO A 66 0.58 -14.61 -60.50
N GLY A 67 0.69 -14.68 -61.80
CA GLY A 67 1.86 -15.25 -62.47
C GLY A 67 1.83 -16.74 -62.86
N THR A 68 0.70 -17.43 -62.70
CA THR A 68 0.61 -18.87 -63.04
C THR A 68 0.44 -19.06 -64.55
N VAL A 69 1.04 -20.12 -65.07
CA VAL A 69 0.91 -20.45 -66.44
C VAL A 69 0.29 -21.80 -66.71
N VAL A 70 -0.89 -21.78 -67.30
CA VAL A 70 -1.61 -23.01 -67.57
C VAL A 70 -1.61 -23.34 -69.07
N PRO A 71 -0.79 -24.33 -69.45
CA PRO A 71 -0.85 -24.83 -70.83
C PRO A 71 -2.27 -24.99 -71.43
N ASN A 72 -2.50 -24.38 -72.59
CA ASN A 72 -3.78 -24.39 -73.24
C ASN A 72 -4.95 -24.06 -72.41
N GLY A 73 -4.80 -23.05 -71.58
CA GLY A 73 -5.76 -22.78 -70.52
C GLY A 73 -6.92 -21.92 -71.00
N ALA A 74 -8.05 -22.05 -70.31
CA ALA A 74 -9.32 -21.44 -70.72
C ALA A 74 -9.38 -19.93 -70.51
N ARG A 75 -9.82 -19.19 -71.55
CA ARG A 75 -9.71 -17.71 -71.58
C ARG A 75 -10.88 -17.03 -70.88
N VAL A 76 -10.61 -15.88 -70.27
CA VAL A 76 -11.65 -15.04 -69.67
C VAL A 76 -11.88 -13.78 -70.52
N PRO A 77 -13.08 -13.65 -71.09
CA PRO A 77 -13.34 -12.53 -72.02
C PRO A 77 -13.11 -11.17 -71.35
N GLY A 78 -12.43 -10.26 -72.06
CA GLY A 78 -12.27 -8.88 -71.60
C GLY A 78 -10.94 -8.75 -70.91
N THR A 79 -10.18 -9.83 -70.93
CA THR A 79 -8.86 -9.86 -70.35
C THR A 79 -7.81 -10.46 -71.29
N GLN A 80 -6.58 -10.59 -70.78
CA GLN A 80 -5.63 -11.56 -71.38
C GLN A 80 -5.33 -12.79 -70.53
N PHE A 81 -6.08 -12.99 -69.45
CA PHE A 81 -5.92 -14.17 -68.60
C PHE A 81 -6.21 -15.49 -69.33
N GLN A 82 -5.47 -16.54 -68.97
CA GLN A 82 -5.74 -17.91 -69.43
C GLN A 82 -5.55 -18.85 -68.27
N LEU A 83 -6.60 -19.50 -67.79
CA LEU A 83 -6.56 -20.21 -66.50
C LEU A 83 -6.89 -21.73 -66.62
N ASP A 84 -6.88 -22.45 -65.51
CA ASP A 84 -7.44 -23.79 -65.53
C ASP A 84 -9.00 -23.74 -65.58
N PRO A 85 -9.63 -24.74 -66.21
CA PRO A 85 -11.04 -24.67 -66.54
C PRO A 85 -11.92 -24.47 -65.32
N VAL A 86 -11.42 -24.85 -64.12
CA VAL A 86 -12.15 -24.58 -62.82
C VAL A 86 -12.19 -23.11 -62.49
N GLN A 87 -11.01 -22.48 -62.47
CA GLN A 87 -10.89 -21.06 -62.13
C GLN A 87 -11.45 -20.17 -63.21
N ALA A 88 -11.51 -20.70 -64.43
CA ALA A 88 -12.04 -19.93 -65.53
C ALA A 88 -13.56 -19.89 -65.44
N ALA A 89 -14.15 -21.00 -64.99
CA ALA A 89 -15.60 -21.10 -64.85
C ALA A 89 -16.13 -20.15 -63.79
N PHE A 90 -15.42 -20.05 -62.65
CA PHE A 90 -15.84 -19.08 -61.62
C PHE A 90 -15.71 -17.64 -62.07
N ASN A 91 -14.70 -17.34 -62.88
CA ASN A 91 -14.48 -16.00 -63.37
C ASN A 91 -15.67 -15.55 -64.23
N ILE A 92 -15.99 -16.41 -65.20
CA ILE A 92 -17.08 -16.13 -66.13
C ILE A 92 -18.43 -16.12 -65.40
N GLY A 93 -18.74 -17.20 -64.69
CA GLY A 93 -19.93 -17.22 -63.88
C GLY A 93 -20.09 -15.91 -63.11
N ALA A 94 -19.12 -15.52 -62.30
CA ALA A 94 -19.31 -14.40 -61.37
C ALA A 94 -19.57 -13.11 -62.16
N MET A 95 -18.88 -12.97 -63.27
CA MET A 95 -19.08 -11.78 -64.14
C MET A 95 -20.50 -11.69 -64.71
N ILE A 96 -21.02 -12.78 -65.30
CA ILE A 96 -22.30 -12.72 -65.99
C ILE A 96 -23.47 -12.53 -65.04
N ARG A 97 -23.33 -12.88 -63.76
CA ARG A 97 -24.47 -12.81 -62.84
C ARG A 97 -24.37 -11.60 -61.92
N TRP A 98 -23.26 -10.87 -62.01
CA TRP A 98 -22.89 -9.92 -60.96
C TRP A 98 -23.93 -8.83 -60.76
N LEU A 99 -24.41 -8.25 -61.86
CA LEU A 99 -25.28 -7.07 -61.78
C LEU A 99 -26.77 -7.41 -61.84
N ASP A 100 -27.10 -8.69 -61.83
CA ASP A 100 -28.52 -9.12 -61.84
C ASP A 100 -29.29 -8.66 -63.11
N PHE A 101 -28.65 -8.80 -64.25
CA PHE A 101 -29.20 -8.31 -65.52
C PHE A 101 -29.27 -9.43 -66.57
N ASN A 102 -28.95 -10.65 -66.16
CA ASN A 102 -28.96 -11.79 -67.08
C ASN A 102 -30.32 -12.51 -67.09
N ASP A 103 -30.48 -13.46 -68.01
CA ASP A 103 -31.80 -14.10 -68.22
C ASP A 103 -32.31 -14.79 -66.95
N THR A 104 -33.61 -15.12 -66.94
CA THR A 104 -34.31 -15.50 -65.70
C THR A 104 -35.43 -16.53 -65.93
N TRP A 105 -35.70 -17.33 -64.90
CA TRP A 105 -36.74 -18.35 -64.93
C TRP A 105 -37.44 -18.42 -63.58
N LEU A 106 -38.69 -17.97 -63.54
CA LEU A 106 -39.50 -17.96 -62.31
C LEU A 106 -40.49 -19.13 -62.26
N ALA A 107 -40.40 -19.94 -61.21
CA ALA A 107 -41.24 -21.10 -61.01
C ALA A 107 -41.50 -21.29 -59.50
N ALA A 108 -41.58 -22.54 -59.06
CA ALA A 108 -41.56 -22.83 -57.62
C ALA A 108 -40.23 -22.34 -57.05
N GLU A 109 -39.17 -22.46 -57.87
CA GLU A 109 -37.85 -21.95 -57.48
C GLU A 109 -37.40 -20.89 -58.49
N TRP A 110 -36.83 -19.80 -58.00
CA TRP A 110 -36.40 -18.67 -58.87
C TRP A 110 -34.89 -18.74 -59.15
N GLY A 111 -34.51 -18.68 -60.42
CA GLY A 111 -33.11 -18.87 -60.79
C GLY A 111 -32.73 -18.29 -62.14
N HIS A 112 -31.44 -18.39 -62.47
CA HIS A 112 -30.89 -17.83 -63.71
C HIS A 112 -30.06 -18.90 -64.44
N PRO A 113 -30.73 -19.71 -65.27
CA PRO A 113 -30.15 -20.76 -66.12
C PRO A 113 -28.92 -20.36 -66.98
N SER A 114 -28.80 -19.10 -67.36
CA SER A 114 -27.59 -18.69 -68.05
C SER A 114 -26.32 -18.88 -67.17
N ASP A 115 -26.46 -18.92 -65.86
CA ASP A 115 -25.28 -19.08 -64.97
C ASP A 115 -24.43 -20.31 -65.33
N ASN A 116 -25.04 -21.26 -65.99
CA ASN A 116 -24.34 -22.48 -66.38
C ASN A 116 -23.33 -22.28 -67.54
N LEU A 117 -23.43 -21.16 -68.28
CA LEU A 117 -22.47 -20.78 -69.32
C LEU A 117 -21.01 -20.83 -68.86
N GLY A 118 -20.73 -20.24 -67.70
CA GLY A 118 -19.43 -20.36 -67.02
C GLY A 118 -18.82 -21.74 -67.10
N GLY A 119 -19.53 -22.74 -66.61
CA GLY A 119 -18.98 -24.08 -66.53
C GLY A 119 -18.82 -24.62 -67.94
N ILE A 120 -19.88 -24.52 -68.73
CA ILE A 120 -19.93 -25.12 -70.06
C ILE A 120 -18.95 -24.42 -70.96
N LEU A 121 -18.92 -23.09 -70.92
CA LEU A 121 -18.00 -22.38 -71.80
C LEU A 121 -16.49 -22.44 -71.45
N ALA A 122 -16.13 -22.28 -70.16
CA ALA A 122 -14.74 -22.36 -69.77
C ALA A 122 -14.23 -23.77 -70.18
N THR A 123 -15.06 -24.77 -69.93
CA THR A 123 -14.68 -26.19 -70.21
C THR A 123 -14.62 -26.53 -71.67
N ALA A 124 -15.33 -25.75 -72.48
CA ALA A 124 -15.43 -25.95 -73.92
C ALA A 124 -14.25 -25.31 -74.68
N ASP A 125 -13.77 -24.18 -74.16
CA ASP A 125 -12.59 -23.45 -74.70
C ASP A 125 -11.32 -24.18 -74.45
N TRP A 126 -11.17 -24.61 -73.20
CA TRP A 126 -10.14 -25.61 -72.83
C TRP A 126 -10.04 -26.94 -73.64
N LEU A 127 -11.12 -27.72 -73.74
CA LEU A 127 -11.08 -28.91 -74.63
C LEU A 127 -10.70 -28.56 -76.06
N SER A 128 -11.11 -27.36 -76.53
CA SER A 128 -10.80 -26.95 -77.93
C SER A 128 -9.31 -26.66 -78.13
N ARG A 129 -8.66 -26.05 -77.17
CA ARG A 129 -7.31 -25.55 -77.39
C ARG A 129 -6.07 -26.44 -77.66
N ASN A 130 -5.68 -27.30 -76.74
CA ASN A 130 -6.11 -28.66 -76.51
C ASN A 130 -6.22 -29.72 -77.62
N ALA A 131 -7.42 -29.87 -78.19
CA ALA A 131 -7.58 -30.68 -79.38
C ALA A 131 -6.67 -30.11 -80.44
N VAL A 132 -6.72 -28.78 -80.55
CA VAL A 132 -6.07 -28.10 -81.65
C VAL A 132 -4.57 -28.24 -81.47
N ALA A 133 -4.06 -28.22 -80.26
CA ALA A 133 -2.65 -28.53 -80.02
C ALA A 133 -2.22 -29.99 -80.41
N ALA A 134 -3.17 -30.92 -80.40
CA ALA A 134 -2.90 -32.34 -80.61
C ALA A 134 -3.24 -32.70 -82.06
N GLY A 135 -3.54 -31.67 -82.84
CA GLY A 135 -3.83 -31.84 -84.26
C GLY A 135 -5.14 -32.53 -84.50
N LYS A 136 -6.02 -32.47 -83.51
CA LYS A 136 -7.31 -33.10 -83.62
C LYS A 136 -8.34 -31.92 -83.92
N ALA A 137 -9.63 -32.22 -84.02
CA ALA A 137 -10.64 -31.23 -84.44
C ALA A 137 -11.36 -30.51 -83.28
N PRO A 138 -11.45 -29.14 -83.31
CA PRO A 138 -11.89 -28.58 -82.04
C PRO A 138 -13.38 -28.63 -81.91
N LEU A 139 -13.91 -28.02 -80.85
CA LEU A 139 -15.36 -27.91 -80.68
C LEU A 139 -15.88 -26.69 -81.36
N THR A 140 -17.18 -26.66 -81.55
CA THR A 140 -17.85 -25.69 -82.35
C THR A 140 -18.78 -24.85 -81.49
N MET A 141 -19.00 -23.57 -81.85
CA MET A 141 -19.96 -22.73 -81.08
C MET A 141 -21.43 -23.30 -81.03
N LYS A 142 -21.76 -24.24 -81.92
CA LYS A 142 -23.10 -24.88 -81.91
C LYS A 142 -23.23 -25.84 -80.73
N GLN A 143 -22.11 -26.49 -80.35
CA GLN A 143 -22.07 -27.45 -79.22
C GLN A 143 -22.33 -26.72 -77.92
N VAL A 144 -22.16 -25.40 -77.91
CA VAL A 144 -22.26 -24.63 -76.67
C VAL A 144 -23.69 -24.14 -76.47
N LEU A 145 -24.35 -23.70 -77.53
CA LEU A 145 -25.81 -23.45 -77.47
C LEU A 145 -26.54 -24.75 -77.02
N SER A 146 -26.08 -25.88 -77.55
CA SER A 146 -26.69 -27.15 -77.27
C SER A 146 -26.56 -27.58 -75.80
N GLY A 147 -25.39 -27.39 -75.20
CA GLY A 147 -25.21 -27.61 -73.77
C GLY A 147 -26.00 -26.62 -72.95
N MET A 148 -26.13 -25.39 -73.46
CA MET A 148 -26.85 -24.25 -72.77
C MET A 148 -28.35 -24.56 -72.74
N ILE A 149 -28.86 -25.06 -73.87
CA ILE A 149 -30.23 -25.54 -73.96
C ILE A 149 -30.47 -26.67 -72.93
N LYS A 150 -29.57 -27.65 -72.90
CA LYS A 150 -29.77 -28.82 -72.00
C LYS A 150 -29.63 -28.45 -70.52
N ALA A 151 -28.84 -27.43 -70.23
CA ALA A 151 -28.57 -27.00 -68.86
C ALA A 151 -29.67 -26.13 -68.33
N HIS A 152 -30.27 -25.33 -69.21
CA HIS A 152 -31.55 -24.64 -68.88
C HIS A 152 -32.66 -25.68 -68.56
N GLU A 153 -32.65 -26.78 -69.29
CA GLU A 153 -33.71 -27.74 -69.16
C GLU A 153 -33.68 -28.40 -67.81
N ILE A 154 -32.51 -28.93 -67.44
CA ILE A 154 -32.40 -29.69 -66.20
C ILE A 154 -32.61 -28.82 -64.96
N GLN A 155 -31.99 -27.65 -64.96
CA GLN A 155 -32.20 -26.72 -63.85
C GLN A 155 -33.69 -26.35 -63.81
N GLY A 156 -34.20 -25.87 -64.93
CA GLY A 156 -35.55 -25.27 -65.00
C GLY A 156 -36.71 -26.23 -64.74
N CYS A 157 -36.60 -27.48 -65.18
CA CYS A 157 -37.67 -28.42 -64.98
C CYS A 157 -37.78 -28.88 -63.51
N ILE A 158 -36.65 -29.12 -62.85
CA ILE A 158 -36.68 -29.47 -61.42
C ILE A 158 -37.22 -28.27 -60.63
N ALA A 159 -36.94 -27.07 -61.10
CA ALA A 159 -37.37 -25.84 -60.39
C ALA A 159 -38.90 -25.52 -60.53
N LEU A 160 -39.58 -26.23 -61.43
CA LEU A 160 -41.01 -26.00 -61.67
C LEU A 160 -41.88 -26.24 -60.42
N GLU A 161 -41.58 -27.29 -59.69
CA GLU A 161 -42.44 -27.71 -58.58
C GLU A 161 -41.72 -27.87 -57.27
N ASN A 162 -40.40 -27.88 -57.32
CA ASN A 162 -39.59 -28.15 -56.14
C ASN A 162 -38.94 -26.88 -55.67
N ALA A 163 -39.34 -26.43 -54.48
CA ALA A 163 -38.86 -25.16 -53.94
C ALA A 163 -37.84 -25.42 -52.85
N PHE A 164 -36.60 -25.02 -53.11
CA PHE A 164 -35.53 -25.28 -52.18
C PHE A 164 -35.40 -24.17 -51.13
N ASN A 165 -36.07 -23.05 -51.36
CA ASN A 165 -36.09 -21.94 -50.40
C ASN A 165 -36.94 -22.20 -49.14
N ARG A 166 -37.97 -23.03 -49.30
CA ARG A 166 -38.82 -23.43 -48.16
C ARG A 166 -38.10 -24.45 -47.28
N VAL A 167 -36.89 -24.85 -47.67
CA VAL A 167 -36.04 -25.75 -46.88
C VAL A 167 -34.75 -25.07 -46.39
N GLY A 168 -34.54 -23.82 -46.81
CA GLY A 168 -33.45 -22.99 -46.29
C GLY A 168 -32.25 -22.88 -47.23
N LEU A 169 -32.31 -23.54 -48.38
CA LEU A 169 -31.14 -23.69 -49.27
C LEU A 169 -31.23 -22.75 -50.47
N ASP A 170 -30.07 -22.41 -51.02
CA ASP A 170 -29.99 -21.52 -52.18
C ASP A 170 -30.25 -22.31 -53.47
N HIS A 171 -30.81 -21.62 -54.46
CA HIS A 171 -31.23 -22.25 -55.71
C HIS A 171 -30.03 -22.73 -56.55
N VAL A 172 -28.84 -22.18 -56.26
CA VAL A 172 -27.63 -22.45 -57.05
C VAL A 172 -27.26 -23.94 -57.04
N LEU A 173 -27.83 -24.65 -56.07
CA LEU A 173 -27.90 -26.10 -56.06
C LEU A 173 -28.21 -26.71 -57.43
N LEU A 174 -29.15 -26.11 -58.15
CA LEU A 174 -29.54 -26.70 -59.45
C LEU A 174 -28.57 -26.33 -60.55
N VAL A 175 -27.70 -25.38 -60.26
CA VAL A 175 -26.62 -25.00 -61.19
C VAL A 175 -25.51 -26.04 -61.04
N LYS A 176 -25.18 -26.38 -59.78
CA LYS A 176 -24.21 -27.46 -59.45
C LYS A 176 -24.55 -28.69 -60.25
N VAL A 177 -25.83 -29.04 -60.23
CA VAL A 177 -26.28 -30.28 -60.78
C VAL A 177 -26.27 -30.23 -62.31
N ALA A 178 -26.74 -29.13 -62.86
CA ALA A 178 -26.96 -29.05 -64.30
C ALA A 178 -25.64 -28.99 -65.04
N SER A 179 -24.75 -28.13 -64.54
CA SER A 179 -23.41 -28.02 -65.07
C SER A 179 -22.58 -29.34 -65.00
N THR A 180 -22.56 -30.03 -63.85
CA THR A 180 -21.89 -31.30 -63.65
C THR A 180 -22.29 -32.28 -64.73
N ALA A 181 -23.55 -32.23 -65.11
CA ALA A 181 -24.08 -33.18 -66.00
C ALA A 181 -23.72 -32.97 -67.41
N VAL A 182 -23.85 -31.73 -67.88
CA VAL A 182 -23.54 -31.40 -69.28
C VAL A 182 -22.01 -31.37 -69.50
N VAL A 183 -21.29 -30.87 -68.53
CA VAL A 183 -19.84 -30.86 -68.61
C VAL A 183 -19.21 -32.24 -68.66
N ALA A 184 -19.62 -33.09 -67.72
CA ALA A 184 -19.16 -34.47 -67.73
C ALA A 184 -19.35 -35.10 -69.11
N GLU A 185 -20.45 -34.75 -69.78
CA GLU A 185 -20.77 -35.34 -71.09
C GLU A 185 -19.81 -34.77 -72.13
N MET A 186 -19.75 -33.44 -72.13
CA MET A 186 -18.81 -32.71 -72.94
C MET A 186 -17.36 -33.22 -72.79
N LEU A 187 -16.88 -33.49 -71.56
CA LEU A 187 -15.55 -34.10 -71.40
C LEU A 187 -15.46 -35.51 -72.00
N GLY A 188 -16.58 -36.07 -72.42
CA GLY A 188 -16.59 -37.39 -73.08
C GLY A 188 -16.57 -38.63 -72.18
N LEU A 189 -17.26 -38.57 -71.04
CA LEU A 189 -17.27 -39.70 -70.09
C LEU A 189 -18.41 -40.67 -70.43
N THR A 190 -18.32 -41.84 -69.80
CA THR A 190 -19.27 -42.93 -70.06
C THR A 190 -20.49 -42.77 -69.24
N ARG A 191 -21.51 -43.54 -69.61
CA ARG A 191 -22.74 -43.54 -68.88
C ARG A 191 -22.35 -43.61 -67.41
N ASP A 192 -21.66 -44.68 -67.06
CA ASP A 192 -21.39 -44.98 -65.64
C ASP A 192 -20.70 -43.77 -64.96
N GLU A 193 -19.82 -43.11 -65.69
CA GLU A 193 -19.02 -42.02 -65.12
C GLU A 193 -19.83 -40.75 -64.90
N ILE A 194 -20.78 -40.46 -65.82
CA ILE A 194 -21.69 -39.30 -65.61
C ILE A 194 -22.57 -39.62 -64.46
N LEU A 195 -23.08 -40.87 -64.42
CA LEU A 195 -23.92 -41.30 -63.31
C LEU A 195 -23.18 -41.06 -61.98
N ASN A 196 -21.89 -41.38 -61.93
CA ASN A 196 -21.10 -41.15 -60.71
C ASN A 196 -20.91 -39.67 -60.37
N ALA A 197 -20.65 -38.87 -61.40
CA ALA A 197 -20.44 -37.43 -61.25
C ALA A 197 -21.66 -36.74 -60.67
N VAL A 198 -22.81 -36.99 -61.26
CA VAL A 198 -24.05 -36.36 -60.83
C VAL A 198 -24.38 -36.74 -59.38
N SER A 199 -24.21 -38.02 -59.07
CA SER A 199 -24.49 -38.49 -57.73
C SER A 199 -23.56 -37.75 -56.78
N LEU A 200 -22.32 -37.48 -57.23
CA LEU A 200 -21.36 -36.75 -56.37
C LEU A 200 -21.86 -35.30 -56.07
N ALA A 201 -22.49 -34.66 -57.06
CA ALA A 201 -23.14 -33.33 -56.88
C ALA A 201 -24.19 -33.31 -55.75
N TRP A 202 -25.05 -34.33 -55.73
CA TRP A 202 -26.15 -34.40 -54.72
C TRP A 202 -25.68 -34.59 -53.27
N VAL A 203 -24.60 -35.35 -53.07
CA VAL A 203 -24.07 -35.60 -51.73
C VAL A 203 -23.20 -34.45 -51.24
N ASP A 204 -22.81 -33.57 -52.16
CA ASP A 204 -22.02 -32.39 -51.85
C ASP A 204 -22.76 -31.59 -50.79
N GLY A 205 -22.23 -30.43 -50.43
CA GLY A 205 -22.92 -29.58 -49.45
C GLY A 205 -23.62 -28.48 -50.21
N GLN A 206 -24.70 -27.95 -49.67
CA GLN A 206 -25.45 -26.91 -50.35
C GLN A 206 -25.49 -25.59 -49.57
N SER A 207 -25.00 -24.52 -50.22
CA SER A 207 -25.04 -23.16 -49.67
C SER A 207 -26.42 -22.79 -49.11
N LEU A 208 -26.45 -22.15 -47.94
CA LEU A 208 -27.66 -21.49 -47.43
C LEU A 208 -28.01 -20.28 -48.31
N ARG A 209 -29.06 -19.55 -47.95
CA ARG A 209 -29.39 -18.30 -48.64
C ARG A 209 -29.40 -17.10 -47.70
N THR A 210 -28.74 -17.26 -46.55
CA THR A 210 -28.58 -16.18 -45.56
C THR A 210 -28.17 -14.84 -46.21
N TYR A 211 -27.24 -14.91 -47.15
CA TYR A 211 -26.69 -13.73 -47.83
C TYR A 211 -27.69 -12.98 -48.73
N ARG A 212 -28.89 -13.53 -48.89
CA ARG A 212 -29.86 -12.95 -49.80
C ARG A 212 -30.93 -12.18 -49.05
N HIS A 213 -30.91 -12.22 -47.72
CA HIS A 213 -32.04 -11.70 -46.96
C HIS A 213 -31.58 -10.70 -45.92
N ALA A 214 -32.41 -9.69 -45.69
CA ALA A 214 -32.19 -8.78 -44.54
C ALA A 214 -32.20 -9.60 -43.25
N PRO A 215 -31.24 -9.39 -42.35
CA PRO A 215 -30.29 -8.26 -42.35
C PRO A 215 -28.87 -8.63 -42.77
N ASN A 216 -28.73 -9.62 -43.63
CA ASN A 216 -27.41 -10.13 -44.02
C ASN A 216 -27.16 -10.02 -45.54
N THR A 217 -28.05 -9.33 -46.25
CA THR A 217 -27.92 -9.21 -47.70
C THR A 217 -26.51 -8.69 -48.09
N GLY A 218 -25.86 -9.39 -49.01
CA GLY A 218 -24.43 -9.18 -49.28
C GLY A 218 -24.00 -9.73 -50.63
N THR A 219 -22.73 -9.56 -50.97
CA THR A 219 -22.29 -9.68 -52.39
C THR A 219 -21.97 -11.13 -52.82
N ARG A 220 -22.22 -12.08 -51.92
CA ARG A 220 -22.23 -13.50 -52.26
C ARG A 220 -23.52 -13.85 -53.03
N LYS A 221 -24.47 -12.91 -53.01
CA LYS A 221 -25.64 -13.02 -53.86
C LYS A 221 -25.25 -12.97 -55.34
N SER A 222 -24.06 -12.38 -55.62
CA SER A 222 -23.58 -12.18 -56.99
C SER A 222 -22.70 -13.30 -57.52
N TRP A 223 -22.01 -13.95 -56.58
CA TRP A 223 -21.06 -14.98 -56.93
C TRP A 223 -21.36 -16.39 -56.55
N ALA A 224 -22.45 -16.60 -55.81
CA ALA A 224 -22.82 -17.95 -55.35
C ALA A 224 -22.99 -18.90 -56.54
N ALA A 225 -23.63 -18.43 -57.60
CA ALA A 225 -23.90 -19.27 -58.79
C ALA A 225 -22.58 -19.62 -59.50
N GLY A 226 -21.68 -18.65 -59.60
CA GLY A 226 -20.40 -18.87 -60.26
C GLY A 226 -19.48 -19.86 -59.53
N ASP A 227 -19.68 -19.93 -58.21
CA ASP A 227 -19.01 -20.92 -57.37
C ASP A 227 -19.58 -22.35 -57.61
N ALA A 228 -20.83 -22.41 -58.00
CA ALA A 228 -21.49 -23.71 -58.22
C ALA A 228 -21.03 -24.35 -59.54
N THR A 229 -21.06 -23.56 -60.61
CA THR A 229 -20.75 -24.03 -61.95
C THR A 229 -19.27 -24.43 -62.05
N SER A 230 -18.42 -23.68 -61.35
CA SER A 230 -17.02 -24.02 -61.11
C SER A 230 -16.88 -25.32 -60.30
N ARG A 231 -17.66 -25.45 -59.22
CA ARG A 231 -17.73 -26.72 -58.44
C ARG A 231 -18.13 -27.93 -59.30
N ALA A 232 -19.02 -27.68 -60.27
CA ALA A 232 -19.48 -28.69 -61.22
C ALA A 232 -18.32 -29.21 -62.05
N VAL A 233 -17.49 -28.30 -62.54
CA VAL A 233 -16.37 -28.66 -63.36
C VAL A 233 -15.33 -29.43 -62.52
N ARG A 234 -15.12 -29.00 -61.28
CA ARG A 234 -14.11 -29.68 -60.43
C ARG A 234 -14.54 -31.15 -60.22
N LEU A 235 -15.86 -31.37 -60.10
CA LEU A 235 -16.39 -32.67 -59.72
C LEU A 235 -16.49 -33.59 -60.93
N ALA A 236 -16.75 -33.02 -62.10
CA ALA A 236 -16.77 -33.82 -63.32
C ALA A 236 -15.34 -34.36 -63.57
N LEU A 237 -14.32 -33.51 -63.43
CA LEU A 237 -12.95 -33.93 -63.66
C LEU A 237 -12.49 -34.92 -62.57
N MET A 238 -13.17 -34.95 -61.42
CA MET A 238 -12.88 -36.04 -60.51
C MET A 238 -13.33 -37.37 -61.13
N ALA A 239 -14.60 -37.41 -61.53
CA ALA A 239 -15.22 -38.55 -62.18
C ALA A 239 -14.31 -39.08 -63.23
N LYS A 240 -13.66 -38.15 -63.94
CA LYS A 240 -12.78 -38.52 -65.03
C LYS A 240 -11.64 -39.45 -64.57
N THR A 241 -11.26 -39.34 -63.30
CA THR A 241 -10.21 -40.18 -62.77
C THR A 241 -10.68 -41.63 -62.56
N GLY A 242 -12.00 -41.84 -62.45
CA GLY A 242 -12.55 -43.15 -62.08
C GLY A 242 -13.21 -43.14 -60.70
N GLU A 243 -13.39 -41.93 -60.14
CA GLU A 243 -14.00 -41.76 -58.82
C GLU A 243 -15.43 -42.28 -58.75
N MET A 244 -15.69 -43.04 -57.69
CA MET A 244 -16.92 -43.80 -57.61
C MET A 244 -18.10 -42.92 -57.27
N GLY A 245 -19.29 -43.43 -57.58
CA GLY A 245 -20.51 -42.68 -57.28
C GLY A 245 -21.28 -43.25 -56.12
N TYR A 246 -22.39 -42.60 -55.78
CA TYR A 246 -23.16 -42.98 -54.62
C TYR A 246 -24.60 -43.16 -55.10
N PRO A 247 -25.00 -44.43 -55.36
CA PRO A 247 -26.23 -44.75 -56.14
C PRO A 247 -27.55 -44.26 -55.53
N SER A 248 -27.73 -44.46 -54.22
CA SER A 248 -28.95 -44.06 -53.54
C SER A 248 -28.74 -42.72 -52.80
N ALA A 249 -28.14 -41.76 -53.49
CA ALA A 249 -27.79 -40.45 -52.92
C ALA A 249 -28.99 -39.64 -52.50
N LEU A 250 -30.10 -39.76 -53.22
CA LEU A 250 -31.34 -39.05 -52.86
C LEU A 250 -32.21 -39.88 -51.89
N THR A 251 -32.45 -41.13 -52.25
CA THR A 251 -33.53 -41.92 -51.61
C THR A 251 -33.03 -42.76 -50.43
N ALA A 252 -31.76 -42.63 -50.06
CA ALA A 252 -31.20 -43.46 -48.99
C ALA A 252 -31.86 -43.12 -47.66
N LYS A 253 -32.22 -44.16 -46.90
CA LYS A 253 -32.90 -43.99 -45.61
C LYS A 253 -31.96 -43.37 -44.58
N THR A 254 -32.46 -42.36 -43.85
CA THR A 254 -31.69 -41.61 -42.83
C THR A 254 -30.61 -40.68 -43.43
N TRP A 255 -29.78 -41.23 -44.31
CA TRP A 255 -28.55 -40.57 -44.74
C TRP A 255 -28.70 -39.83 -46.08
N GLY A 256 -29.53 -40.36 -46.98
CA GLY A 256 -29.73 -39.74 -48.30
C GLY A 256 -30.22 -38.31 -48.22
N PHE A 257 -30.35 -37.67 -49.39
CA PHE A 257 -30.65 -36.24 -49.45
C PHE A 257 -32.08 -35.92 -49.02
N TYR A 258 -33.03 -36.75 -49.46
CA TYR A 258 -34.44 -36.51 -49.17
C TYR A 258 -34.66 -36.41 -47.66
N ASP A 259 -34.09 -37.36 -46.92
CA ASP A 259 -34.28 -37.37 -45.46
C ASP A 259 -33.60 -36.18 -44.77
N VAL A 260 -32.41 -35.80 -45.21
CA VAL A 260 -31.59 -34.83 -44.47
C VAL A 260 -31.98 -33.39 -44.82
N SER A 261 -32.33 -33.14 -46.08
CA SER A 261 -32.44 -31.77 -46.61
C SER A 261 -33.83 -31.42 -47.12
N PHE A 262 -34.66 -32.41 -47.40
CA PHE A 262 -35.97 -32.18 -48.03
C PHE A 262 -37.13 -32.75 -47.21
N LYS A 263 -36.89 -32.94 -45.91
CA LYS A 263 -37.94 -33.33 -44.95
C LYS A 263 -38.70 -34.62 -45.34
N GLY A 264 -37.97 -35.61 -45.87
CA GLY A 264 -38.58 -36.91 -46.20
C GLY A 264 -39.38 -36.94 -47.49
N GLU A 265 -39.66 -35.77 -48.04
CA GLU A 265 -40.44 -35.67 -49.29
C GLU A 265 -39.57 -35.99 -50.51
N THR A 266 -40.22 -36.35 -51.62
CA THR A 266 -39.53 -36.65 -52.90
C THR A 266 -39.54 -35.46 -53.86
N PHE A 267 -38.46 -35.30 -54.63
CA PHE A 267 -38.48 -34.35 -55.74
C PHE A 267 -39.51 -34.82 -56.78
N ARG A 268 -40.42 -33.92 -57.15
CA ARG A 268 -41.52 -34.28 -58.07
C ARG A 268 -41.41 -33.48 -59.36
N PHE A 269 -41.08 -34.16 -60.44
CA PHE A 269 -40.88 -33.48 -61.72
C PHE A 269 -42.09 -33.72 -62.62
N GLN A 270 -42.81 -32.64 -62.97
CA GLN A 270 -44.10 -32.73 -63.65
C GLN A 270 -44.00 -33.29 -65.09
N ARG A 271 -43.00 -32.83 -65.83
CA ARG A 271 -42.90 -33.15 -67.27
C ARG A 271 -41.51 -33.67 -67.61
N PRO A 272 -41.39 -34.40 -68.73
CA PRO A 272 -40.09 -34.92 -69.19
C PRO A 272 -39.18 -33.85 -69.83
N TYR A 273 -37.87 -34.05 -69.78
CA TYR A 273 -36.94 -33.04 -70.24
C TYR A 273 -37.01 -32.90 -71.78
N GLY A 274 -37.00 -31.65 -72.26
CA GLY A 274 -36.96 -31.39 -73.69
C GLY A 274 -36.34 -30.04 -74.02
N SER A 275 -37.07 -29.21 -74.76
CA SER A 275 -36.58 -27.88 -75.18
C SER A 275 -37.38 -26.76 -74.53
N TYR A 276 -38.03 -27.07 -73.41
CA TYR A 276 -39.13 -26.25 -72.90
C TYR A 276 -38.69 -24.96 -72.20
N VAL A 277 -37.58 -25.03 -71.46
CA VAL A 277 -37.11 -23.88 -70.69
C VAL A 277 -36.48 -22.78 -71.57
N MET A 278 -35.51 -23.13 -72.40
CA MET A 278 -34.89 -22.12 -73.30
C MET A 278 -35.91 -21.45 -74.21
N GLU A 279 -36.96 -22.17 -74.58
CA GLU A 279 -38.00 -21.60 -75.44
C GLU A 279 -38.76 -20.49 -74.71
N ASN A 280 -39.01 -20.69 -73.43
CA ASN A 280 -39.85 -19.79 -72.65
C ASN A 280 -39.11 -18.94 -71.62
N VAL A 281 -37.82 -18.73 -71.81
CA VAL A 281 -37.02 -18.01 -70.81
C VAL A 281 -37.32 -16.49 -70.86
N LEU A 282 -37.10 -15.80 -69.73
CA LEU A 282 -37.37 -14.35 -69.63
C LEU A 282 -36.08 -13.56 -69.74
N PHE A 283 -36.13 -12.43 -70.45
CA PHE A 283 -34.95 -11.59 -70.67
C PHE A 283 -35.11 -10.18 -70.07
N LYS A 284 -34.08 -9.75 -69.34
CA LYS A 284 -34.05 -8.38 -68.80
C LYS A 284 -33.44 -7.43 -69.84
N ILE A 285 -34.27 -7.02 -70.79
CA ILE A 285 -33.83 -6.20 -71.92
C ILE A 285 -34.43 -4.81 -71.88
N SER A 286 -34.77 -4.34 -70.67
CA SER A 286 -34.70 -2.92 -70.35
C SER A 286 -33.50 -2.68 -69.41
N PRO A 425 -44.79 -8.95 -71.17
CA PRO A 425 -43.78 -7.91 -71.46
C PRO A 425 -42.91 -8.14 -72.73
N ILE A 426 -42.04 -7.17 -73.01
CA ILE A 426 -41.06 -7.25 -74.13
C ILE A 426 -40.12 -8.44 -74.04
N GLY A 427 -39.61 -8.71 -72.84
CA GLY A 427 -38.67 -9.81 -72.62
C GLY A 427 -39.34 -11.17 -72.58
N HIS A 428 -40.64 -11.22 -72.85
CA HIS A 428 -41.41 -12.48 -72.90
C HIS A 428 -41.21 -13.22 -74.23
N ALA A 429 -41.60 -14.49 -74.25
CA ALA A 429 -41.46 -15.36 -75.41
C ALA A 429 -42.38 -14.99 -76.58
N ARG A 430 -43.53 -14.42 -76.27
CA ARG A 430 -44.52 -14.10 -77.31
C ARG A 430 -44.19 -12.77 -77.99
N ARG A 431 -43.40 -11.93 -77.31
CA ARG A 431 -43.14 -10.56 -77.79
C ARG A 431 -41.72 -10.40 -78.34
N ARG A 432 -41.17 -11.49 -78.84
CA ARG A 432 -39.77 -11.55 -79.25
C ARG A 432 -39.45 -10.66 -80.49
N ALA A 433 -40.46 -10.21 -81.19
CA ALA A 433 -40.25 -9.28 -82.31
C ALA A 433 -40.04 -7.87 -81.77
N ASP A 434 -40.61 -7.58 -80.62
CA ASP A 434 -40.30 -6.32 -79.95
C ASP A 434 -38.92 -6.42 -79.23
N GLY A 435 -38.71 -7.51 -78.51
CA GLY A 435 -37.57 -7.64 -77.60
C GLY A 435 -36.21 -7.93 -78.24
N ILE A 436 -36.20 -8.59 -79.39
CA ILE A 436 -34.92 -9.01 -79.99
C ILE A 436 -34.06 -7.82 -80.39
N PRO A 437 -34.68 -6.79 -81.01
CA PRO A 437 -33.97 -5.56 -81.35
C PRO A 437 -33.48 -4.80 -80.16
N LYS A 438 -34.19 -4.90 -79.04
CA LYS A 438 -33.77 -4.23 -77.82
C LYS A 438 -32.55 -4.96 -77.24
N LEU A 439 -32.53 -6.27 -77.40
CA LEU A 439 -31.42 -7.11 -76.95
C LEU A 439 -30.14 -6.78 -77.69
N ILE A 440 -30.23 -6.65 -79.02
CA ILE A 440 -29.03 -6.39 -79.85
C ILE A 440 -28.34 -5.07 -79.46
N GLU A 441 -29.12 -4.05 -79.08
CA GLU A 441 -28.55 -2.78 -78.67
C GLU A 441 -27.86 -2.92 -77.33
N LYS A 442 -28.49 -3.63 -76.41
CA LYS A 442 -27.91 -3.91 -75.09
C LYS A 442 -26.56 -4.60 -75.25
N PHE A 443 -26.52 -5.58 -76.13
CA PHE A 443 -25.29 -6.25 -76.48
C PHE A 443 -24.30 -5.26 -77.12
N LYS A 444 -24.82 -4.36 -77.96
CA LYS A 444 -24.01 -3.38 -78.68
C LYS A 444 -23.43 -2.35 -77.69
N ILE A 445 -24.25 -1.89 -76.77
CA ILE A 445 -23.78 -0.91 -75.79
C ILE A 445 -22.65 -1.48 -74.96
N ASN A 446 -22.78 -2.76 -74.60
CA ASN A 446 -21.82 -3.37 -73.68
C ASN A 446 -20.42 -3.71 -74.30
N LEU A 447 -20.44 -4.04 -75.58
CA LEU A 447 -19.20 -4.19 -76.31
C LEU A 447 -18.44 -2.85 -76.35
N ALA A 448 -19.17 -1.74 -76.43
CA ALA A 448 -18.55 -0.46 -76.60
C ALA A 448 -17.77 -0.13 -75.37
N ARG A 449 -18.11 -0.77 -74.24
CA ARG A 449 -17.58 -0.32 -72.94
C ARG A 449 -16.38 -1.12 -72.43
N GLN A 450 -15.93 -2.10 -73.18
CA GLN A 450 -14.62 -2.70 -72.93
C GLN A 450 -13.71 -2.75 -74.21
N PHE A 451 -14.33 -2.69 -75.40
CA PHE A 451 -13.61 -2.89 -76.69
C PHE A 451 -13.67 -1.68 -77.58
N PRO A 452 -12.58 -1.41 -78.32
CA PRO A 452 -12.63 -0.36 -79.30
C PRO A 452 -13.35 -0.72 -80.61
N THR A 453 -13.70 0.28 -81.43
CA THR A 453 -14.61 0.13 -82.59
C THR A 453 -14.27 -1.09 -83.46
N ARG A 454 -13.01 -1.20 -83.86
CA ARG A 454 -12.68 -2.27 -84.80
C ARG A 454 -13.00 -3.65 -84.24
N GLN A 455 -12.60 -3.83 -82.98
CA GLN A 455 -12.81 -5.09 -82.32
C GLN A 455 -14.27 -5.33 -82.09
N GLN A 456 -14.94 -4.30 -81.56
CA GLN A 456 -16.39 -4.35 -81.43
C GLN A 456 -17.01 -4.78 -82.76
N GLN A 457 -16.58 -4.14 -83.83
CA GLN A 457 -17.08 -4.47 -85.16
C GLN A 457 -16.86 -5.95 -85.47
N ARG A 458 -15.60 -6.42 -85.34
CA ARG A 458 -15.27 -7.76 -85.85
C ARG A 458 -15.90 -8.87 -85.00
N ILE A 459 -16.15 -8.59 -83.73
CA ILE A 459 -16.98 -9.45 -82.89
C ILE A 459 -18.42 -9.43 -83.41
N LEU A 460 -18.98 -8.23 -83.64
CA LEU A 460 -20.37 -8.10 -84.14
C LEU A 460 -20.59 -8.76 -85.53
N ASP A 461 -19.57 -8.80 -86.35
CA ASP A 461 -19.69 -9.42 -87.70
C ASP A 461 -19.97 -10.93 -87.65
N VAL A 462 -19.15 -11.67 -86.91
CA VAL A 462 -19.43 -13.09 -86.69
C VAL A 462 -20.73 -13.30 -85.91
N SER A 463 -20.98 -12.50 -84.87
CA SER A 463 -21.93 -12.90 -83.82
C SER A 463 -23.39 -12.75 -84.22
N LEU A 464 -23.72 -11.72 -84.99
CA LEU A 464 -25.13 -11.40 -85.27
C LEU A 464 -25.73 -12.30 -86.37
N ASP A 465 -24.94 -13.24 -86.89
CA ASP A 465 -25.43 -14.27 -87.84
C ASP A 465 -25.34 -15.68 -87.24
N ARG A 466 -26.48 -16.35 -87.12
CA ARG A 466 -26.57 -17.62 -86.37
C ARG A 466 -25.71 -18.75 -86.98
N ALA A 467 -25.90 -19.04 -88.26
CA ALA A 467 -24.82 -19.67 -89.04
C ALA A 467 -23.69 -18.65 -89.12
N ARG A 468 -22.47 -19.11 -89.35
CA ARG A 468 -21.27 -18.26 -89.19
C ARG A 468 -20.76 -18.34 -87.76
N LEU A 469 -21.61 -18.04 -86.78
CA LEU A 469 -21.28 -18.26 -85.37
C LEU A 469 -21.27 -19.74 -85.05
N GLU A 470 -22.38 -20.42 -85.37
CA GLU A 470 -22.54 -21.88 -85.13
C GLU A 470 -21.28 -22.61 -85.56
N GLN A 471 -20.80 -22.28 -86.78
CA GLN A 471 -19.73 -23.03 -87.48
C GLN A 471 -18.34 -22.71 -86.98
N MET A 472 -18.24 -21.67 -86.19
CA MET A 472 -16.94 -21.18 -85.73
C MET A 472 -16.40 -21.88 -84.50
N PRO A 473 -15.11 -22.18 -84.58
CA PRO A 473 -14.46 -23.01 -83.50
C PRO A 473 -14.29 -22.20 -82.20
N VAL A 474 -14.64 -22.76 -81.04
CA VAL A 474 -14.87 -21.93 -79.84
C VAL A 474 -13.60 -21.20 -79.38
N ASN A 475 -12.44 -21.84 -79.53
CA ASN A 475 -11.17 -21.17 -79.27
C ASN A 475 -11.02 -19.89 -80.11
N GLU A 476 -11.44 -19.94 -81.37
CA GLU A 476 -11.31 -18.81 -82.26
C GLU A 476 -12.26 -17.63 -81.90
N TYR A 477 -13.51 -17.94 -81.60
CA TYR A 477 -14.43 -16.91 -81.13
C TYR A 477 -13.91 -16.23 -79.87
N LEU A 478 -13.70 -17.00 -78.83
CA LEU A 478 -13.31 -16.40 -77.63
C LEU A 478 -11.97 -15.57 -77.79
N ASP A 479 -11.10 -15.92 -78.74
CA ASP A 479 -9.90 -15.06 -79.07
C ASP A 479 -10.33 -13.62 -79.48
N LEU A 480 -11.46 -13.53 -80.18
CA LEU A 480 -12.01 -12.24 -80.60
C LEU A 480 -12.21 -11.29 -79.38
N TYR A 481 -12.33 -11.86 -78.16
CA TYR A 481 -12.66 -11.11 -76.98
C TYR A 481 -11.44 -10.78 -76.12
N VAL A 482 -10.23 -10.90 -76.67
CA VAL A 482 -9.05 -10.52 -75.86
C VAL A 482 -8.64 -9.08 -76.08
N ASP B 11 2.71 16.69 10.93
CA ASP B 11 2.26 17.52 12.10
C ASP B 11 0.96 18.25 11.74
N PHE B 12 0.02 18.30 12.66
CA PHE B 12 -1.36 18.65 12.31
C PHE B 12 -1.58 20.14 12.09
N ASP B 13 -2.53 20.48 11.22
CA ASP B 13 -2.88 21.87 10.98
C ASP B 13 -3.25 22.52 12.28
N ARG B 14 -2.71 23.71 12.53
CA ARG B 14 -2.85 24.40 13.82
C ARG B 14 -4.30 24.75 14.16
N GLU B 15 -5.15 24.85 13.14
CA GLU B 15 -6.60 24.98 13.34
C GLU B 15 -7.19 23.79 14.13
N ILE B 16 -6.74 22.58 13.79
CA ILE B 16 -7.24 21.32 14.38
C ILE B 16 -6.72 21.13 15.80
N VAL B 17 -5.45 21.50 16.00
CA VAL B 17 -4.82 21.49 17.33
C VAL B 17 -5.49 22.39 18.36
N ASP B 18 -5.96 23.56 17.90
CA ASP B 18 -6.62 24.53 18.77
C ASP B 18 -8.01 24.09 19.23
N ILE B 19 -8.72 23.37 18.38
CA ILE B 19 -9.92 22.62 18.76
C ILE B 19 -9.57 21.51 19.78
N VAL B 20 -8.72 20.57 19.38
CA VAL B 20 -8.45 19.41 20.25
C VAL B 20 -8.10 19.85 21.70
N ASP B 21 -7.26 20.87 21.83
CA ASP B 21 -6.74 21.31 23.11
C ASP B 21 -7.80 22.02 23.97
N TYR B 22 -8.63 22.78 23.29
CA TYR B 22 -9.77 23.42 23.94
C TYR B 22 -10.69 22.36 24.57
N VAL B 23 -11.08 21.37 23.75
CA VAL B 23 -12.02 20.32 24.19
C VAL B 23 -11.41 19.43 25.27
N MET B 24 -10.10 19.25 25.24
CA MET B 24 -9.47 18.31 26.17
C MET B 24 -9.20 19.01 27.50
N ASN B 25 -8.70 20.26 27.45
CA ASN B 25 -8.05 20.85 28.61
C ASN B 25 -8.71 22.08 29.22
N TYR B 26 -9.62 22.72 28.49
CA TYR B 26 -10.23 23.97 28.98
C TYR B 26 -11.28 23.71 30.08
N GLU B 27 -11.20 24.50 31.15
CA GLU B 27 -12.15 24.43 32.26
C GLU B 27 -13.07 25.65 32.27
N ILE B 28 -14.35 25.41 31.94
CA ILE B 28 -15.41 26.42 32.04
C ILE B 28 -15.66 26.85 33.49
N THR B 29 -15.53 28.14 33.79
CA THR B 29 -15.75 28.63 35.18
C THR B 29 -16.86 29.65 35.29
N SER B 30 -17.66 29.76 34.23
CA SER B 30 -18.65 30.82 34.13
C SER B 30 -20.03 30.35 34.56
N LYS B 31 -20.44 30.75 35.77
CA LYS B 31 -21.80 30.44 36.25
C LYS B 31 -22.77 30.84 35.15
N VAL B 32 -22.51 32.00 34.52
CA VAL B 32 -23.46 32.52 33.52
C VAL B 32 -23.64 31.56 32.32
N ALA B 33 -22.55 30.90 31.96
CA ALA B 33 -22.56 29.95 30.86
C ALA B 33 -23.32 28.66 31.22
N TYR B 34 -23.21 28.22 32.47
CA TYR B 34 -23.79 26.95 32.85
C TYR B 34 -25.27 27.20 33.06
N ASP B 35 -25.60 28.30 33.71
CA ASP B 35 -27.03 28.66 33.94
C ASP B 35 -27.79 28.77 32.61
N THR B 36 -27.12 29.26 31.55
CA THR B 36 -27.74 29.40 30.22
C THR B 36 -27.77 28.06 29.49
N ALA B 37 -26.74 27.26 29.73
CA ALA B 37 -26.68 25.90 29.17
C ALA B 37 -27.87 25.12 29.68
N HIS B 38 -28.18 25.31 30.95
CA HIS B 38 -29.30 24.64 31.59
C HIS B 38 -30.64 24.91 30.86
N TYR B 39 -30.87 26.16 30.49
CA TYR B 39 -32.15 26.55 29.88
C TYR B 39 -32.18 26.16 28.41
N CYS B 40 -31.00 26.02 27.79
CA CYS B 40 -30.88 25.73 26.38
C CYS B 40 -31.17 24.26 26.15
N LEU B 41 -30.87 23.46 27.16
CA LEU B 41 -31.13 22.02 27.15
C LEU B 41 -32.61 21.77 27.13
N LEU B 42 -33.35 22.37 28.06
CA LEU B 42 -34.75 22.00 28.20
C LEU B 42 -35.64 22.75 27.21
N ASP B 43 -35.14 23.85 26.65
CA ASP B 43 -35.78 24.52 25.48
C ASP B 43 -35.77 23.62 24.25
N THR B 44 -34.57 23.14 23.96
CA THR B 44 -34.28 22.33 22.82
C THR B 44 -35.02 20.96 22.90
N LEU B 45 -35.15 20.44 24.11
CA LEU B 45 -35.75 19.13 24.24
C LEU B 45 -37.23 19.22 23.95
N GLY B 46 -37.83 20.32 24.42
CA GLY B 46 -39.27 20.55 24.22
C GLY B 46 -39.63 20.83 22.78
N CYS B 47 -38.72 21.47 22.07
CA CYS B 47 -38.83 21.65 20.61
C CYS B 47 -38.92 20.29 19.90
N GLY B 48 -38.07 19.34 20.32
CA GLY B 48 -38.10 17.99 19.81
C GLY B 48 -39.44 17.36 20.03
N LEU B 49 -39.97 17.51 21.25
CA LEU B 49 -41.22 16.83 21.68
C LEU B 49 -42.38 17.31 20.78
N GLU B 50 -42.32 18.60 20.39
CA GLU B 50 -43.33 19.23 19.55
C GLU B 50 -43.29 18.71 18.10
N ALA B 51 -42.10 18.41 17.58
CA ALA B 51 -41.93 17.81 16.26
C ALA B 51 -42.71 16.47 16.08
N LEU B 52 -42.79 15.70 17.15
CA LEU B 52 -43.43 14.36 17.11
C LEU B 52 -44.87 14.42 16.71
N GLU B 53 -45.44 15.61 16.74
CA GLU B 53 -46.80 15.88 16.28
C GLU B 53 -46.92 15.68 14.73
N TYR B 54 -45.78 15.61 14.07
CA TYR B 54 -45.74 15.87 12.64
C TYR B 54 -45.21 14.70 11.80
N PRO B 55 -46.10 14.02 11.05
CA PRO B 55 -45.78 12.78 10.34
C PRO B 55 -44.62 12.87 9.31
N ALA B 56 -44.25 14.07 8.90
CA ALA B 56 -43.06 14.27 8.04
C ALA B 56 -41.76 14.03 8.80
N CYS B 57 -41.74 14.45 10.07
CA CYS B 57 -40.69 14.08 10.93
C CYS B 57 -40.69 12.58 11.20
N LYS B 58 -41.77 12.07 11.80
CA LYS B 58 -41.83 10.70 12.34
C LYS B 58 -41.44 9.58 11.34
N LYS B 59 -41.86 9.71 10.08
CA LYS B 59 -41.44 8.82 9.01
C LYS B 59 -39.91 8.59 8.92
N LEU B 60 -39.12 9.55 9.41
CA LEU B 60 -37.66 9.49 9.31
C LEU B 60 -37.02 8.90 10.59
N LEU B 61 -37.81 8.58 11.60
CA LEU B 61 -37.32 8.10 12.90
C LEU B 61 -37.40 6.58 13.10
N GLY B 62 -37.03 6.17 14.31
CA GLY B 62 -36.95 4.74 14.64
C GLY B 62 -35.64 4.11 14.19
N PRO B 63 -35.50 2.79 14.35
CA PRO B 63 -34.39 2.10 13.72
C PRO B 63 -34.58 2.02 12.22
N ILE B 64 -33.54 1.58 11.51
CA ILE B 64 -33.61 1.27 10.06
C ILE B 64 -34.60 0.16 9.78
N VAL B 65 -34.62 -0.83 10.65
CA VAL B 65 -35.41 -2.06 10.46
C VAL B 65 -36.22 -2.30 11.70
N PRO B 66 -37.53 -2.09 11.64
CA PRO B 66 -38.24 -2.17 12.90
C PRO B 66 -38.03 -3.55 13.51
N GLY B 67 -37.92 -3.62 14.85
CA GLY B 67 -37.72 -4.87 15.54
C GLY B 67 -36.28 -5.20 15.92
N THR B 68 -35.36 -4.27 15.71
CA THR B 68 -33.92 -4.48 16.06
C THR B 68 -33.72 -4.31 17.56
N VAL B 69 -32.94 -5.18 18.23
CA VAL B 69 -32.68 -5.01 19.68
C VAL B 69 -31.26 -4.69 19.96
N VAL B 70 -31.00 -3.50 20.51
CA VAL B 70 -29.65 -3.03 20.82
C VAL B 70 -29.41 -2.97 22.36
N PRO B 71 -28.65 -3.96 22.86
CA PRO B 71 -28.24 -4.01 24.24
C PRO B 71 -27.76 -2.66 24.75
N ASN B 72 -28.36 -2.23 25.85
CA ASN B 72 -28.05 -0.96 26.46
C ASN B 72 -28.02 0.22 25.49
N GLY B 73 -28.97 0.23 24.57
CA GLY B 73 -28.97 1.23 23.52
C GLY B 73 -29.58 2.58 23.93
N ALA B 74 -29.22 3.61 23.18
CA ALA B 74 -29.58 4.99 23.52
C ALA B 74 -31.04 5.30 23.26
N ARG B 75 -31.70 5.95 24.23
CA ARG B 75 -33.14 6.24 24.15
C ARG B 75 -33.48 7.50 23.33
N VAL B 76 -34.63 7.46 22.66
CA VAL B 76 -35.21 8.64 22.01
C VAL B 76 -36.38 9.20 22.78
N PRO B 77 -36.22 10.40 23.33
CA PRO B 77 -37.33 10.94 24.19
C PRO B 77 -38.70 10.98 23.51
N GLY B 78 -39.75 10.59 24.23
CA GLY B 78 -41.11 10.61 23.72
C GLY B 78 -41.53 9.26 23.17
N THR B 79 -40.65 8.29 23.24
CA THR B 79 -40.88 6.98 22.64
C THR B 79 -40.48 5.91 23.63
N GLN B 80 -40.61 4.66 23.21
CA GLN B 80 -39.91 3.60 23.92
C GLN B 80 -38.71 3.03 23.17
N PHE B 81 -38.30 3.69 22.09
CA PHE B 81 -37.27 3.13 21.22
C PHE B 81 -35.93 3.20 21.92
N GLN B 82 -35.05 2.24 21.63
CA GLN B 82 -33.70 2.24 22.16
C GLN B 82 -32.79 1.78 21.06
N LEU B 83 -31.94 2.67 20.57
CA LEU B 83 -31.20 2.43 19.30
C LEU B 83 -29.68 2.51 19.48
N ASP B 84 -28.93 2.20 18.43
CA ASP B 84 -27.49 2.40 18.49
C ASP B 84 -27.18 3.91 18.48
N PRO B 85 -26.10 4.31 19.16
CA PRO B 85 -25.84 5.74 19.40
C PRO B 85 -25.79 6.61 18.13
N VAL B 86 -25.49 6.00 16.97
CA VAL B 86 -25.56 6.69 15.65
C VAL B 86 -26.95 7.02 15.19
N GLN B 87 -27.81 6.01 15.22
CA GLN B 87 -29.19 6.17 14.82
C GLN B 87 -29.98 6.95 15.84
N ALA B 88 -29.56 6.88 17.09
CA ALA B 88 -30.21 7.70 18.11
C ALA B 88 -29.91 9.20 17.89
N ALA B 89 -28.69 9.51 17.48
CA ALA B 89 -28.32 10.88 17.31
C ALA B 89 -29.17 11.53 16.22
N PHE B 90 -29.32 10.86 15.08
CA PHE B 90 -30.07 11.44 13.97
C PHE B 90 -31.54 11.62 14.29
N ASN B 91 -32.05 10.75 15.17
CA ASN B 91 -33.43 10.86 15.64
C ASN B 91 -33.62 12.17 16.44
N ILE B 92 -32.74 12.37 17.42
CA ILE B 92 -32.84 13.55 18.31
C ILE B 92 -32.52 14.80 17.51
N GLY B 93 -31.39 14.82 16.80
CA GLY B 93 -31.07 15.95 15.95
C GLY B 93 -32.28 16.37 15.14
N ALA B 94 -32.85 15.47 14.36
CA ALA B 94 -33.89 15.86 13.40
C ALA B 94 -35.12 16.44 14.12
N MET B 95 -35.46 15.84 15.25
CA MET B 95 -36.57 16.32 16.06
C MET B 95 -36.35 17.76 16.52
N ILE B 96 -35.20 18.03 17.13
CA ILE B 96 -35.01 19.33 17.79
C ILE B 96 -34.89 20.51 16.80
N ARG B 97 -34.52 20.24 15.54
CA ARG B 97 -34.34 21.31 14.55
C ARG B 97 -35.50 21.42 13.56
N TRP B 98 -36.46 20.47 13.66
CA TRP B 98 -37.44 20.26 12.59
C TRP B 98 -38.30 21.48 12.30
N LEU B 99 -38.81 22.12 13.37
CA LEU B 99 -39.76 23.23 13.22
C LEU B 99 -39.10 24.63 13.25
N ASP B 100 -37.77 24.69 13.30
CA ASP B 100 -37.05 25.96 13.24
C ASP B 100 -37.42 26.86 14.43
N PHE B 101 -37.48 26.26 15.62
CA PHE B 101 -37.87 26.98 16.83
C PHE B 101 -36.76 26.88 17.91
N ASN B 102 -35.61 26.31 17.57
CA ASN B 102 -34.52 26.11 18.54
C ASN B 102 -33.53 27.28 18.52
N ASP B 103 -32.59 27.30 19.47
CA ASP B 103 -31.70 28.45 19.67
C ASP B 103 -30.89 28.76 18.42
N THR B 104 -30.31 29.96 18.36
CA THR B 104 -29.73 30.49 17.12
C THR B 104 -28.48 31.37 17.36
N TRP B 105 -27.60 31.41 16.35
CA TRP B 105 -26.39 32.21 16.40
C TRP B 105 -26.13 32.82 15.02
N LEU B 106 -26.31 34.14 14.92
CA LEU B 106 -26.10 34.86 13.66
C LEU B 106 -24.78 35.61 13.63
N ALA B 107 -23.97 35.31 12.61
CA ALA B 107 -22.64 35.91 12.46
C ALA B 107 -22.33 36.06 10.96
N ALA B 108 -21.07 35.86 10.57
CA ALA B 108 -20.74 35.69 9.15
C ALA B 108 -21.48 34.47 8.61
N GLU B 109 -21.63 33.46 9.46
CA GLU B 109 -22.36 32.24 9.13
C GLU B 109 -23.53 32.06 10.10
N TRP B 110 -24.69 31.65 9.58
CA TRP B 110 -25.91 31.48 10.41
C TRP B 110 -26.18 30.03 10.73
N GLY B 111 -26.38 29.72 12.01
CA GLY B 111 -26.51 28.34 12.45
C GLY B 111 -27.19 28.18 13.79
N HIS B 112 -27.38 26.92 14.19
CA HIS B 112 -28.11 26.56 15.42
C HIS B 112 -27.31 25.57 16.28
N PRO B 113 -26.45 26.09 17.16
CA PRO B 113 -25.52 25.33 18.00
C PRO B 113 -26.16 24.26 18.87
N SER B 114 -27.45 24.40 19.17
CA SER B 114 -28.16 23.34 19.90
C SER B 114 -28.27 22.02 19.08
N ASP B 115 -28.15 22.09 17.76
CA ASP B 115 -28.16 20.87 16.93
C ASP B 115 -27.16 19.80 17.39
N ASN B 116 -26.10 20.23 18.07
CA ASN B 116 -25.06 19.31 18.50
C ASN B 116 -25.54 18.38 19.67
N LEU B 117 -26.65 18.74 20.32
CA LEU B 117 -27.18 17.95 21.42
C LEU B 117 -27.35 16.50 21.00
N GLY B 118 -27.97 16.31 19.82
CA GLY B 118 -28.23 14.97 19.21
C GLY B 118 -27.04 14.05 19.34
N GLY B 119 -25.90 14.51 18.88
CA GLY B 119 -24.70 13.72 18.95
C GLY B 119 -24.24 13.54 20.39
N ILE B 120 -24.08 14.63 21.11
CA ILE B 120 -23.61 14.59 22.47
C ILE B 120 -24.54 13.70 23.33
N LEU B 121 -25.85 13.86 23.19
CA LEU B 121 -26.78 13.32 24.20
C LEU B 121 -27.06 11.84 23.96
N ALA B 122 -27.31 11.47 22.71
CA ALA B 122 -27.51 10.07 22.36
C ALA B 122 -26.26 9.32 22.87
N THR B 123 -25.08 9.84 22.54
CA THR B 123 -23.82 9.16 22.77
C THR B 123 -23.42 9.20 24.30
N ALA B 124 -24.09 10.04 25.10
CA ALA B 124 -23.92 10.12 26.56
C ALA B 124 -24.82 9.14 27.32
N ASP B 125 -26.03 8.95 26.81
CA ASP B 125 -27.00 8.02 27.36
C ASP B 125 -26.44 6.62 27.23
N TRP B 126 -26.04 6.27 26.00
CA TRP B 126 -25.40 5.03 25.69
C TRP B 126 -24.15 4.70 26.50
N LEU B 127 -23.19 5.59 26.63
CA LEU B 127 -22.08 5.31 27.55
C LEU B 127 -22.57 5.09 29.00
N SER B 128 -23.67 5.73 29.42
CA SER B 128 -24.13 5.62 30.82
C SER B 128 -24.77 4.25 31.08
N ARG B 129 -25.48 3.73 30.13
CA ARG B 129 -26.21 2.48 30.37
C ARG B 129 -25.20 1.38 30.40
N ASN B 130 -24.12 1.57 29.63
CA ASN B 130 -23.05 0.55 29.49
C ASN B 130 -22.24 0.48 30.71
N ALA B 131 -21.98 1.65 31.30
CA ALA B 131 -21.27 1.72 32.55
C ALA B 131 -22.05 1.05 33.68
N VAL B 132 -23.35 1.33 33.72
CA VAL B 132 -24.16 0.95 34.81
C VAL B 132 -24.28 -0.59 34.77
N ALA B 133 -24.44 -1.17 33.58
CA ALA B 133 -24.44 -2.64 33.41
C ALA B 133 -23.11 -3.33 33.88
N ALA B 134 -22.01 -2.59 33.87
CA ALA B 134 -20.69 -3.14 34.17
C ALA B 134 -20.31 -2.77 35.60
N GLY B 135 -21.28 -2.23 36.34
CA GLY B 135 -21.07 -1.87 37.74
C GLY B 135 -20.16 -0.67 37.95
N LYS B 136 -20.09 0.18 36.94
CA LYS B 136 -19.11 1.27 36.89
C LYS B 136 -19.98 2.51 37.04
N ALA B 137 -19.37 3.67 37.02
CA ALA B 137 -20.07 4.90 37.40
C ALA B 137 -20.58 5.67 36.15
N PRO B 138 -21.87 6.07 36.11
CA PRO B 138 -22.32 6.61 34.84
C PRO B 138 -21.96 8.07 34.67
N LEU B 139 -22.40 8.67 33.57
CA LEU B 139 -22.22 10.10 33.33
C LEU B 139 -23.38 10.90 33.86
N THR B 140 -23.10 12.18 33.97
CA THR B 140 -23.91 13.07 34.77
C THR B 140 -24.47 14.07 33.85
N MET B 141 -25.66 14.59 34.14
CA MET B 141 -26.21 15.65 33.31
C MET B 141 -25.34 16.96 33.24
N LYS B 142 -24.41 17.17 34.21
CA LYS B 142 -23.50 18.35 34.19
C LYS B 142 -22.48 18.23 33.07
N GLN B 143 -22.05 16.99 32.75
CA GLN B 143 -21.15 16.72 31.64
C GLN B 143 -21.77 17.03 30.29
N VAL B 144 -23.09 17.11 30.24
CA VAL B 144 -23.78 17.34 28.97
C VAL B 144 -23.92 18.86 28.69
N LEU B 145 -24.28 19.63 29.69
CA LEU B 145 -24.18 21.07 29.56
C LEU B 145 -22.78 21.52 29.10
N SER B 146 -21.76 20.96 29.73
CA SER B 146 -20.39 21.35 29.47
C SER B 146 -19.95 21.01 28.03
N GLY B 147 -20.40 19.86 27.49
CA GLY B 147 -20.14 19.47 26.09
C GLY B 147 -20.93 20.38 25.18
N MET B 148 -22.10 20.80 25.65
CA MET B 148 -22.96 21.74 24.91
C MET B 148 -22.31 23.12 24.85
N ILE B 149 -21.80 23.59 25.98
CA ILE B 149 -21.09 24.85 26.03
C ILE B 149 -19.90 24.81 25.07
N LYS B 150 -19.12 23.71 25.09
CA LYS B 150 -17.92 23.61 24.25
C LYS B 150 -18.24 23.46 22.75
N ALA B 151 -19.38 22.85 22.45
CA ALA B 151 -19.82 22.63 21.07
C ALA B 151 -20.39 23.90 20.46
N HIS B 152 -21.07 24.71 21.28
CA HIS B 152 -21.49 26.06 20.88
C HIS B 152 -20.26 26.91 20.57
N GLU B 153 -19.20 26.72 21.34
CA GLU B 153 -18.03 27.54 21.20
C GLU B 153 -17.36 27.30 19.88
N ILE B 154 -17.12 26.05 19.55
CA ILE B 154 -16.33 25.71 18.36
C ILE B 154 -17.08 26.03 17.09
N GLN B 155 -18.35 25.66 17.04
CA GLN B 155 -19.17 26.01 15.88
C GLN B 155 -19.24 27.54 15.78
N GLY B 156 -19.62 28.20 16.87
CA GLY B 156 -19.90 29.64 16.86
C GLY B 156 -18.71 30.55 16.56
N CYS B 157 -17.53 30.20 17.07
CA CYS B 157 -16.36 31.06 16.90
C CYS B 157 -15.84 31.00 15.45
N ILE B 158 -15.83 29.82 14.84
CA ILE B 158 -15.44 29.70 13.44
C ILE B 158 -16.44 30.44 12.55
N ALA B 159 -17.70 30.45 12.97
CA ALA B 159 -18.77 31.10 12.20
C ALA B 159 -18.75 32.66 12.24
N LEU B 160 -17.95 33.24 13.15
CA LEU B 160 -17.90 34.70 13.35
C LEU B 160 -17.46 35.45 12.10
N GLU B 161 -16.47 34.90 11.42
CA GLU B 161 -15.85 35.61 10.30
C GLU B 161 -15.78 34.79 9.02
N ASN B 162 -16.06 33.51 9.12
CA ASN B 162 -15.91 32.62 8.00
C ASN B 162 -17.28 32.25 7.50
N ALA B 163 -17.59 32.67 6.27
CA ALA B 163 -18.92 32.42 5.70
C ALA B 163 -18.85 31.30 4.65
N PHE B 164 -19.50 30.19 4.95
CA PHE B 164 -19.46 29.04 4.08
C PHE B 164 -20.53 29.10 2.99
N ASN B 165 -21.49 30.01 3.13
CA ASN B 165 -22.56 30.21 2.14
C ASN B 165 -22.11 30.96 0.87
N ARG B 166 -21.08 31.79 1.00
CA ARG B 166 -20.47 32.47 -0.17
C ARG B 166 -19.61 31.51 -1.00
N VAL B 167 -19.44 30.28 -0.53
CA VAL B 167 -18.72 29.25 -1.28
C VAL B 167 -19.62 28.07 -1.68
N GLY B 168 -20.90 28.13 -1.30
CA GLY B 168 -21.92 27.22 -1.80
C GLY B 168 -22.31 26.12 -0.85
N LEU B 169 -21.69 26.09 0.34
CA LEU B 169 -21.84 24.95 1.27
C LEU B 169 -22.80 25.27 2.41
N ASP B 170 -23.40 24.22 2.97
CA ASP B 170 -24.31 24.37 4.10
C ASP B 170 -23.56 24.48 5.42
N HIS B 171 -24.13 25.24 6.34
CA HIS B 171 -23.47 25.58 7.59
C HIS B 171 -23.28 24.35 8.49
N VAL B 172 -24.07 23.30 8.23
CA VAL B 172 -24.08 22.06 9.07
C VAL B 172 -22.71 21.39 9.16
N LEU B 173 -21.86 21.75 8.22
CA LEU B 173 -20.43 21.49 8.27
C LEU B 173 -19.81 21.76 9.64
N LEU B 174 -20.18 22.87 10.27
CA LEU B 174 -19.60 23.24 11.58
C LEU B 174 -20.23 22.41 12.72
N VAL B 175 -21.33 21.73 12.43
CA VAL B 175 -21.94 20.81 13.38
C VAL B 175 -21.18 19.48 13.35
N LYS B 176 -20.92 18.99 12.13
CA LYS B 176 -20.08 17.80 11.92
C LYS B 176 -18.82 17.90 12.75
N VAL B 177 -18.18 19.05 12.67
CA VAL B 177 -16.89 19.26 13.25
C VAL B 177 -16.99 19.36 14.76
N ALA B 178 -17.97 20.11 15.26
CA ALA B 178 -17.99 20.40 16.68
C ALA B 178 -18.34 19.15 17.45
N SER B 179 -19.31 18.40 16.91
CA SER B 179 -19.80 17.15 17.53
C SER B 179 -18.76 16.05 17.56
N THR B 180 -17.98 15.97 16.50
CA THR B 180 -16.96 14.94 16.38
C THR B 180 -15.90 15.18 17.45
N ALA B 181 -15.69 16.46 17.75
CA ALA B 181 -14.63 16.87 18.64
C ALA B 181 -15.00 16.60 20.07
N VAL B 182 -16.21 16.99 20.46
CA VAL B 182 -16.64 16.82 21.85
C VAL B 182 -17.11 15.37 22.15
N VAL B 183 -17.75 14.70 21.17
CA VAL B 183 -18.10 13.26 21.32
C VAL B 183 -16.83 12.35 21.37
N ALA B 184 -15.82 12.57 20.53
CA ALA B 184 -14.55 11.79 20.61
C ALA B 184 -13.91 11.93 21.96
N GLU B 185 -14.06 13.10 22.56
CA GLU B 185 -13.51 13.27 23.86
C GLU B 185 -14.36 12.46 24.85
N MET B 186 -15.68 12.73 24.82
CA MET B 186 -16.70 12.04 25.64
C MET B 186 -16.42 10.54 25.65
N LEU B 187 -16.19 9.95 24.47
CA LEU B 187 -15.88 8.52 24.39
C LEU B 187 -14.56 8.20 25.02
N GLY B 188 -13.78 9.18 25.40
CA GLY B 188 -12.51 8.94 26.12
C GLY B 188 -11.29 8.59 25.26
N LEU B 189 -11.15 9.25 24.11
CA LEU B 189 -9.98 9.07 23.20
C LEU B 189 -8.70 9.94 23.56
N THR B 190 -7.59 9.45 23.02
CA THR B 190 -6.26 9.99 23.18
C THR B 190 -6.13 11.22 22.38
N ARG B 191 -5.16 12.04 22.72
CA ARG B 191 -4.98 13.32 21.99
C ARG B 191 -4.91 12.95 20.52
N ASP B 192 -3.97 12.06 20.23
CA ASP B 192 -3.76 11.60 18.88
C ASP B 192 -5.03 11.12 18.20
N GLU B 193 -5.89 10.44 18.94
CA GLU B 193 -7.12 9.88 18.35
C GLU B 193 -8.15 10.92 18.01
N ILE B 194 -8.25 11.92 18.88
CA ILE B 194 -9.18 13.02 18.69
C ILE B 194 -8.69 13.87 17.54
N LEU B 195 -7.37 14.05 17.46
CA LEU B 195 -6.74 14.75 16.30
C LEU B 195 -7.08 14.01 14.97
N ASN B 196 -7.03 12.67 15.00
CA ASN B 196 -7.41 11.90 13.83
C ASN B 196 -8.90 12.08 13.46
N ALA B 197 -9.76 12.07 14.48
CA ALA B 197 -11.21 12.07 14.29
C ALA B 197 -11.65 13.39 13.65
N VAL B 198 -11.19 14.49 14.24
CA VAL B 198 -11.48 15.78 13.72
C VAL B 198 -10.97 15.98 12.28
N SER B 199 -9.74 15.56 12.00
CA SER B 199 -9.20 15.64 10.65
C SER B 199 -10.12 14.86 9.70
N LEU B 200 -10.65 13.73 10.16
CA LEU B 200 -11.53 12.89 9.30
C LEU B 200 -12.85 13.62 8.96
N ALA B 201 -13.37 14.38 9.90
CA ALA B 201 -14.47 15.31 9.63
C ALA B 201 -14.21 16.25 8.42
N TRP B 202 -13.04 16.90 8.40
CA TRP B 202 -12.71 17.95 7.40
C TRP B 202 -12.58 17.38 5.98
N VAL B 203 -12.12 16.13 5.88
CA VAL B 203 -11.94 15.47 4.57
C VAL B 203 -13.17 14.82 3.99
N ASP B 204 -14.14 14.60 4.86
CA ASP B 204 -15.41 14.03 4.47
C ASP B 204 -16.01 14.89 3.35
N GLY B 205 -17.23 14.60 2.94
CA GLY B 205 -17.94 15.52 2.03
C GLY B 205 -18.83 16.53 2.73
N GLN B 206 -19.03 17.68 2.12
CA GLN B 206 -19.92 18.69 2.70
C GLN B 206 -21.18 19.01 1.84
N SER B 207 -22.34 18.80 2.45
CA SER B 207 -23.64 19.11 1.83
C SER B 207 -23.65 20.50 1.20
N LEU B 208 -24.22 20.60 -0.01
CA LEU B 208 -24.63 21.92 -0.56
C LEU B 208 -25.76 22.54 0.27
N ARG B 209 -26.25 23.71 -0.15
CA ARG B 209 -27.44 24.31 0.46
C ARG B 209 -28.59 24.51 -0.53
N THR B 210 -28.51 23.77 -1.65
CA THR B 210 -29.53 23.79 -2.69
C THR B 210 -30.93 23.69 -2.08
N TYR B 211 -31.09 22.80 -1.09
CA TYR B 211 -32.40 22.53 -0.48
C TYR B 211 -32.97 23.69 0.34
N ARG B 212 -32.20 24.77 0.47
CA ARG B 212 -32.59 25.88 1.31
C ARG B 212 -33.06 27.04 0.48
N HIS B 213 -32.94 26.95 -0.85
CA HIS B 213 -33.19 28.10 -1.71
C HIS B 213 -34.23 27.81 -2.80
N ALA B 214 -35.03 28.83 -3.14
CA ALA B 214 -35.92 28.73 -4.29
C ALA B 214 -35.08 28.47 -5.53
N PRO B 215 -35.48 27.53 -6.39
CA PRO B 215 -36.80 26.88 -6.40
C PRO B 215 -36.77 25.44 -5.88
N ASN B 216 -35.82 25.13 -4.98
CA ASN B 216 -35.63 23.76 -4.49
C ASN B 216 -35.86 23.62 -2.98
N THR B 217 -36.33 24.67 -2.34
CA THR B 217 -36.55 24.65 -0.90
C THR B 217 -37.34 23.41 -0.51
N GLY B 218 -36.84 22.67 0.49
CA GLY B 218 -37.37 21.32 0.82
C GLY B 218 -36.97 20.86 2.22
N THR B 219 -37.40 19.65 2.60
CA THR B 219 -37.48 19.26 4.02
C THR B 219 -36.16 18.65 4.54
N ARG B 220 -35.15 18.60 3.68
CA ARG B 220 -33.77 18.39 4.12
C ARG B 220 -33.20 19.63 4.84
N LYS B 221 -33.89 20.77 4.72
CA LYS B 221 -33.55 21.96 5.49
C LYS B 221 -33.77 21.68 6.98
N SER B 222 -34.61 20.69 7.27
CA SER B 222 -34.89 20.36 8.64
C SER B 222 -33.93 19.31 9.22
N TRP B 223 -33.54 18.34 8.38
CA TRP B 223 -32.78 17.20 8.89
C TRP B 223 -31.31 17.14 8.49
N ALA B 224 -30.84 18.12 7.72
CA ALA B 224 -29.44 18.19 7.36
C ALA B 224 -28.49 18.17 8.58
N ALA B 225 -28.84 19.02 9.58
CA ALA B 225 -28.02 19.19 10.82
C ALA B 225 -28.02 17.87 11.62
N GLY B 226 -29.17 17.20 11.71
CA GLY B 226 -29.25 15.94 12.44
C GLY B 226 -28.45 14.81 11.78
N ASP B 227 -28.30 14.89 10.47
CA ASP B 227 -27.43 13.96 9.70
C ASP B 227 -25.92 14.23 9.93
N ALA B 228 -25.60 15.48 10.25
CA ALA B 228 -24.22 15.88 10.56
C ALA B 228 -23.74 15.42 11.94
N THR B 229 -24.55 15.64 12.96
CA THR B 229 -24.20 15.27 14.33
C THR B 229 -24.11 13.75 14.53
N SER B 230 -24.99 13.03 13.81
CA SER B 230 -24.94 11.57 13.69
C SER B 230 -23.69 11.12 12.97
N ARG B 231 -23.36 11.81 11.89
CA ARG B 231 -22.11 11.55 11.15
C ARG B 231 -20.86 11.72 12.00
N ALA B 232 -20.95 12.68 12.96
CA ALA B 232 -19.92 12.97 13.95
C ALA B 232 -19.70 11.84 14.94
N VAL B 233 -20.78 11.17 15.33
CA VAL B 233 -20.67 9.97 16.15
C VAL B 233 -20.11 8.79 15.40
N ARG B 234 -20.53 8.63 14.15
CA ARG B 234 -20.03 7.49 13.37
C ARG B 234 -18.51 7.58 13.20
N LEU B 235 -18.02 8.80 13.01
CA LEU B 235 -16.63 9.05 12.71
C LEU B 235 -15.79 9.03 13.97
N ALA B 236 -16.39 9.43 15.10
CA ALA B 236 -15.68 9.35 16.38
C ALA B 236 -15.40 7.90 16.75
N LEU B 237 -16.40 7.03 16.56
CA LEU B 237 -16.27 5.61 16.89
C LEU B 237 -15.31 4.90 15.95
N MET B 238 -15.07 5.47 14.77
CA MET B 238 -14.07 4.87 13.83
C MET B 238 -12.66 5.11 14.39
N ALA B 239 -12.43 6.38 14.79
CA ALA B 239 -11.23 6.80 15.52
C ALA B 239 -10.98 5.92 16.73
N LYS B 240 -12.05 5.57 17.43
CA LYS B 240 -11.93 4.73 18.61
C LYS B 240 -11.24 3.42 18.29
N THR B 241 -11.40 2.94 17.05
CA THR B 241 -10.75 1.68 16.65
C THR B 241 -9.22 1.80 16.49
N GLY B 242 -8.74 3.01 16.20
CA GLY B 242 -7.35 3.22 15.77
C GLY B 242 -7.19 3.78 14.35
N GLU B 243 -8.28 4.18 13.73
CA GLU B 243 -8.28 4.61 12.31
C GLU B 243 -7.53 5.95 12.10
N MET B 244 -6.72 6.00 11.04
CA MET B 244 -5.72 7.04 10.94
C MET B 244 -6.29 8.37 10.51
N GLY B 245 -5.54 9.44 10.79
CA GLY B 245 -6.01 10.78 10.47
C GLY B 245 -5.21 11.39 9.35
N TYR B 246 -5.61 12.58 8.91
CA TYR B 246 -5.02 13.16 7.72
C TYR B 246 -4.53 14.56 8.11
N PRO B 247 -3.23 14.71 8.44
CA PRO B 247 -2.69 15.85 9.21
C PRO B 247 -2.86 17.22 8.53
N SER B 248 -2.54 17.27 7.23
CA SER B 248 -2.68 18.48 6.46
C SER B 248 -3.98 18.41 5.62
N ALA B 249 -5.08 18.08 6.33
CA ALA B 249 -6.44 18.09 5.76
C ALA B 249 -6.95 19.46 5.25
N LEU B 250 -6.59 20.55 5.93
CA LEU B 250 -6.99 21.90 5.48
C LEU B 250 -5.94 22.50 4.52
N THR B 251 -4.68 22.48 4.92
CA THR B 251 -3.65 23.30 4.25
C THR B 251 -2.93 22.57 3.11
N ALA B 252 -3.33 21.34 2.81
CA ALA B 252 -2.61 20.57 1.78
C ALA B 252 -2.75 21.26 0.44
N LYS B 253 -1.64 21.35 -0.29
CA LYS B 253 -1.61 21.98 -1.63
C LYS B 253 -2.44 21.16 -2.64
N THR B 254 -3.28 21.86 -3.40
CA THR B 254 -4.13 21.27 -4.45
C THR B 254 -5.30 20.41 -3.88
N TRP B 255 -4.98 19.50 -2.95
CA TRP B 255 -5.93 18.49 -2.48
C TRP B 255 -6.65 18.85 -1.16
N GLY B 256 -5.95 19.57 -0.26
CA GLY B 256 -6.55 19.96 1.02
C GLY B 256 -7.83 20.76 0.87
N PHE B 257 -8.45 21.08 2.01
CA PHE B 257 -9.79 21.70 2.01
C PHE B 257 -9.76 23.16 1.53
N TYR B 258 -8.77 23.91 1.97
CA TYR B 258 -8.67 25.33 1.61
C TYR B 258 -8.67 25.50 0.09
N ASP B 259 -7.86 24.70 -0.60
CA ASP B 259 -7.75 24.82 -2.06
C ASP B 259 -9.05 24.39 -2.78
N VAL B 260 -9.70 23.33 -2.31
CA VAL B 260 -10.80 22.72 -3.05
C VAL B 260 -12.14 23.41 -2.76
N SER B 261 -12.32 23.88 -1.53
CA SER B 261 -13.64 24.33 -1.06
C SER B 261 -13.67 25.78 -0.57
N PHE B 262 -12.51 26.36 -0.25
CA PHE B 262 -12.46 27.73 0.28
C PHE B 262 -11.61 28.70 -0.57
N LYS B 263 -11.45 28.38 -1.85
CA LYS B 263 -10.82 29.28 -2.82
C LYS B 263 -9.43 29.78 -2.37
N GLY B 264 -8.62 28.87 -1.80
CA GLY B 264 -7.21 29.17 -1.46
C GLY B 264 -7.02 29.99 -0.19
N GLU B 265 -8.13 30.54 0.32
CA GLU B 265 -8.09 31.36 1.53
C GLU B 265 -8.03 30.50 2.79
N THR B 266 -7.54 31.10 3.89
CA THR B 266 -7.45 30.45 5.21
C THR B 266 -8.64 30.81 6.12
N PHE B 267 -9.06 29.87 6.96
CA PHE B 267 -10.03 30.18 8.00
C PHE B 267 -9.39 31.18 8.95
N ARG B 268 -10.11 32.26 9.24
CA ARG B 268 -9.59 33.29 10.11
C ARG B 268 -10.47 33.46 11.36
N PHE B 269 -9.95 33.08 12.51
CA PHE B 269 -10.71 33.20 13.77
C PHE B 269 -10.22 34.43 14.52
N GLN B 270 -11.16 35.31 14.86
CA GLN B 270 -10.83 36.57 15.55
C GLN B 270 -10.34 36.36 16.99
N ARG B 271 -11.00 35.47 17.75
CA ARG B 271 -10.78 35.34 19.20
C ARG B 271 -10.59 33.89 19.65
N PRO B 272 -9.97 33.68 20.83
CA PRO B 272 -9.73 32.32 21.34
C PRO B 272 -10.97 31.68 21.97
N TYR B 273 -11.04 30.35 21.96
CA TYR B 273 -12.24 29.64 22.42
C TYR B 273 -12.42 29.80 23.94
N GLY B 274 -13.64 30.09 24.37
CA GLY B 274 -13.96 30.19 25.78
C GLY B 274 -15.42 29.88 26.07
N SER B 275 -16.10 30.82 26.74
CA SER B 275 -17.48 30.66 27.15
C SER B 275 -18.41 31.65 26.42
N TYR B 276 -17.95 32.14 25.27
CA TYR B 276 -18.49 33.35 24.67
C TYR B 276 -19.81 33.13 23.94
N VAL B 277 -19.95 32.00 23.26
CA VAL B 277 -21.15 31.75 22.44
C VAL B 277 -22.38 31.45 23.33
N MET B 278 -22.26 30.47 24.24
CA MET B 278 -23.42 30.08 25.08
C MET B 278 -23.90 31.24 25.94
N GLU B 279 -22.98 32.13 26.30
CA GLU B 279 -23.36 33.33 27.06
C GLU B 279 -24.27 34.28 26.23
N ASN B 280 -23.98 34.40 24.94
CA ASN B 280 -24.65 35.38 24.08
C ASN B 280 -25.58 34.78 23.01
N VAL B 281 -26.06 33.56 23.23
CA VAL B 281 -26.88 32.87 22.23
C VAL B 281 -28.30 33.46 22.20
N LEU B 282 -28.97 33.34 21.04
CA LEU B 282 -30.32 33.89 20.85
C LEU B 282 -31.38 32.81 20.98
N PHE B 283 -32.49 33.13 21.63
CA PHE B 283 -33.57 32.17 21.86
C PHE B 283 -34.86 32.57 21.17
N LYS B 284 -35.49 31.63 20.48
CA LYS B 284 -36.82 31.85 19.89
C LYS B 284 -37.93 31.53 20.91
N ILE B 285 -38.21 32.48 21.79
CA ILE B 285 -39.15 32.29 22.89
C ILE B 285 -40.39 33.20 22.75
N SER B 286 -40.68 33.63 21.53
CA SER B 286 -41.97 34.25 21.18
C SER B 286 -42.56 33.66 19.91
N VAL B 422 -39.55 46.28 16.90
CA VAL B 422 -38.36 46.17 17.75
C VAL B 422 -37.11 45.85 16.95
N GLU B 423 -36.07 45.46 17.67
CA GLU B 423 -34.68 45.39 17.17
C GLU B 423 -33.84 44.57 18.14
N TYR B 424 -33.76 45.03 19.40
CA TYR B 424 -32.95 44.41 20.48
C TYR B 424 -33.82 43.64 21.56
N PRO B 425 -33.89 42.29 21.47
CA PRO B 425 -35.12 41.52 21.80
C PRO B 425 -35.22 40.74 23.13
N ILE B 426 -36.39 40.14 23.37
CA ILE B 426 -36.64 39.29 24.57
C ILE B 426 -35.71 38.08 24.66
N GLY B 427 -35.47 37.44 23.52
CA GLY B 427 -34.59 36.28 23.46
C GLY B 427 -33.12 36.62 23.49
N HIS B 428 -32.80 37.90 23.69
CA HIS B 428 -31.43 38.39 23.80
C HIS B 428 -30.81 38.16 25.18
N ALA B 429 -29.49 38.30 25.27
CA ALA B 429 -28.73 38.06 26.51
C ALA B 429 -28.96 39.11 27.60
N ARG B 430 -29.26 40.34 27.19
CA ARG B 430 -29.47 41.43 28.16
C ARG B 430 -30.91 41.44 28.72
N ARG B 431 -31.84 40.80 28.01
CA ARG B 431 -33.25 40.83 28.38
C ARG B 431 -33.73 39.51 28.98
N ARG B 432 -32.79 38.79 29.60
CA ARG B 432 -33.05 37.44 30.07
C ARG B 432 -33.99 37.39 31.26
N ALA B 433 -34.26 38.53 31.89
CA ALA B 433 -35.21 38.55 32.99
C ALA B 433 -36.64 38.59 32.44
N ASP B 434 -36.79 39.16 31.24
CA ASP B 434 -38.05 39.04 30.53
C ASP B 434 -38.20 37.63 29.90
N GLY B 435 -37.15 37.16 29.22
CA GLY B 435 -37.21 35.95 28.39
C GLY B 435 -37.17 34.60 29.10
N ILE B 436 -36.55 34.52 30.28
CA ILE B 436 -36.40 33.23 30.97
C ILE B 436 -37.76 32.65 31.41
N PRO B 437 -38.65 33.49 31.99
CA PRO B 437 -40.03 33.07 32.30
C PRO B 437 -40.86 32.68 31.08
N LYS B 438 -40.57 33.28 29.92
CA LYS B 438 -41.28 32.94 28.71
C LYS B 438 -40.81 31.58 28.21
N LEU B 439 -39.53 31.31 28.42
CA LEU B 439 -38.93 30.04 28.05
C LEU B 439 -39.57 28.89 28.83
N ILE B 440 -39.72 29.08 30.13
CA ILE B 440 -40.24 28.00 31.00
C ILE B 440 -41.68 27.61 30.60
N GLU B 441 -42.49 28.58 30.15
CA GLU B 441 -43.85 28.31 29.68
C GLU B 441 -43.85 27.55 28.34
N LYS B 442 -42.97 27.95 27.43
CA LYS B 442 -42.77 27.20 26.18
C LYS B 442 -42.39 25.75 26.48
N PHE B 443 -41.45 25.55 27.43
CA PHE B 443 -41.04 24.22 27.88
C PHE B 443 -42.26 23.54 28.50
N LYS B 444 -43.10 24.32 29.21
CA LYS B 444 -44.30 23.78 29.91
C LYS B 444 -45.37 23.37 28.89
N ILE B 445 -45.49 24.15 27.85
CA ILE B 445 -46.57 23.95 26.90
C ILE B 445 -46.26 22.71 26.04
N ASN B 446 -44.96 22.50 25.81
CA ASN B 446 -44.51 21.35 24.99
C ASN B 446 -44.56 20.03 25.75
N LEU B 447 -44.25 20.05 27.05
CA LEU B 447 -44.36 18.80 27.81
C LEU B 447 -45.80 18.33 27.83
N ALA B 448 -46.73 19.28 27.81
CA ALA B 448 -48.15 18.96 27.88
C ALA B 448 -48.56 18.21 26.63
N ARG B 449 -47.78 18.38 25.57
CA ARG B 449 -48.21 17.91 24.24
C ARG B 449 -47.73 16.54 23.87
N GLN B 450 -46.90 15.93 24.72
CA GLN B 450 -46.59 14.49 24.60
C GLN B 450 -46.80 13.68 25.86
N PHE B 451 -46.78 14.37 27.00
CA PHE B 451 -46.82 13.70 28.29
C PHE B 451 -48.07 14.09 29.07
N PRO B 452 -48.62 13.16 29.83
CA PRO B 452 -49.66 13.49 30.74
C PRO B 452 -49.21 14.11 32.08
N THR B 453 -50.17 14.67 32.87
CA THR B 453 -49.86 15.55 34.04
C THR B 453 -48.76 14.97 34.95
N ARG B 454 -48.94 13.72 35.42
CA ARG B 454 -47.97 13.22 36.42
C ARG B 454 -46.54 13.27 35.85
N GLN B 455 -46.41 12.84 34.60
CA GLN B 455 -45.13 12.65 34.01
C GLN B 455 -44.56 13.99 33.71
N GLN B 456 -45.38 14.86 33.11
CA GLN B 456 -45.01 16.22 32.96
C GLN B 456 -44.49 16.79 34.31
N GLN B 457 -45.25 16.55 35.38
CA GLN B 457 -44.88 17.01 36.72
C GLN B 457 -43.49 16.46 37.06
N ARG B 458 -43.33 15.14 37.03
CA ARG B 458 -42.12 14.53 37.60
C ARG B 458 -40.85 14.86 36.78
N ILE B 459 -41.01 15.09 35.50
CA ILE B 459 -39.96 15.69 34.68
C ILE B 459 -39.70 17.08 35.19
N LEU B 460 -40.76 17.83 35.40
CA LEU B 460 -40.59 19.31 35.75
C LEU B 460 -39.94 19.49 37.11
N ASP B 461 -40.16 18.53 37.99
CA ASP B 461 -39.60 18.61 39.34
C ASP B 461 -38.05 18.57 39.35
N VAL B 462 -37.48 17.57 38.72
CA VAL B 462 -36.05 17.53 38.57
C VAL B 462 -35.53 18.72 37.75
N SER B 463 -36.22 19.08 36.67
CA SER B 463 -35.58 19.86 35.58
C SER B 463 -35.40 21.34 35.93
N LEU B 464 -36.35 21.90 36.68
CA LEU B 464 -36.41 23.34 36.86
C LEU B 464 -35.41 23.82 37.94
N ASP B 465 -34.68 22.87 38.55
CA ASP B 465 -33.58 23.18 39.52
C ASP B 465 -32.23 22.74 39.00
N ARG B 466 -31.32 23.71 38.82
CA ARG B 466 -30.04 23.49 38.12
C ARG B 466 -29.19 22.43 38.84
N ALA B 467 -28.90 22.61 40.12
CA ALA B 467 -28.50 21.49 40.94
C ALA B 467 -29.74 20.60 41.04
N ARG B 468 -29.56 19.32 41.33
CA ARG B 468 -30.63 18.33 41.19
C ARG B 468 -30.61 17.74 39.79
N LEU B 469 -30.70 18.57 38.77
CA LEU B 469 -30.52 18.14 37.38
C LEU B 469 -29.06 17.82 37.09
N GLU B 470 -28.17 18.78 37.40
CA GLU B 470 -26.72 18.60 37.24
C GLU B 470 -26.26 17.25 37.74
N GLN B 471 -26.65 16.90 38.96
CA GLN B 471 -26.04 15.73 39.61
C GLN B 471 -26.80 14.42 39.31
N MET B 472 -27.81 14.49 38.45
CA MET B 472 -28.54 13.30 38.05
C MET B 472 -27.91 12.56 36.87
N PRO B 473 -27.78 11.25 37.01
CA PRO B 473 -27.23 10.38 36.00
C PRO B 473 -28.07 10.34 34.70
N VAL B 474 -27.41 10.48 33.54
CA VAL B 474 -28.15 10.81 32.30
C VAL B 474 -29.11 9.73 31.89
N ASN B 475 -28.74 8.48 32.09
CA ASN B 475 -29.68 7.36 31.90
C ASN B 475 -30.99 7.55 32.70
N GLU B 476 -30.88 8.05 33.93
CA GLU B 476 -32.04 8.18 34.81
C GLU B 476 -32.98 9.36 34.46
N TYR B 477 -32.41 10.48 34.05
CA TYR B 477 -33.19 11.53 33.50
C TYR B 477 -33.94 11.09 32.25
N LEU B 478 -33.22 10.58 31.25
CA LEU B 478 -33.88 10.25 29.99
C LEU B 478 -34.98 9.20 30.17
N ASP B 479 -34.84 8.32 31.19
CA ASP B 479 -35.93 7.35 31.55
C ASP B 479 -37.23 8.15 31.84
N LEU B 480 -37.10 9.33 32.45
CA LEU B 480 -38.27 10.18 32.79
C LEU B 480 -39.06 10.56 31.54
N TYR B 481 -38.42 10.53 30.37
CA TYR B 481 -39.06 10.93 29.12
C TYR B 481 -39.64 9.75 28.30
N VAL B 482 -39.75 8.57 28.88
CA VAL B 482 -40.39 7.46 28.12
C VAL B 482 -41.89 7.48 28.28
N ASP C 11 28.74 -14.80 33.50
CA ASP C 11 27.85 -14.26 32.43
C ASP C 11 27.16 -12.98 32.92
N PHE C 12 27.06 -11.97 32.07
CA PHE C 12 26.72 -10.63 32.53
C PHE C 12 25.24 -10.42 32.84
N ASP C 13 24.97 -9.53 33.79
CA ASP C 13 23.61 -9.18 34.14
C ASP C 13 22.88 -8.73 32.90
N ARG C 14 21.70 -9.27 32.68
CA ARG C 14 20.94 -9.03 31.44
C ARG C 14 20.59 -7.54 31.23
N GLU C 15 20.57 -6.77 32.30
CA GLU C 15 20.38 -5.32 32.21
C GLU C 15 21.52 -4.63 31.44
N ILE C 16 22.74 -5.11 31.67
CA ILE C 16 23.93 -4.58 31.02
C ILE C 16 24.04 -5.01 29.56
N VAL C 17 23.68 -6.27 29.28
CA VAL C 17 23.63 -6.80 27.90
C VAL C 17 22.66 -6.05 27.01
N ASP C 18 21.54 -5.61 27.56
CA ASP C 18 20.53 -4.94 26.77
C ASP C 18 20.97 -3.51 26.36
N ILE C 19 21.72 -2.86 27.24
CA ILE C 19 22.40 -1.64 26.88
C ILE C 19 23.46 -1.94 25.77
N VAL C 20 24.40 -2.84 26.09
CA VAL C 20 25.42 -3.28 25.15
C VAL C 20 24.72 -4.14 24.11
N ASP C 21 24.26 -3.53 23.07
CA ASP C 21 23.53 -4.32 22.07
C ASP C 21 22.68 -3.32 21.40
N TYR C 22 21.93 -2.57 22.22
CA TYR C 22 21.22 -1.40 21.77
C TYR C 22 22.23 -0.43 21.12
N VAL C 23 23.29 -0.12 21.88
CA VAL C 23 24.33 0.80 21.47
C VAL C 23 25.12 0.29 20.25
N MET C 24 25.26 -1.01 20.12
CA MET C 24 26.12 -1.55 19.10
C MET C 24 25.36 -1.76 17.81
N ASN C 25 24.13 -2.25 17.91
CA ASN C 25 23.44 -2.82 16.76
C ASN C 25 22.19 -2.09 16.30
N TYR C 26 21.62 -1.23 17.15
CA TYR C 26 20.33 -0.60 16.84
C TYR C 26 20.50 0.51 15.80
N GLU C 27 19.66 0.49 14.76
CA GLU C 27 19.66 1.55 13.72
C GLU C 27 18.43 2.48 13.88
N ILE C 28 18.71 3.73 14.26
CA ILE C 28 17.69 4.78 14.38
C ILE C 28 17.15 5.14 12.99
N THR C 29 15.85 5.03 12.78
CA THR C 29 15.28 5.34 11.46
C THR C 29 14.27 6.48 11.50
N SER C 30 14.25 7.23 12.60
CA SER C 30 13.19 8.21 12.85
C SER C 30 13.66 9.63 12.46
N LYS C 31 13.18 10.13 11.33
CA LYS C 31 13.46 11.51 10.94
C LYS C 31 13.19 12.44 12.13
N VAL C 32 12.08 12.17 12.82
CA VAL C 32 11.62 13.04 13.91
C VAL C 32 12.69 13.10 15.02
N ALA C 33 13.35 11.96 15.26
CA ALA C 33 14.39 11.87 16.28
C ALA C 33 15.68 12.61 15.90
N TYR C 34 16.02 12.59 14.61
CA TYR C 34 17.24 13.24 14.15
C TYR C 34 17.00 14.75 14.06
N ASP C 35 15.83 15.12 13.55
CA ASP C 35 15.45 16.56 13.43
C ASP C 35 15.46 17.23 14.82
N THR C 36 15.08 16.47 15.85
CA THR C 36 15.02 16.99 17.23
C THR C 36 16.39 16.93 17.91
N ALA C 37 17.16 15.89 17.59
CA ALA C 37 18.56 15.84 17.95
C ALA C 37 19.27 17.10 17.43
N HIS C 38 18.97 17.49 16.19
CA HIS C 38 19.66 18.65 15.59
C HIS C 38 19.48 19.97 16.40
N TYR C 39 18.26 20.17 16.92
CA TYR C 39 17.93 21.38 17.67
C TYR C 39 18.42 21.29 19.09
N CYS C 40 18.55 20.08 19.61
CA CYS C 40 19.00 19.86 20.97
C CYS C 40 20.50 20.11 21.11
N LEU C 41 21.19 19.89 20.02
CA LEU C 41 22.63 20.13 19.93
C LEU C 41 22.91 21.60 20.01
N LEU C 42 22.24 22.39 19.16
CA LEU C 42 22.63 23.80 19.12
C LEU C 42 21.97 24.61 20.24
N ASP C 43 20.89 24.09 20.83
CA ASP C 43 20.34 24.63 22.09
C ASP C 43 21.34 24.53 23.24
N THR C 44 21.85 23.31 23.42
CA THR C 44 22.79 22.98 24.50
C THR C 44 24.10 23.75 24.34
N LEU C 45 24.59 23.86 23.11
CA LEU C 45 25.84 24.54 22.88
C LEU C 45 25.73 26.01 23.30
N GLY C 46 24.61 26.63 23.00
CA GLY C 46 24.45 28.05 23.29
C GLY C 46 24.35 28.26 24.78
N CYS C 47 23.73 27.32 25.47
CA CYS C 47 23.61 27.41 26.93
C CYS C 47 25.00 27.46 27.52
N GLY C 48 25.88 26.61 27.00
CA GLY C 48 27.28 26.61 27.40
C GLY C 48 27.92 27.98 27.19
N LEU C 49 27.74 28.55 26.01
CA LEU C 49 28.40 29.82 25.66
C LEU C 49 27.97 30.92 26.66
N GLU C 50 26.73 30.85 27.10
CA GLU C 50 26.19 31.82 28.03
C GLU C 50 26.78 31.73 29.46
N ALA C 51 27.05 30.49 29.89
CA ALA C 51 27.67 30.22 31.20
C ALA C 51 29.01 30.97 31.35
N LEU C 52 29.68 31.19 30.24
CA LEU C 52 31.01 31.81 30.25
C LEU C 52 31.00 33.21 30.80
N GLU C 53 29.81 33.81 30.83
CA GLU C 53 29.60 35.14 31.46
C GLU C 53 29.91 35.12 32.97
N TYR C 54 29.98 33.93 33.54
CA TYR C 54 29.79 33.76 34.98
C TYR C 54 31.03 33.21 35.62
N PRO C 55 31.72 34.04 36.40
CA PRO C 55 33.02 33.69 36.98
C PRO C 55 33.00 32.42 37.86
N ALA C 56 31.82 31.99 38.29
CA ALA C 56 31.72 30.78 39.11
C ALA C 56 31.96 29.59 38.24
N CYS C 57 31.46 29.65 37.00
CA CYS C 57 31.73 28.59 36.06
C CYS C 57 33.20 28.62 35.70
N LYS C 58 33.68 29.76 35.20
CA LYS C 58 35.00 29.84 34.57
C LYS C 58 36.16 29.38 35.47
N LYS C 59 36.06 29.68 36.76
CA LYS C 59 37.05 29.25 37.76
C LYS C 59 37.27 27.72 37.81
N LEU C 60 36.29 26.97 37.30
CA LEU C 60 36.35 25.50 37.25
C LEU C 60 36.79 24.94 35.88
N LEU C 61 37.00 25.81 34.88
CA LEU C 61 37.48 25.37 33.54
C LEU C 61 39.00 25.42 33.24
N GLY C 62 39.40 25.12 32.00
CA GLY C 62 40.80 24.96 31.62
C GLY C 62 41.40 23.61 31.99
N PRO C 63 42.73 23.48 31.82
CA PRO C 63 43.42 22.31 32.31
C PRO C 63 43.68 22.42 33.80
N ILE C 64 44.09 21.31 34.40
CA ILE C 64 44.53 21.23 35.81
C ILE C 64 45.70 22.13 36.08
N VAL C 65 46.59 22.20 35.11
CA VAL C 65 47.87 22.88 35.27
C VAL C 65 48.02 23.82 34.10
N PRO C 66 47.83 25.12 34.32
CA PRO C 66 47.83 25.96 33.13
C PRO C 66 49.13 25.88 32.32
N GLY C 67 49.05 26.03 30.99
CA GLY C 67 50.24 25.80 30.20
C GLY C 67 50.52 24.38 29.67
N THR C 68 49.60 23.44 29.87
CA THR C 68 49.80 22.06 29.40
C THR C 68 49.53 22.02 27.88
N VAL C 69 50.36 21.34 27.11
CA VAL C 69 50.07 21.13 25.67
C VAL C 69 49.75 19.64 25.32
N VAL C 70 48.52 19.40 24.88
CA VAL C 70 48.07 18.05 24.51
C VAL C 70 47.94 17.91 22.99
N PRO C 71 48.87 17.20 22.35
CA PRO C 71 48.81 16.90 20.90
C PRO C 71 47.43 16.43 20.39
N ASN C 72 46.92 17.12 19.38
CA ASN C 72 45.58 16.86 18.85
C ASN C 72 44.47 16.79 19.89
N GLY C 73 44.52 17.70 20.87
CA GLY C 73 43.63 17.60 22.02
C GLY C 73 42.26 18.24 21.78
N ALA C 74 41.27 17.82 22.54
CA ALA C 74 39.86 18.21 22.31
C ALA C 74 39.57 19.65 22.69
N ARG C 75 38.85 20.37 21.83
CA ARG C 75 38.61 21.80 22.02
C ARG C 75 37.46 22.10 22.96
N VAL C 76 37.54 23.23 23.63
CA VAL C 76 36.40 23.80 24.40
C VAL C 76 35.78 25.06 23.72
N PRO C 77 34.50 25.00 23.31
CA PRO C 77 33.93 26.12 22.54
C PRO C 77 33.94 27.42 23.32
N GLY C 78 34.32 28.52 22.65
CA GLY C 78 34.31 29.85 23.26
C GLY C 78 35.69 30.23 23.76
N THR C 79 36.64 29.32 23.54
CA THR C 79 37.99 29.46 24.04
C THR C 79 39.00 29.03 22.93
N GLN C 80 40.27 29.14 23.23
CA GLN C 80 41.30 28.52 22.40
C GLN C 80 42.02 27.39 23.20
N PHE C 81 41.45 26.95 24.34
CA PHE C 81 41.95 25.79 25.05
C PHE C 81 41.85 24.52 24.16
N GLN C 82 42.78 23.60 24.34
CA GLN C 82 42.73 22.27 23.77
C GLN C 82 43.25 21.29 24.79
N LEU C 83 42.39 20.38 25.26
CA LEU C 83 42.72 19.54 26.40
C LEU C 83 42.59 18.03 26.14
N ASP C 84 42.92 17.21 27.13
CA ASP C 84 42.70 15.76 27.03
C ASP C 84 41.18 15.48 27.09
N PRO C 85 40.71 14.42 26.40
CA PRO C 85 39.26 14.19 26.18
C PRO C 85 38.47 14.01 27.46
N VAL C 86 39.15 13.57 28.53
CA VAL C 86 38.56 13.61 29.89
C VAL C 86 38.29 15.02 30.42
N GLN C 87 39.31 15.86 30.42
CA GLN C 87 39.16 17.16 30.92
C GLN C 87 38.35 18.07 30.03
N ALA C 88 38.26 17.75 28.78
CA ALA C 88 37.47 18.52 27.90
C ALA C 88 35.99 18.25 28.28
N ALA C 89 35.67 16.98 28.51
CA ALA C 89 34.32 16.57 28.74
C ALA C 89 33.73 17.30 29.93
N PHE C 90 34.52 17.44 31.01
CA PHE C 90 34.04 18.16 32.21
C PHE C 90 33.84 19.64 31.95
N ASN C 91 34.67 20.20 31.08
CA ASN C 91 34.55 21.62 30.71
C ASN C 91 33.23 21.92 29.97
N ILE C 92 32.96 21.08 28.96
CA ILE C 92 31.76 21.19 28.21
C ILE C 92 30.62 20.86 29.12
N GLY C 93 30.60 19.71 29.74
CA GLY C 93 29.49 19.33 30.61
C GLY C 93 29.12 20.47 31.56
N ALA C 94 30.08 20.98 32.31
CA ALA C 94 29.75 21.96 33.36
C ALA C 94 29.16 23.26 32.77
N MET C 95 29.69 23.69 31.65
CA MET C 95 29.15 24.83 30.92
C MET C 95 27.68 24.65 30.53
N ILE C 96 27.37 23.53 29.88
CA ILE C 96 26.05 23.38 29.29
C ILE C 96 24.96 23.22 30.37
N ARG C 97 25.32 22.84 31.59
CA ARG C 97 24.29 22.53 32.60
C ARG C 97 24.22 23.65 33.63
N TRP C 98 25.17 24.60 33.55
CA TRP C 98 25.47 25.49 34.66
C TRP C 98 24.25 26.33 35.11
N LEU C 99 23.57 26.94 34.15
CA LEU C 99 22.48 27.88 34.46
C LEU C 99 21.09 27.22 34.56
N ASP C 100 21.03 25.89 34.44
CA ASP C 100 19.75 25.18 34.51
C ASP C 100 18.79 25.65 33.40
N PHE C 101 19.33 25.73 32.18
CA PHE C 101 18.60 26.21 31.00
C PHE C 101 18.56 25.17 29.88
N ASN C 102 19.15 24.00 30.09
CA ASN C 102 19.25 22.99 29.03
C ASN C 102 18.08 22.00 29.06
N ASP C 103 17.97 21.12 28.06
CA ASP C 103 16.80 20.25 27.91
C ASP C 103 16.60 19.36 29.12
N THR C 104 15.39 18.78 29.24
CA THR C 104 14.96 18.09 30.47
C THR C 104 14.10 16.84 30.20
N TRP C 105 14.13 15.89 31.14
CA TRP C 105 13.27 14.70 31.10
C TRP C 105 12.76 14.34 32.49
N LEU C 106 11.46 14.53 32.71
CA LEU C 106 10.82 14.24 34.03
C LEU C 106 10.03 12.92 34.03
N ALA C 107 10.41 12.02 34.92
CA ALA C 107 9.78 10.70 35.02
C ALA C 107 9.71 10.27 36.49
N ALA C 108 9.92 8.99 36.75
CA ALA C 108 10.18 8.54 38.11
C ALA C 108 11.46 9.21 38.60
N GLU C 109 12.42 9.39 37.69
CA GLU C 109 13.68 10.12 38.00
C GLU C 109 13.85 11.36 37.11
N TRP C 110 14.33 12.48 37.69
CA TRP C 110 14.43 13.75 36.93
C TRP C 110 15.85 14.03 36.50
N GLY C 111 16.05 14.35 35.23
CA GLY C 111 17.40 14.55 34.70
C GLY C 111 17.48 15.37 33.43
N HIS C 112 18.71 15.57 32.96
CA HIS C 112 18.99 16.35 31.74
C HIS C 112 19.91 15.57 30.78
N PRO C 113 19.30 14.74 29.92
CA PRO C 113 19.96 13.92 28.91
C PRO C 113 21.00 14.63 27.98
N SER C 114 20.82 15.92 27.72
CA SER C 114 21.83 16.66 27.02
C SER C 114 23.23 16.67 27.74
N ASP C 115 23.27 16.48 29.06
CA ASP C 115 24.55 16.45 29.80
C ASP C 115 25.57 15.52 29.16
N ASN C 116 25.09 14.51 28.46
CA ASN C 116 25.95 13.48 27.89
C ASN C 116 26.75 14.00 26.69
N LEU C 117 26.37 15.17 26.17
CA LEU C 117 27.08 15.81 25.04
C LEU C 117 28.56 15.94 25.33
N GLY C 118 28.85 16.48 26.53
CA GLY C 118 30.21 16.64 27.04
C GLY C 118 31.10 15.41 26.73
N GLY C 119 30.67 14.19 27.11
CA GLY C 119 31.47 13.04 27.00
C GLY C 119 31.56 12.59 25.58
N ILE C 120 30.40 12.56 24.93
CA ILE C 120 30.31 12.25 23.52
C ILE C 120 31.06 13.24 22.62
N LEU C 121 30.88 14.54 22.83
CA LEU C 121 31.44 15.55 21.92
C LEU C 121 32.94 15.79 22.10
N ALA C 122 33.43 15.92 23.35
CA ALA C 122 34.86 16.07 23.61
C ALA C 122 35.57 14.88 22.98
N THR C 123 34.98 13.73 23.15
CA THR C 123 35.61 12.50 22.75
C THR C 123 35.51 12.21 21.24
N ALA C 124 34.57 12.88 20.58
CA ALA C 124 34.40 12.83 19.16
C ALA C 124 35.33 13.79 18.41
N ASP C 125 35.59 14.96 19.01
CA ASP C 125 36.53 15.97 18.46
C ASP C 125 37.95 15.38 18.45
N TRP C 126 38.35 14.86 19.61
CA TRP C 126 39.64 14.21 19.81
C TRP C 126 39.87 13.08 18.86
N LEU C 127 38.96 12.14 18.73
CA LEU C 127 39.15 11.09 17.74
C LEU C 127 39.28 11.65 16.31
N SER C 128 38.58 12.75 16.01
CA SER C 128 38.63 13.38 14.67
C SER C 128 39.95 14.06 14.36
N ARG C 129 40.52 14.74 15.33
CA ARG C 129 41.77 15.40 15.10
C ARG C 129 42.92 14.36 14.94
N ASN C 130 42.83 13.24 15.69
CA ASN C 130 43.82 12.20 15.64
C ASN C 130 43.79 11.51 14.30
N ALA C 131 42.58 11.32 13.77
CA ALA C 131 42.43 10.65 12.48
C ALA C 131 42.99 11.51 11.39
N VAL C 132 42.64 12.78 11.42
CA VAL C 132 43.01 13.64 10.31
C VAL C 132 44.56 13.63 10.33
N ALA C 133 45.20 13.83 11.49
CA ALA C 133 46.69 13.87 11.57
C ALA C 133 47.39 12.60 11.01
N ALA C 134 46.68 11.48 11.01
CA ALA C 134 47.20 10.20 10.56
C ALA C 134 46.74 9.89 9.13
N GLY C 135 46.13 10.89 8.50
CA GLY C 135 45.68 10.76 7.12
C GLY C 135 44.51 9.81 6.94
N LYS C 136 43.75 9.61 8.02
CA LYS C 136 42.60 8.74 8.02
C LYS C 136 41.32 9.63 7.96
N ALA C 137 40.14 9.03 7.86
CA ALA C 137 38.89 9.70 7.72
C ALA C 137 38.24 10.09 9.07
N PRO C 138 37.93 11.39 9.27
CA PRO C 138 37.44 11.78 10.61
C PRO C 138 36.01 11.37 10.84
N LEU C 139 35.45 11.77 11.99
CA LEU C 139 34.02 11.55 12.28
C LEU C 139 33.16 12.65 11.72
N THR C 140 31.85 12.35 11.61
CA THR C 140 30.83 13.24 10.98
C THR C 140 29.94 13.79 12.12
N MET C 141 29.45 15.01 11.98
CA MET C 141 28.55 15.57 13.00
C MET C 141 27.24 14.77 13.13
N LYS C 142 26.92 13.93 12.13
CA LYS C 142 25.75 13.02 12.19
C LYS C 142 25.94 11.91 13.22
N GLN C 143 27.19 11.45 13.42
CA GLN C 143 27.54 10.44 14.41
C GLN C 143 27.30 10.95 15.81
N VAL C 144 27.22 12.26 15.97
CA VAL C 144 27.11 12.84 17.29
C VAL C 144 25.62 12.99 17.69
N LEU C 145 24.77 13.42 16.78
CA LEU C 145 23.34 13.34 17.05
C LEU C 145 22.94 11.88 17.35
N SER C 146 23.53 10.94 16.62
CA SER C 146 23.21 9.56 16.74
C SER C 146 23.57 9.05 18.16
N GLY C 147 24.75 9.41 18.71
CA GLY C 147 25.18 9.03 20.09
C GLY C 147 24.31 9.75 21.12
N MET C 148 23.86 10.96 20.76
CA MET C 148 22.98 11.80 21.62
C MET C 148 21.60 11.16 21.75
N ILE C 149 21.06 10.72 20.62
CA ILE C 149 19.80 10.03 20.57
C ILE C 149 19.89 8.77 21.43
N LYS C 150 20.95 7.98 21.22
CA LYS C 150 21.15 6.75 22.02
C LYS C 150 21.39 6.97 23.54
N ALA C 151 22.04 8.08 23.90
CA ALA C 151 22.37 8.43 25.26
C ALA C 151 21.12 8.95 25.99
N HIS C 152 20.26 9.67 25.27
CA HIS C 152 18.96 10.11 25.83
C HIS C 152 18.14 8.86 26.12
N GLU C 153 18.25 7.87 25.25
CA GLU C 153 17.41 6.70 25.35
C GLU C 153 17.73 5.92 26.60
N ILE C 154 19.00 5.63 26.80
CA ILE C 154 19.38 4.81 27.90
C ILE C 154 19.19 5.48 29.25
N GLN C 155 19.61 6.72 29.36
CA GLN C 155 19.36 7.44 30.59
C GLN C 155 17.86 7.53 30.80
N GLY C 156 17.13 8.03 29.81
CA GLY C 156 15.68 8.31 29.97
C GLY C 156 14.78 7.09 30.25
N CYS C 157 15.07 5.96 29.61
CA CYS C 157 14.21 4.78 29.78
C CYS C 157 14.36 4.17 31.17
N ILE C 158 15.58 4.08 31.68
CA ILE C 158 15.80 3.58 33.02
C ILE C 158 15.16 4.51 34.04
N ALA C 159 15.12 5.79 33.72
CA ALA C 159 14.54 6.80 34.61
C ALA C 159 12.97 6.79 34.69
N LEU C 160 12.32 6.08 33.77
CA LEU C 160 10.84 6.04 33.69
C LEU C 160 10.19 5.47 34.94
N GLU C 161 10.79 4.42 35.48
CA GLU C 161 10.19 3.65 36.55
C GLU C 161 11.05 3.57 37.81
N ASN C 162 12.33 3.88 37.65
CA ASN C 162 13.30 3.65 38.69
C ASN C 162 13.75 4.96 39.27
N ALA C 163 13.41 5.19 40.53
CA ALA C 163 13.68 6.47 41.18
C ALA C 163 14.85 6.32 42.13
N PHE C 164 15.94 6.99 41.80
CA PHE C 164 17.11 6.91 42.60
C PHE C 164 17.10 7.90 43.77
N ASN C 165 16.16 8.86 43.75
CA ASN C 165 16.08 9.90 44.80
C ASN C 165 15.43 9.41 46.08
N ARG C 166 14.57 8.41 45.94
CA ARG C 166 13.98 7.74 47.11
C ARG C 166 14.98 6.81 47.83
N VAL C 167 16.17 6.65 47.28
CA VAL C 167 17.26 5.90 47.95
C VAL C 167 18.49 6.77 48.28
N GLY C 168 18.41 8.07 47.97
CA GLY C 168 19.36 9.06 48.46
C GLY C 168 20.36 9.52 47.43
N LEU C 169 20.30 8.96 46.22
CA LEU C 169 21.38 9.16 45.23
C LEU C 169 21.00 10.16 44.15
N ASP C 170 22.02 10.74 43.52
CA ASP C 170 21.82 11.79 42.49
C ASP C 170 21.63 11.11 41.16
N HIS C 171 20.87 11.76 40.29
CA HIS C 171 20.42 11.18 39.05
C HIS C 171 21.57 11.07 38.06
N VAL C 172 22.65 11.82 38.32
CA VAL C 172 23.82 11.88 37.42
C VAL C 172 24.48 10.52 37.21
N LEU C 173 24.16 9.60 38.11
CA LEU C 173 24.37 8.16 37.92
C LEU C 173 24.02 7.63 36.53
N LEU C 174 22.91 8.09 35.97
CA LEU C 174 22.44 7.59 34.72
C LEU C 174 23.19 8.26 33.57
N VAL C 175 23.88 9.35 33.87
CA VAL C 175 24.76 10.03 32.90
C VAL C 175 26.05 9.23 32.81
N LYS C 176 26.61 8.86 33.96
CA LYS C 176 27.79 8.01 34.05
C LYS C 176 27.59 6.81 33.14
N VAL C 177 26.44 6.20 33.26
CA VAL C 177 26.17 4.94 32.63
C VAL C 177 25.98 5.13 31.13
N ALA C 178 25.24 6.16 30.75
CA ALA C 178 24.85 6.32 29.36
C ALA C 178 26.04 6.72 28.51
N SER C 179 26.84 7.63 29.08
CA SER C 179 28.02 8.14 28.42
C SER C 179 29.06 7.05 28.25
N THR C 180 29.30 6.26 29.30
CA THR C 180 30.27 5.16 29.25
C THR C 180 29.90 4.12 28.18
N ALA C 181 28.62 3.98 27.92
CA ALA C 181 28.16 3.03 26.95
C ALA C 181 28.38 3.50 25.49
N VAL C 182 27.98 4.74 25.21
CA VAL C 182 28.02 5.26 23.83
C VAL C 182 29.45 5.73 23.46
N VAL C 183 30.17 6.29 24.42
CA VAL C 183 31.57 6.61 24.18
C VAL C 183 32.49 5.38 24.00
N ALA C 184 32.31 4.33 24.80
CA ALA C 184 33.04 3.07 24.56
C ALA C 184 32.79 2.53 23.13
N GLU C 185 31.58 2.72 22.62
CA GLU C 185 31.26 2.29 21.27
C GLU C 185 32.04 3.20 20.32
N MET C 186 31.87 4.51 20.52
CA MET C 186 32.55 5.56 19.74
C MET C 186 34.05 5.30 19.66
N LEU C 187 34.70 4.95 20.77
CA LEU C 187 36.15 4.64 20.73
C LEU C 187 36.43 3.29 20.10
N GLY C 188 35.40 2.61 19.59
CA GLY C 188 35.60 1.44 18.73
C GLY C 188 35.95 0.13 19.47
N LEU C 189 35.34 -0.12 20.62
CA LEU C 189 35.64 -1.34 21.41
C LEU C 189 34.78 -2.54 21.08
N THR C 190 35.22 -3.72 21.54
CA THR C 190 34.54 -5.03 21.32
C THR C 190 33.32 -5.16 22.18
N ARG C 191 32.41 -6.08 21.83
CA ARG C 191 31.24 -6.33 22.68
C ARG C 191 31.70 -6.57 24.09
N ASP C 192 32.57 -7.53 24.20
CA ASP C 192 33.17 -7.89 25.51
C ASP C 192 33.78 -6.69 26.27
N GLU C 193 34.41 -5.76 25.56
CA GLU C 193 35.04 -4.57 26.20
C GLU C 193 34.04 -3.52 26.64
N ILE C 194 32.98 -3.33 25.86
CA ILE C 194 31.90 -2.39 26.16
C ILE C 194 31.11 -3.00 27.40
N LEU C 195 30.90 -4.33 27.41
CA LEU C 195 30.30 -5.03 28.57
C LEU C 195 31.14 -4.78 29.87
N ASN C 196 32.46 -4.84 29.75
CA ASN C 196 33.32 -4.54 30.89
C ASN C 196 33.18 -3.09 31.35
N ALA C 197 33.15 -2.16 30.39
CA ALA C 197 33.15 -0.70 30.70
C ALA C 197 31.90 -0.30 31.46
N VAL C 198 30.73 -0.76 30.98
CA VAL C 198 29.44 -0.48 31.65
C VAL C 198 29.34 -1.10 33.02
N SER C 199 29.78 -2.36 33.15
CA SER C 199 29.84 -2.96 34.48
C SER C 199 30.74 -2.10 35.44
N LEU C 200 31.86 -1.55 34.93
CA LEU C 200 32.78 -0.74 35.79
C LEU C 200 32.04 0.54 36.28
N ALA C 201 31.20 1.12 35.42
CA ALA C 201 30.32 2.25 35.84
C ALA C 201 29.44 1.95 37.06
N TRP C 202 28.74 0.81 37.04
CA TRP C 202 27.80 0.42 38.12
C TRP C 202 28.45 0.17 39.47
N VAL C 203 29.69 -0.33 39.47
CA VAL C 203 30.42 -0.60 40.73
C VAL C 203 31.12 0.62 41.35
N ASP C 204 31.33 1.63 40.51
CA ASP C 204 31.93 2.91 40.92
C ASP C 204 31.11 3.49 42.07
N GLY C 205 31.39 4.73 42.50
CA GLY C 205 30.63 5.28 43.60
C GLY C 205 29.60 6.24 43.05
N GLN C 206 28.49 6.44 43.76
CA GLN C 206 27.44 7.38 43.29
C GLN C 206 27.23 8.57 44.27
N SER C 207 27.49 9.76 43.75
CA SER C 207 27.24 11.01 44.49
C SER C 207 25.85 11.03 45.15
N LEU C 208 25.79 11.55 46.37
CA LEU C 208 24.52 11.87 47.04
C LEU C 208 23.85 13.01 46.31
N ARG C 209 22.72 13.48 46.85
CA ARG C 209 22.08 14.72 46.34
C ARG C 209 21.90 15.78 47.41
N THR C 210 22.70 15.65 48.47
CA THR C 210 22.74 16.63 49.53
C THR C 210 22.78 18.07 48.99
N TYR C 211 23.64 18.30 47.98
CA TYR C 211 23.89 19.63 47.43
C TYR C 211 22.70 20.22 46.69
N ARG C 212 21.61 19.45 46.58
CA ARG C 212 20.44 19.88 45.83
C ARG C 212 19.29 20.29 46.73
N HIS C 213 19.42 20.10 48.04
CA HIS C 213 18.26 20.30 48.94
C HIS C 213 18.57 21.23 50.11
N ALA C 214 17.55 21.93 50.56
CA ALA C 214 17.66 22.78 51.76
C ALA C 214 18.04 21.83 52.88
N PRO C 215 19.03 22.16 53.72
CA PRO C 215 19.63 23.50 53.86
C PRO C 215 21.05 23.59 53.28
N ASN C 216 21.35 22.79 52.27
CA ASN C 216 22.69 22.65 51.72
C ASN C 216 22.76 22.90 50.21
N THR C 217 21.68 23.39 49.63
CA THR C 217 21.67 23.67 48.20
C THR C 217 22.90 24.52 47.80
N GLY C 218 23.61 24.09 46.75
CA GLY C 218 24.94 24.66 46.40
C GLY C 218 25.38 24.33 44.98
N THR C 219 26.58 24.76 44.56
CA THR C 219 26.88 24.96 43.11
C THR C 219 27.43 23.67 42.45
N ARG C 220 27.47 22.61 43.22
CA ARG C 220 27.80 21.28 42.71
C ARG C 220 26.57 20.78 41.97
N LYS C 221 25.45 21.46 42.21
CA LYS C 221 24.21 21.12 41.54
C LYS C 221 24.40 21.41 40.05
N SER C 222 25.36 22.28 39.76
CA SER C 222 25.62 22.70 38.38
C SER C 222 26.64 21.81 37.69
N TRP C 223 27.60 21.30 38.45
CA TRP C 223 28.67 20.54 37.84
C TRP C 223 28.70 19.03 38.07
N ALA C 224 27.82 18.52 38.91
CA ALA C 224 27.78 17.10 39.21
C ALA C 224 27.64 16.24 37.93
N ALA C 225 26.80 16.66 37.00
CA ALA C 225 26.62 15.94 35.77
C ALA C 225 27.89 15.96 34.92
N GLY C 226 28.54 17.12 34.83
CA GLY C 226 29.73 17.24 33.99
C GLY C 226 30.87 16.36 34.51
N ASP C 227 30.85 16.10 35.81
CA ASP C 227 31.86 15.27 36.43
C ASP C 227 31.55 13.77 36.15
N ALA C 228 30.29 13.47 35.87
CA ALA C 228 29.86 12.10 35.54
C ALA C 228 30.22 11.68 34.11
N THR C 229 29.93 12.56 33.17
CA THR C 229 30.21 12.27 31.78
C THR C 229 31.71 12.19 31.48
N SER C 230 32.48 13.06 32.13
CA SER C 230 33.93 13.00 32.15
C SER C 230 34.42 11.69 32.78
N ARG C 231 33.83 11.30 33.90
CA ARG C 231 34.11 10.00 34.52
C ARG C 231 33.85 8.82 33.57
N ALA C 232 32.82 8.96 32.74
CA ALA C 232 32.47 7.96 31.74
C ALA C 232 33.59 7.79 30.76
N VAL C 233 34.17 8.91 30.30
CA VAL C 233 35.25 8.87 29.33
C VAL C 233 36.51 8.26 29.94
N ARG C 234 36.77 8.56 31.19
CA ARG C 234 37.93 7.99 31.85
C ARG C 234 37.82 6.45 31.93
N LEU C 235 36.60 5.96 32.16
CA LEU C 235 36.37 4.54 32.37
C LEU C 235 36.32 3.78 31.04
N ALA C 236 35.82 4.42 29.99
CA ALA C 236 35.79 3.82 28.68
C ALA C 236 37.21 3.59 28.21
N LEU C 237 38.08 4.60 28.39
CA LEU C 237 39.48 4.50 27.96
C LEU C 237 40.25 3.47 28.80
N MET C 238 39.74 3.14 29.98
CA MET C 238 40.35 2.06 30.73
C MET C 238 40.06 0.74 30.05
N ALA C 239 38.78 0.56 29.65
CA ALA C 239 38.31 -0.61 28.89
C ALA C 239 39.12 -0.79 27.63
N LYS C 240 39.49 0.33 27.04
CA LYS C 240 40.33 0.35 25.81
C LYS C 240 41.64 -0.39 26.00
N THR C 241 42.17 -0.37 27.20
CA THR C 241 43.45 -0.98 27.42
C THR C 241 43.35 -2.50 27.59
N GLY C 242 42.16 -3.01 27.89
CA GLY C 242 41.99 -4.45 28.28
C GLY C 242 41.50 -4.70 29.72
N GLU C 243 41.15 -3.65 30.41
CA GLU C 243 40.72 -3.78 31.83
C GLU C 243 39.43 -4.58 32.04
N MET C 244 39.45 -5.46 33.05
CA MET C 244 38.39 -6.45 33.25
C MET C 244 37.11 -5.89 33.85
N GLY C 245 36.00 -6.60 33.63
CA GLY C 245 34.69 -6.14 34.12
C GLY C 245 34.19 -6.96 35.29
N TYR C 246 33.03 -6.59 35.80
CA TYR C 246 32.45 -7.27 36.96
C TYR C 246 31.04 -7.73 36.66
N PRO C 247 30.88 -9.05 36.34
CA PRO C 247 29.69 -9.50 35.56
C PRO C 247 28.38 -9.37 36.32
N SER C 248 28.41 -9.69 37.60
CA SER C 248 27.19 -9.68 38.46
C SER C 248 27.17 -8.40 39.29
N ALA C 249 27.49 -7.27 38.64
CA ALA C 249 27.62 -5.97 39.31
C ALA C 249 26.28 -5.44 39.94
N LEU C 250 25.11 -5.74 39.34
CA LEU C 250 23.81 -5.38 39.88
C LEU C 250 23.28 -6.49 40.80
N THR C 251 23.26 -7.72 40.31
CA THR C 251 22.48 -8.79 40.96
C THR C 251 23.29 -9.61 41.99
N ALA C 252 24.55 -9.22 42.27
CA ALA C 252 25.40 -10.01 43.20
C ALA C 252 24.81 -9.95 44.59
N LYS C 253 24.75 -11.10 45.25
CA LYS C 253 24.21 -11.24 46.60
C LYS C 253 25.07 -10.49 47.61
N THR C 254 24.45 -9.71 48.48
CA THR C 254 25.12 -8.92 49.52
C THR C 254 25.95 -7.73 48.95
N TRP C 255 26.79 -8.00 47.95
CA TRP C 255 27.81 -7.04 47.50
C TRP C 255 27.37 -6.21 46.26
N GLY C 256 26.59 -6.82 45.37
CA GLY C 256 26.11 -6.14 44.17
C GLY C 256 25.34 -4.87 44.45
N PHE C 257 24.97 -4.17 43.37
CA PHE C 257 24.37 -2.84 43.50
C PHE C 257 22.95 -2.89 44.08
N TYR C 258 22.14 -3.86 43.61
CA TYR C 258 20.76 -3.97 44.06
C TYR C 258 20.69 -4.07 45.58
N ASP C 259 21.52 -4.94 46.16
CA ASP C 259 21.50 -5.13 47.60
C ASP C 259 21.99 -3.88 48.39
N VAL C 260 23.04 -3.21 47.90
CA VAL C 260 23.71 -2.17 48.68
C VAL C 260 23.03 -0.82 48.54
N SER C 261 22.50 -0.54 47.35
CA SER C 261 22.02 0.80 47.01
C SER C 261 20.51 0.88 46.64
N PHE C 262 19.89 -0.24 46.29
CA PHE C 262 18.49 -0.23 45.83
C PHE C 262 17.57 -1.12 46.66
N LYS C 263 17.96 -1.39 47.91
CA LYS C 263 17.11 -2.11 48.88
C LYS C 263 16.60 -3.48 48.40
N GLY C 264 17.47 -4.24 47.72
CA GLY C 264 17.13 -5.60 47.28
C GLY C 264 16.21 -5.68 46.07
N GLU C 265 15.63 -4.55 45.69
CA GLU C 265 14.73 -4.48 44.53
C GLU C 265 15.49 -4.46 43.19
N THR C 266 14.80 -4.85 42.12
CA THR C 266 15.37 -4.92 40.76
C THR C 266 14.97 -3.70 39.92
N PHE C 267 15.86 -3.25 39.02
CA PHE C 267 15.49 -2.22 38.05
C PHE C 267 14.37 -2.79 37.17
N ARG C 268 13.32 -2.01 36.95
CA ARG C 268 12.19 -2.45 36.13
C ARG C 268 11.80 -1.50 34.99
N PHE C 269 11.59 -2.06 33.82
CA PHE C 269 11.50 -1.25 32.61
C PHE C 269 10.05 -1.21 32.05
N GLN C 270 9.56 -0.01 31.76
CA GLN C 270 8.31 0.15 30.97
C GLN C 270 8.42 -0.44 29.54
N ARG C 271 9.57 -0.27 28.89
CA ARG C 271 9.67 -0.56 27.45
C ARG C 271 11.11 -0.79 26.93
N PRO C 272 11.24 -1.36 25.71
CA PRO C 272 12.57 -1.58 25.09
C PRO C 272 13.19 -0.31 24.48
N TYR C 273 14.51 -0.25 24.39
CA TYR C 273 15.17 0.99 23.95
C TYR C 273 14.90 1.26 22.47
N GLY C 274 14.57 2.51 22.15
CA GLY C 274 14.39 2.94 20.75
C GLY C 274 14.71 4.41 20.53
N SER C 275 13.74 5.15 20.00
CA SER C 275 13.92 6.58 19.69
C SER C 275 13.04 7.49 20.59
N TYR C 276 12.58 6.93 21.72
CA TYR C 276 11.41 7.43 22.42
C TYR C 276 11.68 8.69 23.23
N VAL C 277 12.88 8.79 23.81
CA VAL C 277 13.19 9.90 24.70
C VAL C 277 13.49 11.19 23.93
N MET C 278 14.39 11.14 22.95
CA MET C 278 14.68 12.35 22.13
C MET C 278 13.42 12.89 21.43
N GLU C 279 12.47 12.02 21.10
CA GLU C 279 11.25 12.45 20.38
C GLU C 279 10.37 13.29 21.32
N ASN C 280 10.32 12.88 22.60
CA ASN C 280 9.46 13.52 23.59
C ASN C 280 10.17 14.38 24.67
N VAL C 281 11.38 14.85 24.41
CA VAL C 281 12.14 15.61 25.41
C VAL C 281 11.55 17.01 25.66
N LEU C 282 11.77 17.57 26.85
CA LEU C 282 11.26 18.92 27.22
C LEU C 282 12.36 20.02 27.06
N PHE C 283 12.00 21.19 26.51
CA PHE C 283 12.96 22.28 26.23
C PHE C 283 12.63 23.56 26.97
N LYS C 284 13.63 24.12 27.65
CA LYS C 284 13.48 25.41 28.33
C LYS C 284 13.75 26.55 27.37
N ILE C 285 12.79 26.87 26.53
CA ILE C 285 13.11 27.82 25.49
C ILE C 285 13.19 29.23 26.10
N SER C 286 12.41 29.49 27.15
CA SER C 286 12.06 30.87 27.55
C SER C 286 12.81 31.31 28.81
N PHE C 287 12.97 30.43 29.80
CA PHE C 287 13.61 30.84 31.06
C PHE C 287 14.69 29.92 31.58
N PRO C 288 15.52 30.45 32.47
CA PRO C 288 16.26 29.66 33.44
C PRO C 288 15.53 29.47 34.76
N ALA C 289 15.06 28.24 35.01
CA ALA C 289 14.72 27.78 36.35
C ALA C 289 14.59 26.26 36.41
N GLU C 290 14.59 25.70 37.63
CA GLU C 290 14.32 24.26 37.83
C GLU C 290 12.98 23.93 37.21
N PHE C 291 12.90 22.84 36.44
CA PHE C 291 11.76 22.66 35.51
C PHE C 291 10.41 22.44 36.20
N HIS C 292 10.42 22.14 37.49
CA HIS C 292 9.18 21.75 38.16
C HIS C 292 8.25 22.96 38.32
N SER C 293 8.84 24.14 38.42
CA SER C 293 8.11 25.35 38.64
C SER C 293 8.32 26.34 37.53
N GLN C 294 8.19 25.86 36.27
CA GLN C 294 8.29 26.73 35.08
C GLN C 294 6.94 27.11 34.48
N THR C 295 6.02 26.17 34.36
CA THR C 295 4.66 26.55 33.99
C THR C 295 4.12 27.60 34.98
N ALA C 296 4.63 27.59 36.22
CA ALA C 296 4.31 28.63 37.21
C ALA C 296 4.95 29.97 36.87
N VAL C 297 6.13 29.98 36.25
CA VAL C 297 6.73 31.24 35.78
C VAL C 297 6.08 31.73 34.48
N GLU C 298 5.44 30.81 33.76
CA GLU C 298 4.60 31.25 32.64
C GLU C 298 3.41 32.09 33.19
N ALA C 299 2.64 31.51 34.10
CA ALA C 299 1.47 32.15 34.66
C ALA C 299 1.85 33.30 35.56
N ALA C 300 3.13 33.46 35.88
CA ALA C 300 3.54 34.61 36.68
C ALA C 300 3.64 35.86 35.83
N MET C 301 3.99 35.70 34.55
CA MET C 301 3.96 36.84 33.60
C MET C 301 2.56 37.01 32.96
N THR C 302 1.77 35.93 33.00
CA THR C 302 0.35 35.99 32.61
C THR C 302 -0.37 36.90 33.58
N LEU C 303 0.08 36.89 34.82
CA LEU C 303 -0.57 37.61 35.90
C LEU C 303 0.08 38.97 36.19
N TYR C 304 0.96 39.43 35.30
CA TYR C 304 1.72 40.68 35.44
C TYR C 304 1.10 41.73 34.54
N GLU C 305 0.67 41.26 33.37
CA GLU C 305 0.01 42.06 32.36
C GLU C 305 -1.35 42.57 32.84
N GLN C 306 -1.98 41.85 33.76
CA GLN C 306 -3.12 42.36 34.49
C GLN C 306 -2.61 43.27 35.63
N MET C 307 -1.76 42.71 36.48
CA MET C 307 -1.14 43.48 37.57
C MET C 307 -0.13 42.65 38.42
N ILE C 317 -0.35 43.84 46.94
CA ILE C 317 -1.52 43.20 47.52
C ILE C 317 -1.34 41.68 47.48
N GLU C 318 -1.62 41.03 48.62
CA GLU C 318 -0.88 39.89 49.05
C GLU C 318 -1.72 38.80 49.74
N LYS C 319 -2.23 37.86 48.93
CA LYS C 319 -2.15 36.44 49.25
C LYS C 319 -1.91 35.67 47.91
N VAL C 320 -0.75 35.01 47.77
CA VAL C 320 -0.49 34.18 46.58
C VAL C 320 -0.61 32.67 46.80
N THR C 321 -1.56 32.03 46.13
CA THR C 321 -1.66 30.58 46.10
C THR C 321 -1.11 29.94 44.80
N ILE C 322 -0.33 28.86 44.97
CA ILE C 322 0.06 27.91 43.91
C ILE C 322 -0.42 26.45 44.12
N ARG C 323 -1.11 25.88 43.13
CA ARG C 323 -1.45 24.41 43.14
C ARG C 323 -0.46 23.69 42.22
N THR C 324 -0.25 22.40 42.41
CA THR C 324 0.98 21.81 41.93
C THR C 324 0.96 20.28 42.05
N HIS C 325 2.13 19.65 41.80
CA HIS C 325 2.30 18.22 41.59
C HIS C 325 3.42 17.84 42.51
N GLU C 326 3.60 16.54 42.70
CA GLU C 326 4.20 16.05 43.92
C GLU C 326 5.65 16.38 44.01
N ALA C 327 6.30 16.55 42.87
CA ALA C 327 7.76 16.73 42.90
C ALA C 327 8.19 18.16 43.30
N CYS C 328 7.39 19.14 42.90
CA CYS C 328 7.67 20.56 43.23
C CYS C 328 7.72 20.68 44.72
N LEU C 329 6.95 19.82 45.40
CA LEU C 329 6.86 19.96 46.86
C LEU C 329 8.09 19.32 47.49
N ARG C 330 8.66 18.35 46.78
CA ARG C 330 9.89 17.67 47.27
C ARG C 330 11.21 18.44 47.03
N ILE C 331 11.39 19.01 45.85
CA ILE C 331 12.59 19.78 45.58
C ILE C 331 12.61 21.22 46.13
N ILE C 332 11.67 22.07 45.68
CA ILE C 332 11.85 23.53 45.53
C ILE C 332 10.81 24.45 46.28
N ASP C 333 10.24 23.98 47.39
CA ASP C 333 9.21 24.75 48.12
C ASP C 333 9.83 25.87 48.99
N LYS C 334 10.75 25.51 49.90
CA LYS C 334 11.62 26.46 50.70
C LYS C 334 11.01 27.76 51.30
N LYS C 335 10.46 27.71 52.52
CA LYS C 335 10.27 28.93 53.33
C LYS C 335 11.64 29.63 53.59
N GLY C 336 11.64 30.96 53.68
CA GLY C 336 12.72 31.67 54.37
C GLY C 336 13.88 32.18 53.53
N PRO C 337 14.93 32.70 54.21
CA PRO C 337 16.18 33.28 53.64
C PRO C 337 16.91 32.36 52.67
N LEU C 338 17.41 32.92 51.55
CA LEU C 338 18.18 32.21 50.52
C LEU C 338 19.63 32.73 50.53
N ASN C 339 20.61 31.83 50.47
CA ASN C 339 22.04 32.18 50.50
C ASN C 339 22.76 32.52 49.15
N ASN C 340 22.33 31.94 48.01
CA ASN C 340 23.17 31.87 46.79
C ASN C 340 22.37 31.45 45.54
N PRO C 341 23.03 31.47 44.34
CA PRO C 341 22.19 31.37 43.14
C PRO C 341 21.49 30.02 42.99
N ALA C 342 22.20 28.94 43.26
CA ALA C 342 21.61 27.61 43.13
C ALA C 342 20.64 27.30 44.27
N ASP C 343 20.52 28.25 45.20
CA ASP C 343 19.48 28.23 46.23
C ASP C 343 18.22 29.04 45.82
N ARG C 344 18.44 30.20 45.23
CA ARG C 344 17.38 30.92 44.49
C ARG C 344 16.72 30.06 43.36
N ASP C 345 17.50 29.53 42.42
CA ASP C 345 16.90 28.79 41.30
C ASP C 345 16.27 27.45 41.66
N HIS C 346 16.48 26.97 42.90
CA HIS C 346 15.69 25.80 43.44
C HIS C 346 14.74 26.26 44.56
N CYS C 347 13.86 27.21 44.24
CA CYS C 347 12.90 27.76 45.19
C CYS C 347 11.72 28.35 44.34
N ILE C 348 10.65 27.54 44.23
CA ILE C 348 9.45 27.92 43.50
C ILE C 348 9.06 29.35 43.82
N GLN C 349 9.07 29.70 45.11
CA GLN C 349 8.50 30.97 45.61
C GLN C 349 9.32 32.21 45.19
N TYR C 350 10.53 31.96 44.69
CA TYR C 350 11.39 33.02 44.17
C TYR C 350 11.20 33.18 42.68
N MET C 351 11.07 32.05 41.98
CA MET C 351 10.73 32.03 40.54
C MET C 351 9.44 32.78 40.21
N VAL C 352 8.38 32.57 41.00
CA VAL C 352 7.12 33.37 40.89
C VAL C 352 7.39 34.84 41.14
N ALA C 353 8.11 35.12 42.22
CA ALA C 353 8.09 36.46 42.79
C ALA C 353 8.59 37.55 41.82
N VAL C 354 9.68 37.27 41.12
CA VAL C 354 10.29 38.24 40.22
C VAL C 354 9.46 38.49 38.97
N PRO C 355 8.89 37.42 38.39
CA PRO C 355 7.99 37.64 37.27
C PRO C 355 6.76 38.50 37.65
N LEU C 356 6.14 38.17 38.79
CA LEU C 356 5.19 39.09 39.40
C LEU C 356 5.73 40.51 39.67
N LEU C 357 6.95 40.66 40.23
CA LEU C 357 7.42 42.01 40.52
C LEU C 357 7.95 42.80 39.29
N PHE C 358 8.52 42.10 38.30
CA PHE C 358 9.23 42.75 37.20
C PHE C 358 8.86 42.40 35.76
N GLY C 359 8.18 41.27 35.53
CA GLY C 359 7.91 40.78 34.15
C GLY C 359 9.03 40.06 33.37
N ARG C 360 10.08 39.58 34.04
CA ARG C 360 11.10 38.77 33.34
C ARG C 360 12.04 37.96 34.25
N LEU C 361 12.17 36.64 34.00
CA LEU C 361 13.25 35.81 34.59
C LEU C 361 14.46 35.55 33.62
N THR C 362 15.60 36.14 33.99
CA THR C 362 16.91 35.89 33.34
C THR C 362 17.90 35.30 34.34
N ALA C 363 18.99 34.72 33.84
CA ALA C 363 20.02 34.18 34.77
C ALA C 363 20.79 35.25 35.53
N ALA C 364 20.60 36.51 35.23
CA ALA C 364 21.13 37.54 36.12
C ALA C 364 20.29 37.59 37.41
N ASP C 365 18.96 37.44 37.27
CA ASP C 365 17.98 37.83 38.31
C ASP C 365 18.10 37.00 39.60
N TYR C 366 19.04 36.06 39.59
CA TYR C 366 19.39 35.25 40.77
C TYR C 366 20.68 35.76 41.43
N GLU C 367 21.40 36.68 40.78
CA GLU C 367 22.66 37.19 41.34
C GLU C 367 22.36 38.19 42.45
N ASP C 368 23.25 38.24 43.44
CA ASP C 368 23.00 38.90 44.71
C ASP C 368 22.72 40.40 44.52
N GLU C 369 23.12 40.95 43.39
CA GLU C 369 22.70 42.32 43.03
C GLU C 369 21.19 42.39 42.96
N VAL C 370 20.57 41.40 42.29
CA VAL C 370 19.08 41.33 42.21
C VAL C 370 18.40 40.95 43.54
N ALA C 371 18.97 39.97 44.23
CA ALA C 371 18.34 39.30 45.35
C ALA C 371 18.21 40.15 46.60
N GLN C 372 19.02 41.20 46.73
CA GLN C 372 18.99 42.11 47.90
C GLN C 372 17.75 43.00 47.93
N ASP C 373 17.04 43.07 46.81
CA ASP C 373 15.76 43.74 46.75
C ASP C 373 14.82 43.19 47.82
N LYS C 374 14.21 44.10 48.58
CA LYS C 374 13.37 43.73 49.73
C LYS C 374 12.02 43.14 49.30
N ARG C 375 11.57 43.51 48.11
CA ARG C 375 10.23 43.14 47.67
C ARG C 375 10.10 41.65 47.39
N ILE C 376 11.23 40.98 47.09
CA ILE C 376 11.24 39.55 46.77
C ILE C 376 10.97 38.65 47.98
N ASP C 377 11.54 39.01 49.13
CA ASP C 377 11.37 38.22 50.34
C ASP C 377 10.06 38.61 50.99
N ALA C 378 9.65 39.86 50.78
CA ALA C 378 8.33 40.36 51.17
C ALA C 378 7.21 39.68 50.36
N LEU C 379 7.39 39.65 49.03
CA LEU C 379 6.43 39.01 48.13
C LEU C 379 6.37 37.48 48.26
N ARG C 380 7.52 36.85 48.48
CA ARG C 380 7.61 35.39 48.60
C ARG C 380 7.11 34.95 49.96
N GLU C 381 6.78 35.91 50.81
CA GLU C 381 6.28 35.55 52.13
C GLU C 381 4.74 35.61 52.18
N LYS C 382 4.13 36.17 51.13
CA LYS C 382 2.68 36.14 50.97
C LYS C 382 2.26 34.98 50.09
N ILE C 383 3.03 33.89 50.10
CA ILE C 383 2.92 32.83 49.08
C ILE C 383 2.69 31.38 49.61
N VAL C 384 1.66 30.74 49.08
CA VAL C 384 1.21 29.40 49.53
C VAL C 384 1.19 28.37 48.40
N CYS C 385 1.65 27.16 48.69
CA CYS C 385 1.53 26.07 47.73
C CYS C 385 0.92 24.80 48.32
N TYR C 386 -0.01 24.19 47.57
CA TYR C 386 -0.74 22.98 47.99
C TYR C 386 -0.68 21.86 46.91
N GLU C 387 -0.54 20.58 47.30
CA GLU C 387 -0.61 19.47 46.32
C GLU C 387 -2.06 19.11 45.97
N ASP C 388 -2.35 19.08 44.66
CA ASP C 388 -3.54 18.42 44.08
C ASP C 388 -3.09 17.08 43.53
N PRO C 389 -3.88 16.01 43.76
CA PRO C 389 -3.45 14.65 43.35
C PRO C 389 -3.54 14.33 41.82
N ALA C 390 -4.00 15.27 41.00
CA ALA C 390 -4.24 15.01 39.56
C ALA C 390 -3.30 15.83 38.65
N PHE C 391 -2.54 16.74 39.26
CA PHE C 391 -1.38 17.28 38.58
C PHE C 391 -0.26 16.21 38.66
N THR C 392 0.06 15.76 39.88
CA THR C 392 0.95 14.59 40.11
C THR C 392 0.64 13.41 39.18
N ALA C 393 -0.63 13.05 39.03
CA ALA C 393 -1.08 11.83 38.32
C ALA C 393 -1.07 11.93 36.77
N ASP C 394 -1.43 13.10 36.25
CA ASP C 394 -1.26 13.40 34.84
C ASP C 394 0.24 13.55 34.48
N TYR C 395 1.06 13.96 35.46
CA TYR C 395 2.51 14.09 35.26
C TYR C 395 3.16 12.76 34.96
N HIS C 396 2.56 11.68 35.44
CA HIS C 396 3.22 10.36 35.42
C HIS C 396 2.58 9.39 34.40
N ASP C 397 1.35 9.68 33.97
CA ASP C 397 0.71 8.83 32.95
C ASP C 397 1.20 9.16 31.54
N PRO C 398 1.59 8.10 30.77
CA PRO C 398 2.51 8.17 29.62
C PRO C 398 1.91 8.74 28.34
N GLU C 399 0.60 8.94 28.33
CA GLU C 399 -0.05 9.55 27.19
C GLU C 399 -0.26 11.05 27.42
N LYS C 400 0.60 11.69 28.21
CA LYS C 400 0.30 13.03 28.69
C LYS C 400 1.56 13.79 29.13
N ARG C 401 2.14 13.36 30.25
CA ARG C 401 3.34 13.96 30.87
C ARG C 401 3.21 15.46 31.04
N ALA C 402 2.32 15.85 31.94
CA ALA C 402 2.11 17.27 32.23
C ALA C 402 2.85 17.73 33.49
N ILE C 403 3.04 19.03 33.60
CA ILE C 403 3.91 19.58 34.60
C ILE C 403 3.16 20.76 35.19
N GLY C 404 2.12 20.42 35.94
CA GLY C 404 1.06 21.37 36.27
C GLY C 404 1.38 22.38 37.35
N ASN C 405 1.05 23.64 37.05
CA ASN C 405 0.96 24.68 38.04
C ASN C 405 -0.22 25.63 37.76
N ALA C 406 -0.92 26.01 38.82
CA ALA C 406 -2.04 26.94 38.74
C ALA C 406 -1.99 28.02 39.90
N ILE C 407 -1.89 29.30 39.49
CA ILE C 407 -1.58 30.43 40.41
C ILE C 407 -2.79 31.34 40.59
N SER C 408 -3.04 31.77 41.84
CA SER C 408 -4.19 32.62 42.15
C SER C 408 -3.81 33.75 43.13
N VAL C 409 -4.44 34.90 42.98
CA VAL C 409 -3.93 36.14 43.60
C VAL C 409 -5.01 36.94 44.36
N GLU C 410 -4.82 37.11 45.67
CA GLU C 410 -5.71 37.92 46.51
C GLU C 410 -5.13 39.29 46.90
N PHE C 411 -5.89 40.35 46.61
CA PHE C 411 -5.46 41.75 46.76
C PHE C 411 -5.80 42.44 48.09
N THR C 412 -5.46 43.72 48.22
CA THR C 412 -5.78 44.50 49.42
C THR C 412 -7.12 45.27 49.29
N ASP C 413 -7.65 45.30 48.08
CA ASP C 413 -9.01 45.78 47.85
C ASP C 413 -10.01 44.65 47.67
N GLY C 414 -9.79 43.52 48.35
CA GLY C 414 -10.76 42.43 48.34
C GLY C 414 -10.88 41.79 46.97
N SER C 415 -10.71 42.58 45.92
CA SER C 415 -10.55 42.05 44.56
C SER C 415 -9.72 40.72 44.55
N ARG C 416 -9.60 40.15 43.37
CA ARG C 416 -9.11 38.79 43.23
C ARG C 416 -9.07 38.53 41.76
N PHE C 417 -8.21 37.61 41.36
CA PHE C 417 -8.21 37.15 40.00
C PHE C 417 -8.37 35.65 40.03
N GLY C 418 -9.01 35.11 39.00
CA GLY C 418 -9.17 33.68 38.87
C GLY C 418 -7.87 32.94 38.63
N GLU C 419 -7.94 31.62 38.75
CA GLU C 419 -6.78 30.75 38.83
C GLU C 419 -6.19 30.48 37.42
N VAL C 420 -5.18 31.26 37.01
CA VAL C 420 -4.54 31.03 35.70
C VAL C 420 -3.87 29.65 35.68
N VAL C 421 -4.16 28.85 34.64
CA VAL C 421 -3.75 27.43 34.65
C VAL C 421 -2.89 27.02 33.45
N VAL C 422 -1.72 26.43 33.75
CA VAL C 422 -0.77 25.99 32.73
C VAL C 422 -0.23 24.60 33.07
N GLU C 423 -0.43 23.64 32.14
CA GLU C 423 -0.05 22.22 32.35
C GLU C 423 1.10 21.74 31.41
N TYR C 424 1.15 22.29 30.20
CA TYR C 424 2.25 22.04 29.25
C TYR C 424 2.88 23.37 28.81
N PRO C 425 4.19 23.54 29.06
CA PRO C 425 4.92 24.76 28.84
C PRO C 425 5.46 24.89 27.40
N ILE C 426 6.34 25.84 27.14
CA ILE C 426 6.78 26.12 25.78
C ILE C 426 7.70 25.03 25.21
N GLY C 427 8.40 24.30 26.10
CA GLY C 427 9.33 23.23 25.71
C GLY C 427 8.77 21.85 25.38
N HIS C 428 7.50 21.61 25.74
CA HIS C 428 6.83 20.27 25.70
C HIS C 428 6.64 19.77 24.28
N ALA C 429 6.38 18.46 24.17
CA ALA C 429 6.14 17.80 22.88
C ALA C 429 4.84 18.22 22.20
N ARG C 430 3.97 18.89 22.93
CA ARG C 430 2.72 19.34 22.39
C ARG C 430 2.90 20.72 21.69
N ARG C 431 3.85 21.53 22.17
CA ARG C 431 4.03 22.90 21.63
C ARG C 431 5.27 23.21 20.73
N ARG C 432 5.60 22.31 19.79
CA ARG C 432 6.77 22.54 18.92
C ARG C 432 6.53 23.50 17.78
N ALA C 433 5.29 23.90 17.53
CA ALA C 433 4.99 24.86 16.45
C ALA C 433 5.23 26.32 16.85
N ASP C 434 5.00 26.61 18.13
CA ASP C 434 5.45 27.86 18.75
C ASP C 434 6.84 27.68 19.35
N GLY C 435 7.08 26.48 19.86
CA GLY C 435 8.28 26.14 20.62
C GLY C 435 9.56 26.22 19.84
N ILE C 436 9.57 25.66 18.63
CA ILE C 436 10.84 25.52 17.85
C ILE C 436 11.37 26.85 17.31
N PRO C 437 10.50 27.69 16.70
CA PRO C 437 10.85 29.07 16.26
C PRO C 437 11.65 29.85 17.28
N LYS C 438 11.24 29.76 18.55
CA LYS C 438 11.82 30.52 19.64
C LYS C 438 13.21 29.98 20.07
N LEU C 439 13.54 28.75 19.68
CA LEU C 439 14.72 28.14 20.13
C LEU C 439 15.82 28.59 19.16
N ILE C 440 15.49 28.71 17.86
CA ILE C 440 16.42 29.32 16.90
C ILE C 440 16.86 30.75 17.42
N GLU C 441 15.98 31.42 18.15
CA GLU C 441 16.21 32.81 18.64
C GLU C 441 17.12 32.85 19.91
N LYS C 442 16.86 31.89 20.81
CA LYS C 442 17.62 31.79 22.05
C LYS C 442 19.08 31.43 21.67
N PHE C 443 19.22 30.66 20.58
CA PHE C 443 20.50 30.19 20.07
C PHE C 443 21.32 31.35 19.47
N LYS C 444 20.63 32.20 18.73
CA LYS C 444 21.33 33.35 18.08
C LYS C 444 21.72 34.48 19.01
N ILE C 445 20.87 34.74 20.01
CA ILE C 445 21.28 35.53 21.15
C ILE C 445 22.51 35.00 21.85
N ASN C 446 22.42 33.75 22.29
CA ASN C 446 23.55 33.12 22.92
C ASN C 446 24.84 33.07 22.12
N LEU C 447 24.79 33.33 20.82
CA LEU C 447 26.03 33.38 20.00
C LEU C 447 26.62 34.76 19.99
N ALA C 448 25.77 35.76 19.94
CA ALA C 448 26.22 37.15 19.84
C ALA C 448 26.85 37.67 21.18
N ARG C 449 26.72 36.85 22.24
CA ARG C 449 27.24 37.19 23.56
C ARG C 449 28.60 36.57 23.84
N GLN C 450 29.12 35.82 22.91
CA GLN C 450 30.57 35.50 22.97
C GLN C 450 31.35 35.88 21.68
N PHE C 451 30.61 36.19 20.61
CA PHE C 451 31.13 36.14 19.21
C PHE C 451 30.76 37.37 18.28
N PRO C 452 31.76 38.02 17.61
CA PRO C 452 31.56 39.10 16.65
C PRO C 452 30.54 38.72 15.62
N THR C 453 30.01 39.70 14.90
CA THR C 453 28.90 39.46 13.98
C THR C 453 29.27 38.65 12.73
N ARG C 454 30.56 38.43 12.47
CA ARG C 454 31.03 37.63 11.37
C ARG C 454 31.21 36.12 11.69
N GLN C 455 31.83 35.80 12.84
CA GLN C 455 31.91 34.43 13.35
C GLN C 455 30.50 33.88 13.43
N GLN C 456 29.62 34.64 14.08
CA GLN C 456 28.26 34.17 14.34
C GLN C 456 27.45 34.08 13.05
N GLN C 457 27.64 35.00 12.10
CA GLN C 457 27.00 34.87 10.75
C GLN C 457 27.27 33.45 10.15
N ARG C 458 28.53 33.00 10.21
CA ARG C 458 29.06 31.87 9.40
C ARG C 458 29.02 30.52 10.16
N ILE C 459 28.97 30.63 11.51
CA ILE C 459 28.38 29.57 12.38
C ILE C 459 26.90 29.30 12.13
N LEU C 460 26.05 30.32 12.12
CA LEU C 460 24.62 30.12 11.76
C LEU C 460 24.52 29.66 10.27
N ASP C 461 25.55 30.00 9.49
CA ASP C 461 25.51 29.59 8.05
C ASP C 461 25.39 28.08 7.74
N VAL C 462 26.11 27.23 8.47
CA VAL C 462 26.07 25.81 8.21
C VAL C 462 24.85 25.42 8.97
N SER C 463 24.76 25.98 10.17
CA SER C 463 24.27 25.22 11.25
C SER C 463 22.77 25.15 11.19
N LEU C 464 22.09 26.19 10.65
CA LEU C 464 20.57 26.21 10.64
C LEU C 464 19.93 25.29 9.53
N ASP C 465 20.75 24.56 8.77
CA ASP C 465 20.24 23.47 7.87
C ASP C 465 20.92 22.07 8.20
N ARG C 466 20.13 21.06 8.57
CA ARG C 466 20.71 19.85 9.22
C ARG C 466 21.51 18.97 8.26
N ALA C 467 21.23 19.07 6.98
CA ALA C 467 22.17 18.57 6.00
C ALA C 467 23.22 19.65 5.86
N ARG C 468 24.47 19.24 5.64
CA ARG C 468 25.61 20.13 5.85
C ARG C 468 26.16 19.95 7.27
N LEU C 469 25.38 20.28 8.28
CA LEU C 469 25.74 19.93 9.67
C LEU C 469 26.05 18.43 9.76
N GLU C 470 25.09 17.63 9.33
CA GLU C 470 25.23 16.18 9.27
C GLU C 470 26.46 15.79 8.48
N GLN C 471 26.56 16.32 7.26
CA GLN C 471 27.73 16.12 6.38
C GLN C 471 29.12 16.44 6.96
N MET C 472 29.18 17.36 7.94
CA MET C 472 30.43 18.10 8.26
C MET C 472 31.31 17.36 9.27
N PRO C 473 32.61 17.19 8.94
CA PRO C 473 33.59 16.68 9.97
C PRO C 473 33.80 17.44 11.39
N VAL C 474 33.79 16.71 12.51
CA VAL C 474 33.59 17.36 13.83
C VAL C 474 34.65 18.40 14.14
N ASN C 475 35.89 18.11 13.80
CA ASN C 475 36.99 19.07 13.99
C ASN C 475 36.79 20.44 13.28
N GLU C 476 36.03 20.44 12.18
CA GLU C 476 35.83 21.64 11.40
C GLU C 476 34.60 22.46 11.90
N TYR C 477 33.63 21.79 12.53
CA TYR C 477 32.61 22.54 13.29
C TYR C 477 33.09 23.13 14.65
N LEU C 478 33.71 22.29 15.51
CA LEU C 478 34.40 22.84 16.71
C LEU C 478 35.42 24.06 16.37
N ASP C 479 35.90 24.17 15.12
CA ASP C 479 36.87 25.21 14.76
C ASP C 479 36.13 26.52 14.56
N LEU C 480 34.85 26.43 14.23
CA LEU C 480 34.10 27.62 13.95
C LEU C 480 33.72 28.30 15.25
N TYR C 481 33.95 27.61 16.35
CA TYR C 481 33.42 28.00 17.65
C TYR C 481 34.58 28.49 18.56
N VAL C 482 35.58 29.17 17.97
CA VAL C 482 36.69 29.86 18.75
C VAL C 482 37.00 31.30 18.26
N ASP D 11 26.44 25.73 60.02
CA ASP D 11 27.63 25.39 60.85
C ASP D 11 27.98 23.91 60.67
N PHE D 12 29.26 23.59 60.56
CA PHE D 12 29.68 22.28 60.02
C PHE D 12 29.58 21.14 61.01
N ASP D 13 29.35 19.94 60.49
CA ASP D 13 29.22 18.74 61.32
C ASP D 13 30.47 18.62 62.13
N ARG D 14 30.31 18.40 63.42
CA ARG D 14 31.45 18.38 64.33
C ARG D 14 32.51 17.32 63.98
N GLU D 15 32.11 16.26 63.27
CA GLU D 15 33.05 15.23 62.79
C GLU D 15 34.07 15.85 61.84
N ILE D 16 33.60 16.78 60.99
CA ILE D 16 34.44 17.43 59.97
C ILE D 16 35.35 18.48 60.60
N VAL D 17 34.82 19.23 61.56
CA VAL D 17 35.61 20.19 62.37
C VAL D 17 36.78 19.58 63.11
N ASP D 18 36.59 18.38 63.62
CA ASP D 18 37.62 17.71 64.40
C ASP D 18 38.77 17.22 63.54
N ILE D 19 38.45 16.81 62.32
CA ILE D 19 39.47 16.60 61.29
C ILE D 19 40.18 17.94 60.95
N VAL D 20 39.42 18.93 60.50
CA VAL D 20 40.01 20.18 59.98
C VAL D 20 40.96 20.83 61.00
N ASP D 21 40.57 20.82 62.27
CA ASP D 21 41.41 21.39 63.35
C ASP D 21 42.66 20.55 63.74
N TYR D 22 42.51 19.22 63.76
CA TYR D 22 43.60 18.31 63.85
C TYR D 22 44.69 18.56 62.78
N VAL D 23 44.27 18.59 61.51
CA VAL D 23 45.20 18.82 60.38
C VAL D 23 45.77 20.22 60.37
N MET D 24 45.01 21.20 60.82
CA MET D 24 45.48 22.58 60.75
C MET D 24 46.41 22.88 61.97
N ASN D 25 46.01 22.48 63.15
CA ASN D 25 46.58 23.05 64.35
C ASN D 25 47.42 22.10 65.22
N TYR D 26 47.31 20.80 65.00
CA TYR D 26 48.01 19.83 65.86
C TYR D 26 49.52 19.77 65.55
N GLU D 27 50.33 19.81 66.58
CA GLU D 27 51.78 19.64 66.44
C GLU D 27 52.22 18.24 66.95
N ILE D 28 52.63 17.37 66.02
CA ILE D 28 53.18 16.05 66.36
C ILE D 28 54.58 16.22 67.00
N THR D 29 54.76 15.67 68.20
CA THR D 29 56.04 15.78 68.89
C THR D 29 56.72 14.45 69.16
N SER D 30 56.26 13.38 68.50
CA SER D 30 56.68 12.01 68.84
C SER D 30 57.83 11.52 67.94
N LYS D 31 59.04 11.50 68.49
CA LYS D 31 60.18 10.90 67.77
C LYS D 31 59.76 9.56 67.18
N VAL D 32 59.05 8.76 67.99
CA VAL D 32 58.68 7.38 67.61
C VAL D 32 57.84 7.36 66.31
N ALA D 33 56.92 8.34 66.22
CA ALA D 33 56.07 8.51 65.07
C ALA D 33 56.83 8.95 63.82
N TYR D 34 57.86 9.78 63.96
CA TYR D 34 58.62 10.25 62.77
C TYR D 34 59.59 9.17 62.33
N ASP D 35 60.25 8.53 63.29
CA ASP D 35 61.16 7.43 62.96
C ASP D 35 60.45 6.32 62.19
N THR D 36 59.18 6.07 62.54
CA THR D 36 58.38 4.99 61.89
C THR D 36 57.81 5.49 60.57
N ALA D 37 57.49 6.77 60.51
CA ALA D 37 57.08 7.42 59.25
C ALA D 37 58.19 7.32 58.23
N HIS D 38 59.41 7.52 58.68
CA HIS D 38 60.57 7.35 57.81
C HIS D 38 60.68 5.96 57.13
N TYR D 39 60.48 4.88 57.87
CA TYR D 39 60.67 3.52 57.35
C TYR D 39 59.45 3.16 56.51
N CYS D 40 58.31 3.77 56.82
CA CYS D 40 57.06 3.47 56.09
C CYS D 40 57.05 4.12 54.70
N LEU D 41 57.79 5.21 54.58
CA LEU D 41 57.98 5.89 53.30
C LEU D 41 58.75 4.97 52.35
N LEU D 42 59.91 4.50 52.80
CA LEU D 42 60.80 3.90 51.85
C LEU D 42 60.41 2.42 51.64
N ASP D 43 59.65 1.85 52.57
CA ASP D 43 58.97 0.56 52.34
C ASP D 43 57.92 0.63 51.24
N THR D 44 57.02 1.62 51.38
CA THR D 44 55.98 1.89 50.36
C THR D 44 56.55 2.20 48.96
N LEU D 45 57.59 3.01 48.91
CA LEU D 45 58.16 3.37 47.64
C LEU D 45 58.71 2.14 46.91
N GLY D 46 59.32 1.21 47.64
CA GLY D 46 59.91 0.04 47.05
C GLY D 46 58.85 -0.92 46.54
N CYS D 47 57.73 -0.97 47.25
CA CYS D 47 56.60 -1.77 46.82
C CYS D 47 56.12 -1.32 45.46
N GLY D 48 56.03 0.00 45.27
CA GLY D 48 55.69 0.60 43.99
C GLY D 48 56.65 0.23 42.88
N LEU D 49 57.95 0.23 43.18
CA LEU D 49 58.96 -0.15 42.20
C LEU D 49 58.76 -1.58 41.70
N GLU D 50 58.30 -2.44 42.59
CA GLU D 50 58.22 -3.89 42.37
C GLU D 50 57.02 -4.17 41.44
N ALA D 51 55.97 -3.35 41.58
CA ALA D 51 54.78 -3.42 40.75
C ALA D 51 55.10 -3.19 39.25
N LEU D 52 56.13 -2.38 38.98
CA LEU D 52 56.50 -2.03 37.59
C LEU D 52 56.93 -3.23 36.78
N GLU D 53 57.19 -4.35 37.45
CA GLU D 53 57.53 -5.60 36.79
C GLU D 53 56.28 -6.17 36.09
N TYR D 54 55.11 -5.62 36.37
CA TYR D 54 53.86 -6.33 36.10
C TYR D 54 52.99 -5.58 35.11
N PRO D 55 52.90 -6.09 33.88
CA PRO D 55 52.19 -5.40 32.79
C PRO D 55 50.72 -5.05 33.06
N ALA D 56 50.09 -5.75 34.01
CA ALA D 56 48.71 -5.35 34.44
C ALA D 56 48.70 -3.96 35.10
N CYS D 57 49.71 -3.68 35.93
CA CYS D 57 49.87 -2.36 36.51
C CYS D 57 50.16 -1.33 35.44
N LYS D 58 51.26 -1.53 34.77
CA LYS D 58 51.78 -0.55 33.80
C LYS D 58 50.75 -0.02 32.74
N LYS D 59 49.90 -0.90 32.21
CA LYS D 59 48.85 -0.52 31.25
C LYS D 59 47.91 0.55 31.76
N LEU D 60 47.87 0.73 33.08
CA LEU D 60 47.01 1.75 33.70
C LEU D 60 47.72 3.07 33.98
N LEU D 61 49.01 3.16 33.72
CA LEU D 61 49.90 4.33 34.06
C LEU D 61 50.20 5.29 32.89
N GLY D 62 51.00 6.31 33.15
CA GLY D 62 51.31 7.39 32.17
C GLY D 62 50.24 8.47 32.17
N PRO D 63 50.39 9.47 31.25
CA PRO D 63 49.30 10.39 31.02
C PRO D 63 48.20 9.77 30.25
N ILE D 64 47.05 10.44 30.26
CA ILE D 64 45.85 9.99 29.55
C ILE D 64 46.17 9.90 28.06
N VAL D 65 46.96 10.85 27.59
CA VAL D 65 47.24 11.00 26.17
C VAL D 65 48.74 11.09 25.96
N PRO D 66 49.36 10.00 25.49
CA PRO D 66 50.80 10.09 25.46
C PRO D 66 51.27 11.29 24.67
N GLY D 67 52.35 11.91 25.13
CA GLY D 67 52.90 13.13 24.50
C GLY D 67 52.52 14.47 25.15
N THR D 68 51.78 14.46 26.26
CA THR D 68 51.32 15.69 26.91
C THR D 68 52.48 16.32 27.66
N VAL D 69 52.58 17.65 27.64
CA VAL D 69 53.66 18.32 28.39
C VAL D 69 53.11 19.15 29.52
N VAL D 70 53.45 18.79 30.74
CA VAL D 70 53.01 19.56 31.91
C VAL D 70 54.16 20.30 32.61
N PRO D 71 54.17 21.62 32.51
CA PRO D 71 55.19 22.44 33.09
C PRO D 71 55.37 22.15 34.58
N ASN D 72 56.60 22.01 35.02
CA ASN D 72 56.91 21.68 36.41
C ASN D 72 56.02 20.60 36.95
N GLY D 73 55.81 19.55 36.18
CA GLY D 73 54.85 18.54 36.57
C GLY D 73 55.45 17.48 37.51
N ALA D 74 54.56 16.81 38.26
CA ALA D 74 54.95 15.83 39.30
C ALA D 74 55.49 14.51 38.74
N ARG D 75 56.60 14.03 39.29
CA ARG D 75 57.32 12.87 38.73
C ARG D 75 56.82 11.53 39.27
N VAL D 76 56.88 10.49 38.43
CA VAL D 76 56.55 9.12 38.82
C VAL D 76 57.82 8.30 38.97
N PRO D 77 58.15 7.87 40.20
CA PRO D 77 59.40 7.11 40.39
C PRO D 77 59.53 5.87 39.49
N GLY D 78 60.72 5.67 38.93
CA GLY D 78 61.03 4.51 38.08
C GLY D 78 60.83 4.82 36.62
N THR D 79 60.46 6.07 36.33
CA THR D 79 60.12 6.49 34.99
C THR D 79 60.75 7.84 34.71
N GLN D 80 60.54 8.35 33.50
CA GLN D 80 60.84 9.74 33.24
C GLN D 80 59.56 10.53 32.87
N PHE D 81 58.39 9.97 33.21
CA PHE D 81 57.12 10.68 33.08
C PHE D 81 57.07 11.86 34.08
N GLN D 82 56.41 12.93 33.67
CA GLN D 82 56.15 14.05 34.56
C GLN D 82 54.76 14.52 34.24
N LEU D 83 53.88 14.44 35.23
CA LEU D 83 52.42 14.61 34.98
C LEU D 83 51.74 15.68 35.90
N ASP D 84 50.46 15.95 35.69
CA ASP D 84 49.74 16.86 36.58
C ASP D 84 49.50 16.14 37.90
N PRO D 85 49.47 16.91 39.02
CA PRO D 85 49.53 16.37 40.35
C PRO D 85 48.38 15.33 40.59
N VAL D 86 47.26 15.46 39.87
CA VAL D 86 46.13 14.44 39.92
C VAL D 86 46.50 13.08 39.32
N GLN D 87 46.97 13.10 38.09
CA GLN D 87 47.35 11.87 37.41
C GLN D 87 48.61 11.26 37.95
N ALA D 88 49.43 12.08 38.61
CA ALA D 88 50.62 11.56 39.21
C ALA D 88 50.23 10.78 40.46
N ALA D 89 49.20 11.26 41.16
CA ALA D 89 48.76 10.61 42.39
C ALA D 89 48.22 9.21 42.12
N PHE D 90 47.44 9.06 41.06
CA PHE D 90 46.86 7.74 40.72
C PHE D 90 47.91 6.74 40.21
N ASN D 91 48.95 7.26 39.57
CA ASN D 91 50.07 6.44 39.21
C ASN D 91 50.74 5.85 40.47
N ILE D 92 51.08 6.72 41.42
CA ILE D 92 51.85 6.32 42.59
C ILE D 92 50.96 5.44 43.45
N GLY D 93 49.73 5.87 43.71
CA GLY D 93 48.79 5.05 44.52
C GLY D 93 48.66 3.67 43.98
N ALA D 94 48.39 3.54 42.70
CA ALA D 94 48.16 2.20 42.14
C ALA D 94 49.42 1.29 42.22
N MET D 95 50.58 1.87 41.97
CA MET D 95 51.82 1.15 42.10
C MET D 95 52.03 0.61 43.52
N ILE D 96 51.88 1.47 44.53
CA ILE D 96 52.29 1.09 45.89
C ILE D 96 51.37 0.04 46.51
N ARG D 97 50.14 -0.04 46.02
CA ARG D 97 49.17 -0.95 46.62
C ARG D 97 48.97 -2.22 45.80
N TRP D 98 49.59 -2.26 44.63
CA TRP D 98 49.22 -3.24 43.61
C TRP D 98 49.38 -4.70 44.07
N LEU D 99 50.51 -5.02 44.70
CA LEU D 99 50.85 -6.40 45.06
C LEU D 99 50.47 -6.79 46.50
N ASP D 100 49.79 -5.89 47.21
CA ASP D 100 49.28 -6.20 48.55
C ASP D 100 50.42 -6.50 49.54
N PHE D 101 51.48 -5.69 49.46
CA PHE D 101 52.70 -5.90 50.25
C PHE D 101 53.06 -4.63 51.07
N ASN D 102 52.17 -3.64 51.07
CA ASN D 102 52.41 -2.39 51.79
C ASN D 102 51.80 -2.43 53.20
N ASP D 103 52.09 -1.41 54.01
CA ASP D 103 51.75 -1.43 55.44
C ASP D 103 50.25 -1.56 55.64
N THR D 104 49.83 -1.90 56.86
CA THR D 104 48.46 -2.33 57.12
C THR D 104 47.96 -1.90 58.52
N TRP D 105 46.64 -1.71 58.61
CA TRP D 105 45.98 -1.36 59.87
C TRP D 105 44.66 -2.12 59.98
N LEU D 106 44.62 -3.07 60.92
CA LEU D 106 43.42 -3.90 61.15
C LEU D 106 42.63 -3.46 62.40
N ALA D 107 41.35 -3.14 62.20
CA ALA D 107 40.47 -2.64 63.27
C ALA D 107 39.03 -3.13 63.01
N ALA D 108 38.03 -2.29 63.30
CA ALA D 108 36.67 -2.55 62.79
C ALA D 108 36.68 -2.52 61.28
N GLU D 109 37.54 -1.66 60.71
CA GLU D 109 37.70 -1.55 59.27
C GLU D 109 39.17 -1.84 58.89
N TRP D 110 39.36 -2.61 57.80
CA TRP D 110 40.68 -3.08 57.39
C TRP D 110 41.20 -2.27 56.18
N GLY D 111 42.40 -1.70 56.31
CA GLY D 111 42.88 -0.73 55.32
C GLY D 111 44.39 -0.56 55.32
N HIS D 112 44.87 0.24 54.38
CA HIS D 112 46.29 0.48 54.19
C HIS D 112 46.60 1.97 54.10
N PRO D 113 46.83 2.60 55.27
CA PRO D 113 47.13 4.04 55.43
C PRO D 113 48.28 4.60 54.57
N SER D 114 49.23 3.77 54.20
CA SER D 114 50.24 4.22 53.25
C SER D 114 49.65 4.64 51.85
N ASP D 115 48.48 4.13 51.48
CA ASP D 115 47.84 4.51 50.20
C ASP D 115 47.77 6.07 50.02
N ASN D 116 47.74 6.81 51.12
CA ASN D 116 47.63 8.25 51.07
C ASN D 116 48.91 8.95 50.54
N LEU D 117 50.02 8.23 50.48
CA LEU D 117 51.30 8.78 49.98
C LEU D 117 51.12 9.36 48.57
N GLY D 118 50.45 8.59 47.67
CA GLY D 118 50.20 8.99 46.29
C GLY D 118 49.71 10.40 46.27
N GLY D 119 48.64 10.68 47.03
CA GLY D 119 48.05 12.00 47.00
C GLY D 119 49.01 13.01 47.59
N ILE D 120 49.48 12.77 48.79
CA ILE D 120 50.39 13.70 49.48
C ILE D 120 51.70 13.95 48.69
N LEU D 121 52.28 12.87 48.16
CA LEU D 121 53.61 12.99 47.57
C LEU D 121 53.60 13.58 46.14
N ALA D 122 52.70 13.13 45.26
CA ALA D 122 52.57 13.76 43.95
C ALA D 122 52.31 15.28 44.10
N THR D 123 51.43 15.62 45.03
CA THR D 123 50.97 17.01 45.24
C THR D 123 52.11 17.86 45.88
N ALA D 124 53.05 17.17 46.55
CA ALA D 124 54.19 17.83 47.27
C ALA D 124 55.38 18.11 46.31
N ASP D 125 55.60 17.21 45.35
CA ASP D 125 56.65 17.32 44.33
C ASP D 125 56.32 18.51 43.46
N TRP D 126 55.08 18.52 42.96
CA TRP D 126 54.55 19.62 42.11
C TRP D 126 54.65 20.99 42.79
N LEU D 127 54.14 21.16 44.01
CA LEU D 127 54.25 22.45 44.70
C LEU D 127 55.76 22.83 44.88
N SER D 128 56.67 21.85 45.06
CA SER D 128 58.15 22.14 45.16
C SER D 128 58.81 22.61 43.85
N ARG D 129 58.46 21.99 42.72
CA ARG D 129 59.06 22.35 41.47
C ARG D 129 58.57 23.74 41.07
N ASN D 130 57.34 24.09 41.46
CA ASN D 130 56.76 25.41 41.17
C ASN D 130 57.44 26.48 41.95
N ALA D 131 57.71 26.17 43.20
CA ALA D 131 58.38 27.14 44.06
C ALA D 131 59.77 27.42 43.64
N VAL D 132 60.49 26.36 43.32
CA VAL D 132 61.84 26.47 42.85
C VAL D 132 61.87 27.33 41.55
N ALA D 133 61.01 27.07 40.56
CA ALA D 133 60.98 27.87 39.35
C ALA D 133 60.72 29.39 39.60
N ALA D 134 60.12 29.72 40.71
CA ALA D 134 59.67 31.07 40.98
C ALA D 134 60.66 31.68 41.98
N GLY D 135 61.77 30.98 42.22
CA GLY D 135 62.82 31.47 43.08
C GLY D 135 62.40 31.51 44.55
N LYS D 136 61.39 30.73 44.90
CA LYS D 136 60.87 30.68 46.27
C LYS D 136 61.43 29.41 46.94
N ALA D 137 61.06 29.14 48.18
CA ALA D 137 61.68 28.02 48.94
C ALA D 137 60.82 26.70 48.79
N PRO D 138 61.43 25.57 48.31
CA PRO D 138 60.59 24.40 48.18
C PRO D 138 60.17 23.71 49.49
N LEU D 139 59.40 22.62 49.36
CA LEU D 139 59.02 21.78 50.51
C LEU D 139 60.13 20.82 50.85
N THR D 140 60.08 20.31 52.06
CA THR D 140 61.13 19.44 52.61
C THR D 140 60.55 18.01 52.80
N MET D 141 61.37 16.97 52.67
CA MET D 141 60.88 15.58 52.91
C MET D 141 60.31 15.32 54.33
N LYS D 142 60.61 16.21 55.28
CA LYS D 142 60.02 16.13 56.62
C LYS D 142 58.54 16.50 56.63
N GLN D 143 58.14 17.44 55.76
CA GLN D 143 56.75 17.82 55.57
C GLN D 143 55.90 16.63 55.14
N VAL D 144 56.53 15.62 54.54
CA VAL D 144 55.79 14.55 53.87
C VAL D 144 55.56 13.45 54.86
N LEU D 145 56.56 13.15 55.67
CA LEU D 145 56.33 12.24 56.80
C LEU D 145 55.21 12.83 57.71
N SER D 146 55.21 14.11 57.83
CA SER D 146 54.30 14.81 58.73
C SER D 146 52.84 14.66 58.24
N GLY D 147 52.61 14.82 56.94
CA GLY D 147 51.28 14.57 56.30
C GLY D 147 50.86 13.12 56.26
N MET D 148 51.87 12.26 56.19
CA MET D 148 51.72 10.83 56.22
C MET D 148 51.32 10.35 57.67
N ILE D 149 51.95 10.92 58.70
CA ILE D 149 51.54 10.69 60.09
C ILE D 149 50.11 11.13 60.35
N LYS D 150 49.75 12.33 59.88
CA LYS D 150 48.39 12.86 60.07
C LYS D 150 47.32 12.05 59.27
N ALA D 151 47.72 11.47 58.12
CA ALA D 151 46.78 10.82 57.17
C ALA D 151 46.51 9.45 57.62
N HIS D 152 47.54 8.84 58.22
CA HIS D 152 47.35 7.55 58.97
C HIS D 152 46.35 7.78 60.12
N GLU D 153 46.48 8.91 60.80
CA GLU D 153 45.73 9.13 62.00
C GLU D 153 44.25 9.19 61.68
N ILE D 154 43.90 10.01 60.70
CA ILE D 154 42.48 10.25 60.40
C ILE D 154 41.81 9.02 59.82
N GLN D 155 42.46 8.39 58.87
CA GLN D 155 41.91 7.14 58.34
C GLN D 155 41.78 6.15 59.50
N GLY D 156 42.87 5.94 60.24
CA GLY D 156 42.95 4.83 61.20
C GLY D 156 42.03 4.96 62.41
N CYS D 157 41.85 6.18 62.89
CA CYS D 157 41.02 6.40 64.09
C CYS D 157 39.52 6.22 63.79
N ILE D 158 39.07 6.70 62.63
CA ILE D 158 37.71 6.46 62.20
C ILE D 158 37.47 4.98 61.97
N ALA D 159 38.50 4.27 61.51
CA ALA D 159 38.40 2.82 61.23
C ALA D 159 38.35 1.90 62.49
N LEU D 160 38.67 2.47 63.67
CA LEU D 160 38.72 1.70 64.93
C LEU D 160 37.39 1.06 65.29
N GLU D 161 36.31 1.80 65.10
CA GLU D 161 35.02 1.35 65.55
C GLU D 161 33.94 1.37 64.50
N ASN D 162 34.23 2.00 63.37
CA ASN D 162 33.25 2.16 62.31
C ASN D 162 33.60 1.26 61.14
N ALA D 163 32.73 0.29 60.87
CA ALA D 163 32.96 -0.70 59.82
C ALA D 163 32.11 -0.40 58.59
N PHE D 164 32.75 -0.07 57.49
CA PHE D 164 32.02 0.33 56.28
C PHE D 164 31.68 -0.87 55.42
N ASN D 165 32.28 -2.03 55.73
CA ASN D 165 32.00 -3.27 54.99
C ASN D 165 30.66 -3.91 55.34
N ARG D 166 30.19 -3.67 56.56
CA ARG D 166 28.86 -4.14 56.97
C ARG D 166 27.75 -3.33 56.35
N VAL D 167 28.09 -2.26 55.61
CA VAL D 167 27.10 -1.47 54.88
C VAL D 167 27.32 -1.50 53.36
N GLY D 168 28.33 -2.25 52.92
CA GLY D 168 28.48 -2.60 51.50
C GLY D 168 29.53 -1.80 50.76
N LEU D 169 30.20 -0.90 51.47
CA LEU D 169 31.12 0.06 50.84
C LEU D 169 32.57 -0.32 51.05
N ASP D 170 33.43 0.16 50.15
CA ASP D 170 34.85 -0.14 50.22
C ASP D 170 35.54 0.84 51.16
N HIS D 171 36.60 0.36 51.80
CA HIS D 171 37.29 1.10 52.87
C HIS D 171 38.06 2.32 52.32
N VAL D 172 38.32 2.30 51.01
CA VAL D 172 39.06 3.39 50.32
C VAL D 172 38.40 4.78 50.51
N LEU D 173 37.13 4.76 50.89
CA LEU D 173 36.43 5.91 51.39
C LEU D 173 37.21 6.74 52.41
N LEU D 174 37.92 6.07 53.31
CA LEU D 174 38.67 6.78 54.36
C LEU D 174 40.01 7.31 53.80
N VAL D 175 40.39 6.85 52.61
CA VAL D 175 41.58 7.38 51.91
C VAL D 175 41.21 8.68 51.22
N LYS D 176 40.08 8.65 50.49
CA LYS D 176 39.46 9.87 49.91
C LYS D 176 39.50 11.00 50.95
N VAL D 177 39.01 10.69 52.15
CA VAL D 177 38.80 11.69 53.21
C VAL D 177 40.12 12.21 53.80
N ALA D 178 41.05 11.28 54.02
CA ALA D 178 42.27 11.61 54.76
C ALA D 178 43.19 12.43 53.90
N SER D 179 43.32 12.01 52.65
CA SER D 179 44.07 12.72 51.65
C SER D 179 43.52 14.13 51.39
N THR D 180 42.21 14.30 51.26
CA THR D 180 41.61 15.57 50.87
C THR D 180 41.90 16.56 51.98
N ALA D 181 42.01 16.05 53.19
CA ALA D 181 42.20 16.89 54.34
C ALA D 181 43.63 17.42 54.43
N VAL D 182 44.61 16.51 54.30
CA VAL D 182 46.03 16.89 54.50
C VAL D 182 46.58 17.61 53.24
N VAL D 183 46.12 17.18 52.05
CA VAL D 183 46.50 17.86 50.81
C VAL D 183 45.91 19.30 50.69
N ALA D 184 44.65 19.48 51.07
CA ALA D 184 44.09 20.84 51.14
C ALA D 184 44.93 21.75 52.06
N GLU D 185 45.44 21.18 53.16
CA GLU D 185 46.28 21.96 54.10
C GLU D 185 47.56 22.27 53.36
N MET D 186 48.19 21.23 52.82
CA MET D 186 49.44 21.36 52.04
C MET D 186 49.34 22.46 50.95
N LEU D 187 48.23 22.48 50.21
CA LEU D 187 48.02 23.54 49.20
C LEU D 187 47.86 24.90 49.84
N GLY D 188 47.84 24.95 51.17
CA GLY D 188 47.82 26.24 51.90
C GLY D 188 46.47 26.91 52.03
N LEU D 189 45.41 26.14 52.21
CA LEU D 189 44.07 26.68 52.32
C LEU D 189 43.65 27.12 53.69
N THR D 190 42.59 27.93 53.72
CA THR D 190 42.04 28.50 54.93
C THR D 190 41.09 27.53 55.63
N ARG D 191 40.80 27.77 56.91
CA ARG D 191 39.90 26.88 57.67
C ARG D 191 38.68 26.60 56.80
N ASP D 192 37.97 27.69 56.47
CA ASP D 192 36.73 27.62 55.71
C ASP D 192 36.92 26.74 54.46
N GLU D 193 38.04 26.88 53.79
CA GLU D 193 38.26 26.15 52.53
C GLU D 193 38.50 24.66 52.70
N ILE D 194 39.22 24.33 53.76
CA ILE D 194 39.51 22.96 54.11
C ILE D 194 38.20 22.30 54.63
N LEU D 195 37.39 23.05 55.39
CA LEU D 195 36.09 22.63 55.83
C LEU D 195 35.21 22.28 54.55
N ASN D 196 35.29 23.11 53.52
CA ASN D 196 34.53 22.85 52.29
C ASN D 196 35.00 21.60 51.57
N ALA D 197 36.32 21.42 51.52
CA ALA D 197 36.95 20.32 50.73
C ALA D 197 36.61 18.98 51.30
N VAL D 198 36.71 18.87 52.62
CA VAL D 198 36.34 17.65 53.34
C VAL D 198 34.85 17.30 53.17
N SER D 199 33.99 18.30 53.29
CA SER D 199 32.55 18.10 53.13
C SER D 199 32.27 17.60 51.72
N LEU D 200 33.03 18.08 50.74
CA LEU D 200 32.84 17.62 49.35
C LEU D 200 33.23 16.13 49.21
N ALA D 201 34.27 15.69 49.90
CA ALA D 201 34.62 14.26 49.95
C ALA D 201 33.43 13.37 50.40
N TRP D 202 32.73 13.76 51.48
CA TRP D 202 31.67 12.94 52.06
C TRP D 202 30.48 12.80 51.12
N VAL D 203 30.16 13.85 50.37
CA VAL D 203 28.97 13.85 49.52
C VAL D 203 29.18 13.18 48.17
N ASP D 204 30.45 13.02 47.82
CA ASP D 204 30.82 12.37 46.54
C ASP D 204 30.23 10.97 46.56
N GLY D 205 30.54 10.16 45.58
CA GLY D 205 30.13 8.75 45.63
C GLY D 205 31.15 7.78 46.18
N GLN D 206 30.70 6.67 46.72
CA GLN D 206 31.60 5.70 47.30
C GLN D 206 31.56 4.36 46.59
N SER D 207 32.71 3.93 46.09
CA SER D 207 32.88 2.58 45.49
C SER D 207 32.33 1.45 46.36
N LEU D 208 31.60 0.52 45.74
CA LEU D 208 31.24 -0.74 46.38
C LEU D 208 32.48 -1.57 46.62
N ARG D 209 32.30 -2.78 47.18
CA ARG D 209 33.44 -3.74 47.29
C ARG D 209 33.20 -5.03 46.53
N THR D 210 32.28 -4.99 45.57
CA THR D 210 31.96 -6.09 44.68
C THR D 210 33.22 -6.75 44.15
N TYR D 211 34.18 -5.93 43.73
CA TYR D 211 35.44 -6.41 43.10
C TYR D 211 36.38 -7.17 44.03
N ARG D 212 36.00 -7.26 45.31
CA ARG D 212 36.84 -7.88 46.31
C ARG D 212 36.34 -9.24 46.69
N HIS D 213 35.17 -9.63 46.19
CA HIS D 213 34.51 -10.87 46.67
C HIS D 213 34.17 -11.83 45.53
N ALA D 214 34.28 -13.12 45.80
CA ALA D 214 33.81 -14.15 44.86
C ALA D 214 32.31 -13.95 44.64
N PRO D 215 31.85 -13.98 43.39
CA PRO D 215 32.60 -14.45 42.20
C PRO D 215 33.09 -13.33 41.26
N ASN D 216 33.35 -12.14 41.81
CA ASN D 216 33.73 -10.98 41.01
C ASN D 216 35.13 -10.45 41.35
N THR D 217 35.88 -11.18 42.16
CA THR D 217 37.20 -10.73 42.58
C THR D 217 38.05 -10.37 41.36
N GLY D 218 38.66 -9.18 41.38
CA GLY D 218 39.29 -8.60 40.18
C GLY D 218 40.28 -7.50 40.52
N THR D 219 40.89 -6.92 39.48
CA THR D 219 42.12 -6.12 39.65
C THR D 219 41.88 -4.63 40.03
N ARG D 220 40.61 -4.28 40.22
CA ARG D 220 40.25 -3.02 40.86
C ARG D 220 40.51 -3.08 42.38
N LYS D 221 40.73 -4.29 42.90
CA LYS D 221 41.15 -4.45 44.28
C LYS D 221 42.50 -3.78 44.50
N SER D 222 43.26 -3.67 43.42
CA SER D 222 44.59 -3.14 43.49
C SER D 222 44.62 -1.64 43.27
N TRP D 223 43.68 -1.12 42.47
CA TRP D 223 43.77 0.30 42.15
C TRP D 223 42.71 1.24 42.73
N ALA D 224 41.80 0.66 43.49
CA ALA D 224 40.65 1.41 44.04
C ALA D 224 41.16 2.49 44.98
N ALA D 225 42.16 2.16 45.79
CA ALA D 225 42.75 3.14 46.72
C ALA D 225 43.49 4.29 45.97
N GLY D 226 44.19 3.95 44.91
CA GLY D 226 44.92 4.96 44.14
C GLY D 226 43.97 5.97 43.47
N ASP D 227 42.78 5.48 43.14
CA ASP D 227 41.77 6.32 42.50
C ASP D 227 41.18 7.28 43.52
N ALA D 228 41.24 6.88 44.78
CA ALA D 228 40.68 7.68 45.90
C ALA D 228 41.56 8.86 46.28
N THR D 229 42.85 8.59 46.43
CA THR D 229 43.82 9.59 46.80
C THR D 229 44.01 10.63 45.68
N SER D 230 43.98 10.17 44.42
CA SER D 230 43.89 11.06 43.25
C SER D 230 42.62 11.92 43.27
N ARG D 231 41.49 11.28 43.58
CA ARG D 231 40.22 12.01 43.76
C ARG D 231 40.25 13.07 44.83
N ALA D 232 40.95 12.77 45.91
CA ALA D 232 41.22 13.71 46.99
C ALA D 232 41.92 14.96 46.42
N VAL D 233 42.96 14.76 45.59
CA VAL D 233 43.73 15.90 45.07
C VAL D 233 42.89 16.74 44.12
N ARG D 234 42.07 16.09 43.30
CA ARG D 234 41.18 16.83 42.40
C ARG D 234 40.18 17.73 43.17
N LEU D 235 39.69 17.24 44.31
CA LEU D 235 38.69 17.94 45.08
C LEU D 235 39.30 19.06 45.95
N ALA D 236 40.52 18.87 46.44
CA ALA D 236 41.22 19.90 47.14
C ALA D 236 41.46 21.10 46.22
N LEU D 237 41.93 20.84 45.01
CA LEU D 237 42.21 21.91 44.08
C LEU D 237 40.91 22.63 43.65
N MET D 238 39.74 21.99 43.86
CA MET D 238 38.45 22.68 43.57
C MET D 238 38.11 23.68 44.63
N ALA D 239 38.26 23.25 45.88
CA ALA D 239 38.30 24.13 47.05
C ALA D 239 39.25 25.32 46.90
N LYS D 240 40.41 25.12 46.27
CA LYS D 240 41.38 26.17 46.01
C LYS D 240 40.77 27.30 45.16
N THR D 241 39.74 26.96 44.34
CA THR D 241 38.92 27.91 43.49
C THR D 241 38.03 28.82 44.29
N GLY D 242 37.65 28.37 45.48
CA GLY D 242 36.59 29.04 46.25
C GLY D 242 35.29 28.23 46.31
N GLU D 243 35.35 26.95 45.88
CA GLU D 243 34.17 26.13 45.67
C GLU D 243 33.50 25.75 46.98
N MET D 244 32.20 25.95 47.03
CA MET D 244 31.51 25.93 48.31
C MET D 244 31.38 24.52 48.89
N GLY D 245 31.13 24.46 50.19
CA GLY D 245 30.98 23.19 50.88
C GLY D 245 29.54 22.92 51.31
N TYR D 246 29.35 21.76 51.93
CA TYR D 246 28.01 21.30 52.29
C TYR D 246 28.00 20.92 53.75
N PRO D 247 27.54 21.84 54.61
CA PRO D 247 27.86 21.83 56.06
C PRO D 247 27.31 20.63 56.81
N SER D 248 26.07 20.25 56.51
CA SER D 248 25.44 19.10 57.17
C SER D 248 25.49 17.86 56.31
N ALA D 249 26.67 17.60 55.76
CA ALA D 249 26.88 16.49 54.78
C ALA D 249 26.69 15.10 55.39
N LEU D 250 27.05 14.94 56.67
CA LEU D 250 26.82 13.69 57.39
C LEU D 250 25.38 13.64 58.03
N THR D 251 25.00 14.67 58.78
CA THR D 251 23.91 14.58 59.78
C THR D 251 22.62 15.02 59.11
N ALA D 252 22.66 15.31 57.81
CA ALA D 252 21.43 15.94 57.17
C ALA D 252 20.33 14.91 57.11
N LYS D 253 19.11 15.33 57.47
CA LYS D 253 17.93 14.44 57.47
C LYS D 253 17.57 13.99 56.06
N THR D 254 17.34 12.68 55.89
CA THR D 254 16.98 12.07 54.60
C THR D 254 18.12 12.03 53.56
N TRP D 255 18.76 13.17 53.35
CA TRP D 255 19.71 13.31 52.27
C TRP D 255 21.17 13.09 52.74
N GLY D 256 21.52 13.50 53.97
CA GLY D 256 22.88 13.39 54.45
C GLY D 256 23.42 11.97 54.36
N PHE D 257 24.70 11.81 54.74
CA PHE D 257 25.39 10.52 54.54
C PHE D 257 24.87 9.47 55.51
N TYR D 258 24.65 9.88 56.77
CA TYR D 258 24.26 8.93 57.82
C TYR D 258 22.99 8.20 57.38
N ASP D 259 22.02 8.95 56.87
CA ASP D 259 20.73 8.35 56.50
C ASP D 259 20.83 7.46 55.25
N VAL D 260 21.63 7.87 54.27
CA VAL D 260 21.66 7.18 52.97
C VAL D 260 22.58 5.96 52.98
N SER D 261 23.69 6.04 53.73
CA SER D 261 24.78 5.06 53.61
C SER D 261 25.11 4.32 54.91
N PHE D 262 24.71 4.88 56.06
CA PHE D 262 25.09 4.32 57.36
C PHE D 262 23.89 3.96 58.24
N LYS D 263 22.74 3.74 57.60
CA LYS D 263 21.53 3.26 58.28
C LYS D 263 21.11 4.10 59.51
N GLY D 264 21.21 5.43 59.38
CA GLY D 264 20.73 6.34 60.43
C GLY D 264 21.64 6.44 61.66
N GLU D 265 22.62 5.54 61.75
CA GLU D 265 23.59 5.54 62.85
C GLU D 265 24.66 6.64 62.68
N THR D 266 25.29 7.01 63.80
CA THR D 266 26.36 8.03 63.83
C THR D 266 27.77 7.39 63.90
N PHE D 267 28.75 8.03 63.25
CA PHE D 267 30.13 7.61 63.37
C PHE D 267 30.50 7.78 64.82
N ARG D 268 31.08 6.73 65.40
CA ARG D 268 31.43 6.74 66.81
C ARG D 268 32.95 6.65 66.98
N PHE D 269 33.56 7.72 67.46
CA PHE D 269 35.01 7.79 67.58
C PHE D 269 35.44 7.63 69.04
N GLN D 270 36.22 6.59 69.34
CA GLN D 270 36.64 6.29 70.72
C GLN D 270 37.63 7.32 71.34
N ARG D 271 38.66 7.70 70.58
CA ARG D 271 39.76 8.51 71.11
C ARG D 271 40.07 9.70 70.20
N PRO D 272 40.73 10.72 70.76
CA PRO D 272 41.09 11.91 69.99
C PRO D 272 42.33 11.72 69.08
N TYR D 273 42.42 12.49 68.00
CA TYR D 273 43.48 12.27 67.02
C TYR D 273 44.84 12.66 67.62
N GLY D 274 45.85 11.83 67.39
CA GLY D 274 47.23 12.16 67.80
C GLY D 274 48.31 11.54 66.94
N SER D 275 49.21 10.78 67.58
CA SER D 275 50.30 10.04 66.87
C SER D 275 50.11 8.50 66.97
N TYR D 276 48.88 8.06 67.20
CA TYR D 276 48.60 6.70 67.64
C TYR D 276 48.69 5.61 66.54
N VAL D 277 48.24 5.92 65.34
CA VAL D 277 48.21 4.94 64.26
C VAL D 277 49.63 4.65 63.71
N MET D 278 50.37 5.69 63.31
CA MET D 278 51.69 5.46 62.72
C MET D 278 52.60 4.74 63.72
N GLU D 279 52.36 4.95 65.01
CA GLU D 279 53.20 4.33 66.04
C GLU D 279 52.99 2.83 66.05
N ASN D 280 51.74 2.41 65.83
CA ASN D 280 51.35 1.00 65.97
C ASN D 280 50.98 0.30 64.67
N VAL D 281 51.46 0.82 63.54
CA VAL D 281 51.10 0.24 62.24
C VAL D 281 51.82 -1.10 62.00
N LEU D 282 51.23 -1.96 61.16
CA LEU D 282 51.79 -3.30 60.87
C LEU D 282 52.51 -3.30 59.53
N PHE D 283 53.64 -3.99 59.47
CA PHE D 283 54.44 -4.07 58.24
C PHE D 283 54.52 -5.50 57.71
N LYS D 284 54.30 -5.67 56.41
CA LYS D 284 54.51 -6.95 55.73
C LYS D 284 55.98 -7.11 55.30
N ILE D 285 56.83 -7.49 56.25
CA ILE D 285 58.28 -7.55 56.04
C ILE D 285 58.82 -8.98 56.23
N SER D 286 57.94 -9.99 56.19
CA SER D 286 58.33 -11.42 56.16
C SER D 286 58.08 -12.01 54.77
N PRO D 425 54.29 -10.38 66.19
CA PRO D 425 55.16 -10.75 65.08
C PRO D 425 56.31 -9.78 64.84
N ILE D 426 57.15 -10.10 63.87
CA ILE D 426 58.27 -9.24 63.44
C ILE D 426 57.83 -7.84 62.96
N GLY D 427 56.78 -7.81 62.15
CA GLY D 427 56.25 -6.56 61.62
C GLY D 427 55.49 -5.71 62.63
N HIS D 428 55.47 -6.18 63.88
CA HIS D 428 54.77 -5.49 64.97
C HIS D 428 55.59 -4.33 65.55
N ALA D 429 54.93 -3.48 66.35
CA ALA D 429 55.55 -2.30 66.96
C ALA D 429 56.57 -2.61 68.08
N ARG D 430 56.39 -3.73 68.79
CA ARG D 430 57.28 -4.09 69.88
C ARG D 430 58.52 -4.81 69.38
N ARG D 431 58.44 -5.39 68.18
CA ARG D 431 59.53 -6.21 67.66
C ARG D 431 60.32 -5.50 66.56
N ARG D 432 60.34 -4.16 66.61
CA ARG D 432 60.96 -3.33 65.58
C ARG D 432 62.48 -3.46 65.50
N ALA D 433 63.12 -4.05 66.51
CA ALA D 433 64.56 -4.30 66.44
C ALA D 433 64.83 -5.56 65.61
N ASP D 434 63.86 -6.47 65.59
CA ASP D 434 63.90 -7.59 64.67
C ASP D 434 63.49 -7.18 63.23
N GLY D 435 62.38 -6.47 63.12
CA GLY D 435 61.76 -6.14 61.84
C GLY D 435 62.39 -5.01 61.00
N ILE D 436 63.08 -4.07 61.64
CA ILE D 436 63.65 -2.94 60.89
C ILE D 436 64.72 -3.41 59.89
N PRO D 437 65.63 -4.32 60.32
CA PRO D 437 66.68 -4.85 59.44
C PRO D 437 66.10 -5.69 58.31
N LYS D 438 64.96 -6.31 58.55
CA LYS D 438 64.32 -7.10 57.52
C LYS D 438 63.68 -6.17 56.49
N LEU D 439 63.20 -5.02 56.97
CA LEU D 439 62.63 -3.98 56.10
C LEU D 439 63.65 -3.41 55.15
N ILE D 440 64.84 -3.12 55.67
CA ILE D 440 65.90 -2.48 54.87
C ILE D 440 66.34 -3.38 53.70
N GLU D 441 66.34 -4.70 53.91
CA GLU D 441 66.65 -5.66 52.79
C GLU D 441 65.54 -5.66 51.75
N LYS D 442 64.30 -5.70 52.20
CA LYS D 442 63.16 -5.66 51.27
C LYS D 442 63.25 -4.40 50.39
N PHE D 443 63.57 -3.28 51.04
CA PHE D 443 63.78 -2.02 50.32
C PHE D 443 64.97 -2.13 49.38
N LYS D 444 65.99 -2.81 49.85
CA LYS D 444 67.18 -3.04 49.05
C LYS D 444 66.92 -3.94 47.84
N ILE D 445 66.21 -5.04 48.07
CA ILE D 445 65.94 -5.97 47.00
C ILE D 445 65.09 -5.32 45.89
N ASN D 446 64.19 -4.41 46.28
CA ASN D 446 63.30 -3.77 45.33
C ASN D 446 63.98 -2.65 44.51
N LEU D 447 64.94 -1.94 45.11
CA LEU D 447 65.72 -0.97 44.35
C LEU D 447 66.49 -1.69 43.25
N ALA D 448 66.94 -2.89 43.55
CA ALA D 448 67.72 -3.65 42.62
C ALA D 448 66.92 -3.97 41.36
N ARG D 449 65.59 -3.98 41.48
CA ARG D 449 64.74 -4.50 40.43
C ARG D 449 64.28 -3.48 39.41
N GLN D 450 64.59 -2.21 39.63
CA GLN D 450 64.44 -1.22 38.57
C GLN D 450 65.73 -0.43 38.30
N PHE D 451 66.61 -0.33 39.32
CA PHE D 451 67.81 0.58 39.26
C PHE D 451 69.14 -0.17 39.31
N PRO D 452 70.13 0.25 38.49
CA PRO D 452 71.47 -0.31 38.44
C PRO D 452 72.21 0.20 39.70
N THR D 453 73.32 -0.44 40.01
CA THR D 453 74.10 -0.37 41.30
C THR D 453 74.41 1.09 41.73
N ARG D 454 75.03 1.90 40.86
CA ARG D 454 75.40 3.30 41.24
C ARG D 454 74.18 4.04 41.75
N GLN D 455 73.09 3.95 40.99
CA GLN D 455 71.87 4.65 41.34
C GLN D 455 71.29 4.11 42.63
N GLN D 456 71.08 2.79 42.65
CA GLN D 456 70.55 2.11 43.83
C GLN D 456 71.43 2.52 45.00
N GLN D 457 72.73 2.65 44.78
CA GLN D 457 73.61 3.19 45.82
C GLN D 457 73.22 4.65 46.21
N ARG D 458 73.14 5.56 45.25
CA ARG D 458 73.10 6.95 45.57
C ARG D 458 71.75 7.31 46.11
N ILE D 459 70.75 6.50 45.84
CA ILE D 459 69.48 6.55 46.60
C ILE D 459 69.63 6.08 48.03
N LEU D 460 70.26 4.91 48.19
CA LEU D 460 70.47 4.33 49.55
C LEU D 460 71.34 5.20 50.45
N ASP D 461 72.27 5.96 49.86
CA ASP D 461 73.04 6.88 50.66
C ASP D 461 71.89 7.64 51.29
N VAL D 462 71.39 8.74 50.68
CA VAL D 462 70.49 9.75 51.40
C VAL D 462 69.45 9.08 52.30
N SER D 463 68.89 7.95 51.86
CA SER D 463 67.60 7.48 52.38
C SER D 463 67.73 6.82 53.77
N LEU D 464 68.83 6.08 53.99
CA LEU D 464 68.93 5.26 55.20
C LEU D 464 69.31 6.12 56.43
N ASP D 465 69.49 7.43 56.26
CA ASP D 465 69.72 8.36 57.38
C ASP D 465 68.54 9.32 57.54
N ARG D 466 67.90 9.29 58.71
CA ARG D 466 66.64 10.03 58.94
C ARG D 466 66.79 11.58 58.80
N ALA D 467 67.72 12.17 59.54
CA ALA D 467 68.27 13.45 59.12
C ALA D 467 69.03 13.20 57.84
N ARG D 468 69.24 14.24 57.05
CA ARG D 468 69.73 14.06 55.67
C ARG D 468 68.58 13.89 54.72
N LEU D 469 67.74 12.88 54.95
CA LEU D 469 66.49 12.72 54.20
C LEU D 469 65.50 13.84 54.56
N GLU D 470 65.25 13.99 55.87
CA GLU D 470 64.33 15.02 56.38
C GLU D 470 64.59 16.35 55.72
N GLN D 471 65.86 16.75 55.67
CA GLN D 471 66.28 18.10 55.30
C GLN D 471 66.24 18.32 53.80
N MET D 472 66.04 17.25 53.05
CA MET D 472 66.22 17.32 51.61
C MET D 472 64.94 17.75 50.93
N PRO D 473 65.07 18.72 50.05
CA PRO D 473 63.96 19.18 49.24
C PRO D 473 63.30 18.08 48.33
N VAL D 474 61.95 18.00 48.33
CA VAL D 474 61.26 16.78 47.80
C VAL D 474 61.43 16.62 46.30
N ASN D 475 61.52 17.73 45.60
CA ASN D 475 61.94 17.66 44.18
C ASN D 475 63.29 16.96 43.96
N GLU D 476 64.24 17.21 44.86
CA GLU D 476 65.60 16.66 44.72
C GLU D 476 65.73 15.16 45.00
N TYR D 477 65.05 14.72 46.03
CA TYR D 477 64.89 13.32 46.28
C TYR D 477 64.26 12.54 45.13
N LEU D 478 63.04 12.92 44.75
CA LEU D 478 62.31 12.18 43.72
C LEU D 478 63.10 12.20 42.38
N ASP D 479 63.87 13.26 42.12
CA ASP D 479 64.88 13.20 41.00
C ASP D 479 65.85 11.96 41.06
N LEU D 480 66.30 11.60 42.25
CA LEU D 480 67.15 10.40 42.40
C LEU D 480 66.52 9.12 41.81
N TYR D 481 65.19 9.12 41.70
CA TYR D 481 64.46 7.94 41.26
C TYR D 481 64.11 7.93 39.74
N VAL D 482 64.72 8.81 38.95
CA VAL D 482 64.43 8.78 37.52
C VAL D 482 65.38 7.89 36.76
N ASP E 11 -39.33 20.56 -12.86
CA ASP E 11 -39.03 19.43 -13.79
C ASP E 11 -37.53 19.07 -13.70
N PHE E 12 -37.22 17.78 -13.69
CA PHE E 12 -35.89 17.33 -13.28
C PHE E 12 -34.80 17.50 -14.34
N ASP E 13 -33.57 17.71 -13.88
CA ASP E 13 -32.44 17.87 -14.77
C ASP E 13 -32.37 16.66 -15.64
N ARG E 14 -32.21 16.89 -16.94
CA ARG E 14 -32.27 15.79 -17.93
C ARG E 14 -31.19 14.72 -17.72
N GLU E 15 -30.10 15.09 -17.05
CA GLU E 15 -29.06 14.13 -16.66
C GLU E 15 -29.61 13.05 -15.72
N ILE E 16 -30.46 13.47 -14.78
CA ILE E 16 -31.06 12.58 -13.79
C ILE E 16 -32.15 11.71 -14.41
N VAL E 17 -32.93 12.29 -15.32
CA VAL E 17 -33.97 11.55 -16.07
C VAL E 17 -33.42 10.41 -16.91
N ASP E 18 -32.26 10.64 -17.50
CA ASP E 18 -31.64 9.65 -18.37
C ASP E 18 -31.15 8.43 -17.56
N ILE E 19 -30.66 8.68 -16.34
CA ILE E 19 -30.34 7.61 -15.39
C ILE E 19 -31.66 6.87 -15.01
N VAL E 20 -32.62 7.60 -14.46
CA VAL E 20 -33.82 6.95 -13.95
C VAL E 20 -34.49 6.04 -14.97
N ASP E 21 -34.57 6.50 -16.22
CA ASP E 21 -35.20 5.76 -17.31
C ASP E 21 -34.41 4.52 -17.76
N TYR E 22 -33.10 4.67 -17.82
CA TYR E 22 -32.22 3.56 -18.06
C TYR E 22 -32.43 2.43 -17.04
N VAL E 23 -32.35 2.78 -15.74
CA VAL E 23 -32.48 1.80 -14.65
C VAL E 23 -33.87 1.20 -14.62
N MET E 24 -34.89 1.96 -15.02
CA MET E 24 -36.25 1.46 -14.89
C MET E 24 -36.68 0.62 -16.07
N ASN E 25 -36.30 1.06 -17.26
CA ASN E 25 -36.92 0.53 -18.47
C ASN E 25 -36.01 -0.23 -19.41
N TYR E 26 -34.70 -0.11 -19.26
CA TYR E 26 -33.76 -0.76 -20.19
C TYR E 26 -33.66 -2.27 -19.95
N GLU E 27 -33.79 -3.04 -21.03
CA GLU E 27 -33.63 -4.50 -20.95
C GLU E 27 -32.29 -4.93 -21.56
N ILE E 28 -31.40 -5.42 -20.72
CA ILE E 28 -30.14 -6.00 -21.20
C ILE E 28 -30.57 -7.13 -22.15
N THR E 29 -29.84 -7.27 -23.26
CA THR E 29 -29.99 -8.46 -24.09
C THR E 29 -28.66 -9.08 -24.50
N SER E 30 -27.58 -8.73 -23.81
CA SER E 30 -26.22 -9.17 -24.19
C SER E 30 -25.70 -10.37 -23.39
N LYS E 31 -25.73 -11.56 -23.98
CA LYS E 31 -25.10 -12.74 -23.37
C LYS E 31 -23.68 -12.39 -22.87
N VAL E 32 -22.94 -11.65 -23.68
CA VAL E 32 -21.56 -11.30 -23.36
C VAL E 32 -21.47 -10.50 -22.03
N ALA E 33 -22.47 -9.65 -21.81
CA ALA E 33 -22.53 -8.83 -20.59
C ALA E 33 -22.91 -9.62 -19.34
N TYR E 34 -23.76 -10.62 -19.50
CA TYR E 34 -24.15 -11.45 -18.36
C TYR E 34 -23.04 -12.46 -18.04
N ASP E 35 -22.45 -13.05 -19.06
CA ASP E 35 -21.34 -13.99 -18.85
C ASP E 35 -20.19 -13.34 -18.09
N THR E 36 -19.96 -12.06 -18.37
CA THR E 36 -18.85 -11.31 -17.76
C THR E 36 -19.25 -10.81 -16.38
N ALA E 37 -20.52 -10.45 -16.24
CA ALA E 37 -21.09 -10.16 -14.93
C ALA E 37 -20.86 -11.35 -13.99
N HIS E 38 -21.11 -12.55 -14.50
CA HIS E 38 -20.99 -13.76 -13.69
C HIS E 38 -19.57 -13.93 -13.09
N TYR E 39 -18.53 -13.63 -13.88
CA TYR E 39 -17.15 -13.80 -13.42
C TYR E 39 -16.71 -12.65 -12.53
N CYS E 40 -17.33 -11.49 -12.73
CA CYS E 40 -17.00 -10.28 -11.96
C CYS E 40 -17.55 -10.37 -10.55
N LEU E 41 -18.66 -11.11 -10.40
CA LEU E 41 -19.25 -11.39 -9.12
C LEU E 41 -18.32 -12.24 -8.28
N LEU E 42 -17.88 -13.38 -8.81
CA LEU E 42 -17.14 -14.30 -7.96
C LEU E 42 -15.64 -13.92 -7.83
N ASP E 43 -15.13 -13.10 -8.73
CA ASP E 43 -13.86 -12.45 -8.53
C ASP E 43 -13.89 -11.51 -7.31
N THR E 44 -14.87 -10.62 -7.31
CA THR E 44 -14.99 -9.58 -6.30
C THR E 44 -15.21 -10.20 -4.93
N LEU E 45 -16.02 -11.26 -4.89
CA LEU E 45 -16.34 -11.91 -3.63
C LEU E 45 -15.10 -12.52 -2.99
N GLY E 46 -14.24 -13.10 -3.82
CA GLY E 46 -13.01 -13.71 -3.33
C GLY E 46 -12.01 -12.69 -2.83
N CYS E 47 -12.01 -11.51 -3.47
CA CYS E 47 -11.17 -10.41 -3.04
C CYS E 47 -11.55 -10.02 -1.61
N GLY E 48 -12.86 -9.93 -1.37
CA GLY E 48 -13.38 -9.66 -0.03
C GLY E 48 -12.93 -10.69 0.99
N LEU E 49 -12.97 -11.97 0.62
CA LEU E 49 -12.60 -13.04 1.53
C LEU E 49 -11.13 -12.86 1.97
N GLU E 50 -10.30 -12.41 1.04
CA GLU E 50 -8.85 -12.29 1.25
C GLU E 50 -8.51 -11.13 2.21
N ALA E 51 -9.32 -10.08 2.18
CA ALA E 51 -9.20 -8.93 3.08
C ALA E 51 -9.36 -9.33 4.57
N LEU E 52 -10.17 -10.37 4.81
CA LEU E 52 -10.45 -10.82 6.19
C LEU E 52 -9.21 -11.29 6.93
N GLU E 53 -8.16 -11.55 6.16
CA GLU E 53 -6.85 -11.87 6.73
C GLU E 53 -6.26 -10.70 7.53
N TYR E 54 -6.79 -9.51 7.33
CA TYR E 54 -6.06 -8.27 7.65
C TYR E 54 -6.78 -7.47 8.71
N PRO E 55 -6.25 -7.45 9.93
CA PRO E 55 -6.82 -6.74 11.08
C PRO E 55 -7.15 -5.23 10.89
N ALA E 56 -6.58 -4.59 9.87
CA ALA E 56 -6.96 -3.19 9.53
C ALA E 56 -8.35 -3.14 8.96
N CYS E 57 -8.65 -4.12 8.11
CA CYS E 57 -10.01 -4.27 7.61
C CYS E 57 -10.95 -4.63 8.75
N LYS E 58 -10.68 -5.74 9.41
CA LYS E 58 -11.66 -6.35 10.35
C LYS E 58 -12.14 -5.41 11.47
N LYS E 59 -11.23 -4.57 11.98
CA LYS E 59 -11.57 -3.59 13.02
C LYS E 59 -12.72 -2.65 12.60
N LEU E 60 -12.94 -2.51 11.29
CA LEU E 60 -13.98 -1.62 10.76
C LEU E 60 -15.32 -2.33 10.54
N LEU E 61 -15.36 -3.63 10.81
CA LEU E 61 -16.54 -4.47 10.45
C LEU E 61 -17.43 -4.81 11.64
N GLY E 62 -18.50 -5.58 11.36
CA GLY E 62 -19.49 -5.92 12.37
C GLY E 62 -20.54 -4.82 12.49
N PRO E 63 -21.38 -4.92 13.52
CA PRO E 63 -22.30 -3.86 13.79
C PRO E 63 -21.62 -2.76 14.53
N ILE E 64 -22.30 -1.63 14.64
CA ILE E 64 -21.86 -0.49 15.45
C ILE E 64 -21.68 -0.89 16.91
N VAL E 65 -22.58 -1.74 17.40
CA VAL E 65 -22.63 -2.11 18.79
C VAL E 65 -22.68 -3.62 18.88
N PRO E 66 -21.56 -4.26 19.25
CA PRO E 66 -21.65 -5.72 19.20
C PRO E 66 -22.78 -6.29 20.05
N GLY E 67 -23.42 -7.35 19.56
CA GLY E 67 -24.60 -7.93 20.23
C GLY E 67 -25.99 -7.46 19.77
N THR E 68 -26.06 -6.65 18.71
CA THR E 68 -27.34 -6.19 18.17
C THR E 68 -27.91 -7.34 17.42
N VAL E 69 -29.21 -7.64 17.56
CA VAL E 69 -29.85 -8.60 16.64
C VAL E 69 -30.88 -7.96 15.65
N VAL E 70 -30.65 -8.08 14.34
CA VAL E 70 -31.54 -7.53 13.31
C VAL E 70 -32.36 -8.61 12.58
N PRO E 71 -33.71 -8.58 12.74
CA PRO E 71 -34.64 -9.55 12.14
C PRO E 71 -34.56 -9.62 10.63
N ASN E 72 -34.42 -10.85 10.12
CA ASN E 72 -34.15 -11.12 8.70
C ASN E 72 -33.02 -10.23 8.10
N GLY E 73 -31.94 -10.01 8.85
CA GLY E 73 -30.94 -9.00 8.48
C GLY E 73 -29.91 -9.55 7.46
N ALA E 74 -29.29 -8.66 6.72
CA ALA E 74 -28.38 -9.04 5.62
C ALA E 74 -27.05 -9.65 6.08
N ARG E 75 -26.65 -10.73 5.43
CA ARG E 75 -25.43 -11.49 5.83
C ARG E 75 -24.10 -10.94 5.20
N VAL E 76 -23.02 -11.01 5.97
CA VAL E 76 -21.68 -10.67 5.49
C VAL E 76 -20.87 -11.95 5.26
N PRO E 77 -20.45 -12.21 4.02
CA PRO E 77 -19.77 -13.49 3.72
C PRO E 77 -18.47 -13.66 4.49
N GLY E 78 -18.24 -14.88 4.96
CA GLY E 78 -17.03 -15.18 5.76
C GLY E 78 -17.20 -15.02 7.26
N THR E 79 -18.42 -14.73 7.68
CA THR E 79 -18.70 -14.47 9.07
C THR E 79 -19.99 -15.08 9.48
N GLN E 80 -20.38 -14.82 10.75
CA GLN E 80 -21.72 -15.18 11.16
C GLN E 80 -22.59 -13.97 11.52
N PHE E 81 -22.15 -12.79 11.08
CA PHE E 81 -22.90 -11.57 11.27
C PHE E 81 -24.15 -11.55 10.43
N GLN E 82 -25.18 -10.88 10.92
CA GLN E 82 -26.38 -10.54 10.12
C GLN E 82 -26.84 -9.16 10.50
N LEU E 83 -26.75 -8.20 9.60
CA LEU E 83 -26.83 -6.77 9.99
C LEU E 83 -27.89 -6.03 9.19
N ASP E 84 -28.15 -4.76 9.52
CA ASP E 84 -29.10 -4.00 8.72
C ASP E 84 -28.47 -3.66 7.37
N PRO E 85 -29.29 -3.53 6.31
CA PRO E 85 -28.78 -3.48 4.94
C PRO E 85 -27.76 -2.34 4.68
N VAL E 86 -27.83 -1.27 5.49
CA VAL E 86 -26.83 -0.15 5.45
C VAL E 86 -25.48 -0.57 5.99
N GLN E 87 -25.43 -1.22 7.17
CA GLN E 87 -24.19 -1.67 7.76
C GLN E 87 -23.65 -2.88 7.12
N ALA E 88 -24.50 -3.62 6.44
CA ALA E 88 -24.04 -4.76 5.68
C ALA E 88 -23.36 -4.30 4.41
N ALA E 89 -23.89 -3.26 3.79
CA ALA E 89 -23.27 -2.74 2.55
C ALA E 89 -21.85 -2.22 2.75
N PHE E 90 -21.62 -1.51 3.84
CA PHE E 90 -20.28 -0.95 4.14
C PHE E 90 -19.29 -2.05 4.47
N ASN E 91 -19.79 -3.12 5.07
CA ASN E 91 -18.94 -4.28 5.42
C ASN E 91 -18.41 -4.95 4.11
N ILE E 92 -19.34 -5.21 3.20
CA ILE E 92 -19.00 -5.87 1.94
C ILE E 92 -18.17 -4.92 1.12
N GLY E 93 -18.61 -3.67 0.96
CA GLY E 93 -17.87 -2.72 0.14
C GLY E 93 -16.40 -2.69 0.60
N ALA E 94 -16.16 -2.50 1.89
CA ALA E 94 -14.84 -2.25 2.35
C ALA E 94 -13.96 -3.48 2.11
N MET E 95 -14.53 -4.65 2.34
CA MET E 95 -13.81 -5.89 2.14
C MET E 95 -13.37 -6.06 0.70
N ILE E 96 -14.29 -5.89 -0.25
CA ILE E 96 -13.96 -6.17 -1.67
C ILE E 96 -12.94 -5.19 -2.30
N ARG E 97 -12.82 -3.97 -1.76
CA ARG E 97 -11.94 -2.96 -2.37
C ARG E 97 -10.63 -2.81 -1.60
N TRP E 98 -10.52 -3.53 -0.47
CA TRP E 98 -9.50 -3.23 0.53
C TRP E 98 -8.09 -3.34 -0.03
N LEU E 99 -7.81 -4.43 -0.73
CA LEU E 99 -6.44 -4.72 -1.16
C LEU E 99 -6.12 -4.23 -2.58
N ASP E 100 -7.04 -3.50 -3.20
CA ASP E 100 -6.83 -2.97 -4.56
C ASP E 100 -6.59 -4.08 -5.60
N PHE E 101 -7.40 -5.14 -5.54
CA PHE E 101 -7.25 -6.29 -6.44
C PHE E 101 -8.54 -6.59 -7.24
N ASN E 102 -9.54 -5.70 -7.12
CA ASN E 102 -10.84 -5.91 -7.78
C ASN E 102 -10.88 -5.22 -9.15
N ASP E 103 -11.93 -5.47 -9.92
CA ASP E 103 -12.00 -5.03 -11.32
C ASP E 103 -11.89 -3.51 -11.42
N THR E 104 -11.63 -3.04 -12.64
CA THR E 104 -11.21 -1.65 -12.84
C THR E 104 -11.70 -1.07 -14.17
N TRP E 105 -11.87 0.26 -14.19
CA TRP E 105 -12.29 1.00 -15.39
C TRP E 105 -11.53 2.32 -15.47
N LEU E 106 -10.62 2.41 -16.44
CA LEU E 106 -9.81 3.62 -16.67
C LEU E 106 -10.31 4.50 -17.83
N ALA E 107 -10.63 5.76 -17.53
CA ALA E 107 -11.18 6.70 -18.51
C ALA E 107 -10.67 8.11 -18.21
N ALA E 108 -11.51 9.13 -18.40
CA ALA E 108 -11.21 10.46 -17.84
C ALA E 108 -11.14 10.36 -16.33
N GLU E 109 -11.96 9.48 -15.76
CA GLU E 109 -11.96 9.24 -14.33
C GLU E 109 -11.65 7.77 -14.05
N TRP E 110 -10.83 7.51 -13.03
CA TRP E 110 -10.39 6.13 -12.71
C TRP E 110 -11.15 5.57 -11.50
N GLY E 111 -11.73 4.37 -11.65
CA GLY E 111 -12.64 3.83 -10.65
C GLY E 111 -12.82 2.32 -10.72
N HIS E 112 -13.57 1.79 -9.76
CA HIS E 112 -13.80 0.35 -9.65
C HIS E 112 -15.29 0.04 -9.48
N PRO E 113 -16.00 -0.11 -10.60
CA PRO E 113 -17.44 -0.38 -10.69
C PRO E 113 -17.96 -1.57 -9.87
N SER E 114 -17.10 -2.54 -9.60
CA SER E 114 -17.51 -3.62 -8.70
C SER E 114 -17.84 -3.13 -7.26
N ASP E 115 -17.30 -1.98 -6.86
CA ASP E 115 -17.62 -1.44 -5.52
C ASP E 115 -19.11 -1.34 -5.24
N ASN E 116 -19.91 -1.27 -6.30
CA ASN E 116 -21.35 -1.13 -6.13
C ASN E 116 -22.05 -2.44 -5.65
N LEU E 117 -21.31 -3.57 -5.68
CA LEU E 117 -21.82 -4.87 -5.24
C LEU E 117 -22.34 -4.77 -3.81
N GLY E 118 -21.51 -4.18 -2.95
CA GLY E 118 -21.84 -3.94 -1.55
C GLY E 118 -23.27 -3.49 -1.41
N GLY E 119 -23.60 -2.37 -2.02
CA GLY E 119 -24.94 -1.82 -1.89
C GLY E 119 -25.95 -2.81 -2.41
N ILE E 120 -25.81 -3.14 -3.67
CA ILE E 120 -26.78 -3.96 -4.38
C ILE E 120 -26.96 -5.28 -3.64
N LEU E 121 -25.85 -5.89 -3.20
CA LEU E 121 -25.93 -7.28 -2.71
C LEU E 121 -26.45 -7.38 -1.28
N ALA E 122 -25.95 -6.53 -0.38
CA ALA E 122 -26.49 -6.45 0.97
C ALA E 122 -28.01 -6.21 0.89
N THR E 123 -28.41 -5.28 0.04
CA THR E 123 -29.81 -4.86 -0.01
C THR E 123 -30.70 -5.87 -0.78
N ALA E 124 -30.08 -6.80 -1.49
CA ALA E 124 -30.77 -7.89 -2.19
C ALA E 124 -31.00 -9.11 -1.29
N ASP E 125 -30.01 -9.41 -0.45
CA ASP E 125 -30.11 -10.48 0.57
C ASP E 125 -31.24 -10.20 1.56
N TRP E 126 -31.20 -8.99 2.12
CA TRP E 126 -32.25 -8.48 3.00
C TRP E 126 -33.66 -8.57 2.40
N LEU E 127 -33.90 -8.03 1.20
CA LEU E 127 -35.25 -8.11 0.59
C LEU E 127 -35.64 -9.62 0.37
N SER E 128 -34.67 -10.50 0.16
CA SER E 128 -34.95 -11.96 0.04
C SER E 128 -35.39 -12.75 1.38
N ARG E 129 -34.80 -12.33 2.53
CA ARG E 129 -35.03 -13.02 3.75
C ARG E 129 -36.44 -12.59 4.17
N ASN E 130 -36.79 -11.34 3.86
CA ASN E 130 -38.07 -10.76 4.26
C ASN E 130 -39.21 -11.39 3.46
N ALA E 131 -38.96 -11.59 2.17
CA ALA E 131 -39.96 -12.18 1.29
C ALA E 131 -40.22 -13.58 1.73
N VAL E 132 -39.14 -14.30 2.01
CA VAL E 132 -39.25 -15.74 2.29
C VAL E 132 -40.02 -15.93 3.61
N ALA E 133 -39.71 -15.12 4.62
CA ALA E 133 -40.46 -15.11 5.88
C ALA E 133 -41.98 -14.81 5.70
N ALA E 134 -42.34 -14.08 4.63
CA ALA E 134 -43.73 -13.64 4.41
C ALA E 134 -44.40 -14.59 3.38
N GLY E 135 -43.70 -15.68 3.09
CA GLY E 135 -44.21 -16.70 2.13
C GLY E 135 -44.28 -16.24 0.67
N LYS E 136 -43.48 -15.22 0.36
CA LYS E 136 -43.50 -14.58 -0.96
C LYS E 136 -42.23 -15.05 -1.70
N ALA E 137 -42.03 -14.60 -2.92
CA ALA E 137 -41.00 -15.16 -3.80
C ALA E 137 -39.71 -14.34 -3.71
N PRO E 138 -38.56 -14.98 -3.39
CA PRO E 138 -37.41 -14.12 -3.10
C PRO E 138 -36.82 -13.57 -4.37
N LEU E 139 -35.69 -12.86 -4.26
CA LEU E 139 -34.91 -12.48 -5.43
C LEU E 139 -34.01 -13.59 -5.88
N THR E 140 -33.65 -13.53 -7.14
CA THR E 140 -32.77 -14.58 -7.75
C THR E 140 -31.33 -13.95 -8.01
N MET E 141 -30.27 -14.76 -7.97
CA MET E 141 -28.90 -14.26 -8.29
C MET E 141 -28.78 -13.57 -9.68
N LYS E 142 -29.76 -13.81 -10.58
CA LYS E 142 -29.75 -13.20 -11.91
C LYS E 142 -30.05 -11.72 -11.83
N GLN E 143 -30.90 -11.37 -10.88
CA GLN E 143 -31.25 -9.96 -10.61
C GLN E 143 -30.05 -9.15 -10.07
N VAL E 144 -29.03 -9.84 -9.54
CA VAL E 144 -27.87 -9.15 -8.96
C VAL E 144 -26.80 -8.88 -10.04
N LEU E 145 -26.61 -9.83 -10.95
CA LEU E 145 -25.77 -9.54 -12.13
C LEU E 145 -26.33 -8.36 -12.97
N SER E 146 -27.63 -8.31 -13.07
CA SER E 146 -28.28 -7.30 -13.85
C SER E 146 -28.13 -5.86 -13.24
N GLY E 147 -28.28 -5.74 -11.92
CA GLY E 147 -28.04 -4.50 -11.19
C GLY E 147 -26.57 -4.12 -11.25
N MET E 148 -25.71 -5.13 -11.30
CA MET E 148 -24.24 -4.92 -11.44
C MET E 148 -23.89 -4.39 -12.83
N ILE E 149 -24.49 -4.99 -13.85
CA ILE E 149 -24.34 -4.52 -15.21
C ILE E 149 -24.79 -3.05 -15.33
N LYS E 150 -25.94 -2.71 -14.75
CA LYS E 150 -26.51 -1.34 -14.86
C LYS E 150 -25.71 -0.32 -14.05
N ALA E 151 -25.08 -0.78 -12.96
CA ALA E 151 -24.32 0.07 -12.04
C ALA E 151 -22.94 0.34 -12.60
N HIS E 152 -22.36 -0.63 -13.29
CA HIS E 152 -21.13 -0.40 -14.08
C HIS E 152 -21.41 0.65 -15.18
N GLU E 153 -22.59 0.59 -15.77
CA GLU E 153 -22.90 1.42 -16.91
C GLU E 153 -22.97 2.88 -16.51
N ILE E 154 -23.73 3.19 -15.47
CA ILE E 154 -23.92 4.57 -15.06
C ILE E 154 -22.64 5.21 -14.52
N GLN E 155 -21.94 4.49 -13.63
CA GLN E 155 -20.66 5.00 -13.13
C GLN E 155 -19.71 5.19 -14.31
N GLY E 156 -19.56 4.13 -15.11
CA GLY E 156 -18.52 4.10 -16.18
C GLY E 156 -18.71 5.06 -17.35
N CYS E 157 -19.96 5.29 -17.75
CA CYS E 157 -20.23 6.20 -18.85
C CYS E 157 -20.01 7.67 -18.47
N ILE E 158 -20.41 8.06 -17.26
CA ILE E 158 -20.16 9.42 -16.78
C ILE E 158 -18.66 9.64 -16.61
N ALA E 159 -17.94 8.59 -16.25
CA ALA E 159 -16.49 8.67 -16.05
C ALA E 159 -15.66 8.79 -17.35
N LEU E 160 -16.29 8.56 -18.51
CA LEU E 160 -15.59 8.56 -19.82
C LEU E 160 -14.97 9.90 -20.15
N GLU E 161 -15.70 10.97 -19.86
CA GLU E 161 -15.26 12.31 -20.25
C GLU E 161 -15.22 13.32 -19.14
N ASN E 162 -15.77 12.97 -17.99
CA ASN E 162 -15.88 13.88 -16.87
C ASN E 162 -14.92 13.47 -15.78
N ALA E 163 -13.94 14.32 -15.52
CA ALA E 163 -12.88 14.00 -14.53
C ALA E 163 -13.13 14.79 -13.26
N PHE E 164 -13.39 14.07 -12.17
CA PHE E 164 -13.70 14.73 -10.92
C PHE E 164 -12.45 15.02 -10.09
N ASN E 165 -11.33 14.42 -10.49
CA ASN E 165 -10.05 14.69 -9.83
C ASN E 165 -9.44 16.08 -10.15
N ARG E 166 -9.75 16.62 -11.32
CA ARG E 166 -9.31 17.96 -11.70
C ARG E 166 -10.10 19.05 -10.94
N VAL E 167 -11.10 18.63 -10.16
CA VAL E 167 -11.89 19.55 -9.35
C VAL E 167 -11.75 19.25 -7.85
N GLY E 168 -10.93 18.24 -7.51
CA GLY E 168 -10.49 18.01 -6.13
C GLY E 168 -11.22 16.89 -5.40
N LEU E 169 -12.18 16.26 -6.10
CA LEU E 169 -13.10 15.33 -5.46
C LEU E 169 -12.74 13.89 -5.78
N ASP E 170 -13.16 12.98 -4.91
CA ASP E 170 -12.88 11.57 -5.08
C ASP E 170 -13.91 10.95 -6.02
N HIS E 171 -13.48 9.92 -6.75
CA HIS E 171 -14.29 9.30 -7.77
C HIS E 171 -15.49 8.55 -7.19
N VAL E 172 -15.42 8.22 -5.89
CA VAL E 172 -16.45 7.42 -5.20
C VAL E 172 -17.83 8.08 -5.22
N LEU E 173 -17.83 9.37 -5.50
CA LEU E 173 -19.01 10.10 -5.94
C LEU E 173 -19.91 9.35 -6.95
N LEU E 174 -19.30 8.70 -7.93
CA LEU E 174 -20.06 8.03 -8.96
C LEU E 174 -20.58 6.68 -8.48
N VAL E 175 -20.03 6.21 -7.36
CA VAL E 175 -20.52 4.99 -6.70
C VAL E 175 -21.79 5.34 -5.92
N LYS E 176 -21.74 6.43 -5.16
CA LYS E 176 -22.91 7.00 -4.48
C LYS E 176 -24.11 7.07 -5.42
N VAL E 177 -23.86 7.61 -6.60
CA VAL E 177 -24.92 7.89 -7.56
C VAL E 177 -25.46 6.59 -8.17
N ALA E 178 -24.56 5.68 -8.53
CA ALA E 178 -24.95 4.53 -9.30
C ALA E 178 -25.77 3.63 -8.43
N SER E 179 -25.34 3.51 -7.17
CA SER E 179 -25.88 2.54 -6.24
C SER E 179 -27.24 3.03 -5.88
N THR E 180 -27.37 4.34 -5.64
CA THR E 180 -28.65 4.92 -5.18
C THR E 180 -29.72 4.66 -6.23
N ALA E 181 -29.27 4.61 -7.49
CA ALA E 181 -30.18 4.53 -8.61
C ALA E 181 -30.70 3.12 -8.80
N VAL E 182 -29.79 2.13 -8.79
CA VAL E 182 -30.17 0.72 -8.99
C VAL E 182 -30.83 0.15 -7.71
N VAL E 183 -30.33 0.54 -6.53
CA VAL E 183 -30.94 0.07 -5.28
C VAL E 183 -32.35 0.65 -5.04
N ALA E 184 -32.55 1.93 -5.31
CA ALA E 184 -33.90 2.52 -5.21
C ALA E 184 -34.96 1.77 -6.02
N GLU E 185 -34.55 1.33 -7.20
CA GLU E 185 -35.44 0.70 -8.10
C GLU E 185 -35.60 -0.78 -7.64
N MET E 186 -34.49 -1.41 -7.22
CA MET E 186 -34.47 -2.74 -6.54
C MET E 186 -35.48 -2.75 -5.35
N LEU E 187 -35.46 -1.70 -4.52
CA LEU E 187 -36.44 -1.60 -3.43
C LEU E 187 -37.85 -1.42 -3.99
N GLY E 188 -37.98 -1.29 -5.31
CA GLY E 188 -39.31 -1.23 -5.94
C GLY E 188 -40.04 0.10 -5.86
N LEU E 189 -39.29 1.18 -5.93
CA LEU E 189 -39.90 2.48 -5.85
C LEU E 189 -40.45 2.96 -7.22
N THR E 190 -41.22 4.03 -7.13
CA THR E 190 -41.83 4.67 -8.26
C THR E 190 -40.84 5.51 -9.03
N ARG E 191 -41.20 5.83 -10.26
CA ARG E 191 -40.39 6.80 -11.03
C ARG E 191 -40.04 7.99 -10.13
N ASP E 192 -41.10 8.66 -9.68
CA ASP E 192 -40.98 9.86 -8.89
C ASP E 192 -39.96 9.63 -7.75
N GLU E 193 -40.01 8.47 -7.13
CA GLU E 193 -39.26 8.27 -5.95
C GLU E 193 -37.81 8.12 -6.28
N ILE E 194 -37.53 7.47 -7.40
CA ILE E 194 -36.17 7.25 -7.83
C ILE E 194 -35.56 8.55 -8.31
N LEU E 195 -36.36 9.36 -9.04
CA LEU E 195 -35.98 10.72 -9.38
C LEU E 195 -35.56 11.48 -8.12
N ASN E 196 -36.35 11.35 -7.06
CA ASN E 196 -36.01 12.05 -5.80
C ASN E 196 -34.68 11.56 -5.18
N ALA E 197 -34.50 10.24 -5.16
CA ALA E 197 -33.39 9.59 -4.47
C ALA E 197 -32.05 9.97 -5.03
N VAL E 198 -31.94 9.92 -6.36
CA VAL E 198 -30.73 10.32 -7.07
C VAL E 198 -30.41 11.82 -6.93
N SER E 199 -31.46 12.63 -7.05
CA SER E 199 -31.29 14.04 -6.85
C SER E 199 -30.67 14.22 -5.45
N LEU E 200 -31.10 13.41 -4.46
CA LEU E 200 -30.57 13.57 -3.07
C LEU E 200 -29.09 13.22 -3.03
N ALA E 201 -28.69 12.22 -3.79
CA ALA E 201 -27.28 11.88 -3.92
C ALA E 201 -26.45 13.08 -4.34
N TRP E 202 -26.90 13.81 -5.38
CA TRP E 202 -26.10 14.90 -5.97
C TRP E 202 -25.90 16.07 -5.01
N VAL E 203 -26.90 16.36 -4.18
CA VAL E 203 -26.83 17.50 -3.25
C VAL E 203 -26.02 17.14 -2.00
N ASP E 204 -25.84 15.83 -1.79
CA ASP E 204 -25.10 15.29 -0.66
C ASP E 204 -23.73 15.98 -0.65
N GLY E 205 -22.86 15.58 0.27
CA GLY E 205 -21.50 16.11 0.26
C GLY E 205 -20.57 15.11 -0.39
N GLN E 206 -19.49 15.57 -1.01
CA GLN E 206 -18.58 14.67 -1.67
C GLN E 206 -17.15 14.68 -1.08
N SER E 207 -16.71 13.50 -0.63
CA SER E 207 -15.36 13.29 -0.11
C SER E 207 -14.26 13.90 -1.01
N LEU E 208 -13.27 14.55 -0.39
CA LEU E 208 -12.04 14.94 -1.09
C LEU E 208 -11.25 13.70 -1.47
N ARG E 209 -10.06 13.89 -2.05
CA ARG E 209 -9.13 12.77 -2.29
C ARG E 209 -7.78 12.95 -1.59
N THR E 210 -7.77 13.81 -0.58
CA THR E 210 -6.60 14.08 0.23
C THR E 210 -5.92 12.77 0.65
N TYR E 211 -6.72 11.78 1.03
CA TYR E 211 -6.21 10.51 1.57
C TYR E 211 -5.53 9.64 0.55
N ARG E 212 -5.52 10.07 -0.70
CA ARG E 212 -4.96 9.28 -1.79
C ARG E 212 -3.59 9.80 -2.19
N HIS E 213 -3.16 10.94 -1.64
CA HIS E 213 -1.96 11.61 -2.13
C HIS E 213 -0.93 11.91 -1.04
N ALA E 214 0.34 11.84 -1.39
CA ALA E 214 1.42 12.27 -0.49
C ALA E 214 1.19 13.73 -0.12
N PRO E 215 1.30 14.09 1.16
CA PRO E 215 1.87 13.26 2.26
C PRO E 215 0.81 12.68 3.21
N ASN E 216 -0.40 12.45 2.72
CA ASN E 216 -1.52 12.05 3.56
C ASN E 216 -2.08 10.68 3.17
N THR E 217 -1.41 10.01 2.24
CA THR E 217 -1.89 8.71 1.77
C THR E 217 -2.20 7.82 2.96
N GLY E 218 -3.39 7.22 2.95
CA GLY E 218 -3.91 6.52 4.13
C GLY E 218 -5.03 5.55 3.80
N THR E 219 -5.54 4.86 4.81
CA THR E 219 -6.32 3.64 4.58
C THR E 219 -7.82 3.91 4.33
N ARG E 220 -8.18 5.20 4.27
CA ARG E 220 -9.49 5.63 3.76
C ARG E 220 -9.51 5.52 2.23
N LYS E 221 -8.34 5.33 1.64
CA LYS E 221 -8.26 5.00 0.23
C LYS E 221 -8.96 3.64 -0.02
N SER E 222 -9.09 2.83 1.02
CA SER E 222 -9.61 1.47 0.88
C SER E 222 -11.07 1.40 1.19
N TRP E 223 -11.53 2.27 2.09
CA TRP E 223 -12.93 2.20 2.51
C TRP E 223 -13.83 3.32 2.09
N ALA E 224 -13.27 4.31 1.42
CA ALA E 224 -14.09 5.40 0.92
C ALA E 224 -15.25 4.88 0.03
N ALA E 225 -14.98 3.96 -0.89
CA ALA E 225 -16.01 3.51 -1.82
C ALA E 225 -17.12 2.74 -1.06
N GLY E 226 -16.74 1.94 -0.10
CA GLY E 226 -17.70 1.16 0.72
C GLY E 226 -18.59 2.05 1.56
N ASP E 227 -18.06 3.21 1.97
CA ASP E 227 -18.87 4.24 2.62
C ASP E 227 -19.92 4.91 1.67
N ALA E 228 -19.62 4.89 0.37
CA ALA E 228 -20.47 5.54 -0.66
C ALA E 228 -21.66 4.68 -1.05
N THR E 229 -21.40 3.39 -1.29
CA THR E 229 -22.45 2.44 -1.63
C THR E 229 -23.45 2.21 -0.45
N SER E 230 -22.92 2.18 0.77
CA SER E 230 -23.73 2.21 1.98
C SER E 230 -24.56 3.48 2.11
N ARG E 231 -23.93 4.64 1.86
CA ARG E 231 -24.62 5.93 1.79
C ARG E 231 -25.78 5.89 0.81
N ALA E 232 -25.55 5.21 -0.31
CA ALA E 232 -26.58 5.04 -1.34
C ALA E 232 -27.79 4.34 -0.81
N VAL E 233 -27.56 3.27 -0.05
CA VAL E 233 -28.67 2.51 0.52
C VAL E 233 -29.43 3.34 1.56
N ARG E 234 -28.73 4.11 2.35
CA ARG E 234 -29.40 4.89 3.40
C ARG E 234 -30.36 5.87 2.74
N LEU E 235 -29.92 6.43 1.61
CA LEU E 235 -30.66 7.53 0.98
C LEU E 235 -31.84 6.96 0.19
N ALA E 236 -31.66 5.74 -0.34
CA ALA E 236 -32.73 5.10 -1.14
C ALA E 236 -33.91 4.80 -0.22
N LEU E 237 -33.60 4.33 0.99
CA LEU E 237 -34.65 3.99 1.96
C LEU E 237 -35.36 5.21 2.50
N MET E 238 -34.71 6.37 2.35
CA MET E 238 -35.36 7.63 2.77
C MET E 238 -36.42 8.01 1.78
N ALA E 239 -36.04 7.92 0.51
CA ALA E 239 -36.96 8.01 -0.65
C ALA E 239 -38.16 7.09 -0.49
N LYS E 240 -37.93 5.91 0.07
CA LYS E 240 -39.00 4.92 0.36
C LYS E 240 -40.10 5.47 1.30
N THR E 241 -39.75 6.47 2.09
CA THR E 241 -40.67 7.06 3.04
C THR E 241 -41.57 8.09 2.39
N GLY E 242 -41.13 8.64 1.26
CA GLY E 242 -41.81 9.77 0.61
C GLY E 242 -41.00 11.06 0.62
N GLU E 243 -39.71 10.96 0.93
CA GLU E 243 -38.85 12.15 1.05
C GLU E 243 -38.57 12.86 -0.28
N MET E 244 -38.72 14.18 -0.27
CA MET E 244 -38.84 14.90 -1.52
C MET E 244 -37.48 15.11 -2.15
N GLY E 245 -37.48 15.38 -3.44
CA GLY E 245 -36.26 15.51 -4.20
C GLY E 245 -36.01 16.95 -4.59
N TYR E 246 -34.90 17.19 -5.24
CA TYR E 246 -34.45 18.54 -5.50
C TYR E 246 -34.19 18.63 -6.97
N PRO E 247 -35.15 19.19 -7.73
CA PRO E 247 -35.19 18.92 -9.20
C PRO E 247 -34.03 19.51 -10.03
N SER E 248 -33.65 20.73 -9.69
CA SER E 248 -32.55 21.40 -10.38
C SER E 248 -31.27 21.30 -9.56
N ALA E 249 -30.97 20.09 -9.06
CA ALA E 249 -29.82 19.83 -8.23
C ALA E 249 -28.48 20.08 -8.92
N LEU E 250 -28.39 19.80 -10.23
CA LEU E 250 -27.15 20.04 -10.98
C LEU E 250 -27.11 21.45 -11.59
N THR E 251 -28.19 21.84 -12.27
CA THR E 251 -28.18 23.05 -13.10
C THR E 251 -28.67 24.32 -12.36
N ALA E 252 -28.91 24.24 -11.05
CA ALA E 252 -29.44 25.41 -10.33
C ALA E 252 -28.40 26.50 -10.28
N LYS E 253 -28.83 27.75 -10.54
CA LYS E 253 -27.94 28.90 -10.57
C LYS E 253 -27.40 29.19 -9.17
N THR E 254 -26.08 29.41 -9.10
CA THR E 254 -25.39 29.73 -7.83
C THR E 254 -25.28 28.52 -6.86
N TRP E 255 -26.40 27.85 -6.64
CA TRP E 255 -26.53 26.83 -5.58
C TRP E 255 -26.35 25.39 -6.06
N GLY E 256 -26.79 25.12 -7.28
CA GLY E 256 -26.69 23.76 -7.87
C GLY E 256 -25.26 23.23 -7.92
N PHE E 257 -25.13 21.99 -8.35
CA PHE E 257 -23.85 21.28 -8.26
C PHE E 257 -22.84 21.83 -9.28
N TYR E 258 -23.30 22.10 -10.50
CA TYR E 258 -22.40 22.55 -11.56
C TYR E 258 -21.66 23.82 -11.11
N ASP E 259 -22.39 24.77 -10.54
CA ASP E 259 -21.80 26.03 -10.13
C ASP E 259 -20.83 25.89 -8.94
N VAL E 260 -21.19 25.05 -7.97
CA VAL E 260 -20.43 24.96 -6.71
C VAL E 260 -19.21 24.03 -6.81
N SER E 261 -19.33 22.95 -7.58
CA SER E 261 -18.34 21.87 -7.57
C SER E 261 -17.68 21.59 -8.92
N PHE E 262 -18.31 22.02 -10.01
CA PHE E 262 -17.80 21.70 -11.37
C PHE E 262 -17.49 22.95 -12.22
N LYS E 263 -17.24 24.08 -11.55
CA LYS E 263 -16.78 25.31 -12.20
C LYS E 263 -17.69 25.78 -13.35
N GLY E 264 -19.00 25.69 -13.16
CA GLY E 264 -19.98 26.22 -14.12
C GLY E 264 -20.18 25.34 -15.37
N GLU E 265 -19.30 24.37 -15.56
CA GLU E 265 -19.36 23.49 -16.72
C GLU E 265 -20.43 22.40 -16.53
N THR E 266 -20.87 21.82 -17.66
CA THR E 266 -21.87 20.73 -17.67
C THR E 266 -21.23 19.35 -17.81
N PHE E 267 -21.83 18.34 -17.18
CA PHE E 267 -21.40 16.95 -17.39
C PHE E 267 -21.69 16.60 -18.85
N ARG E 268 -20.68 16.10 -19.54
CA ARG E 268 -20.82 15.82 -20.97
C ARG E 268 -20.69 14.33 -21.22
N PHE E 269 -21.79 13.70 -21.63
CA PHE E 269 -21.81 12.25 -21.82
C PHE E 269 -21.77 11.91 -23.32
N GLN E 270 -20.73 11.20 -23.74
CA GLN E 270 -20.51 10.92 -25.17
C GLN E 270 -21.56 9.99 -25.80
N ARG E 271 -21.89 8.90 -25.09
CA ARG E 271 -22.74 7.83 -25.65
C ARG E 271 -23.90 7.45 -24.70
N PRO E 272 -24.96 6.81 -25.24
CA PRO E 272 -26.12 6.41 -24.44
C PRO E 272 -25.88 5.14 -23.62
N TYR E 273 -26.58 5.00 -22.51
CA TYR E 273 -26.31 3.92 -21.58
C TYR E 273 -26.74 2.59 -22.23
N GLY E 274 -25.90 1.57 -22.10
CA GLY E 274 -26.25 0.21 -22.55
C GLY E 274 -25.55 -0.90 -21.78
N SER E 275 -24.82 -1.74 -22.49
CA SER E 275 -24.09 -2.87 -21.90
C SER E 275 -22.57 -2.69 -22.08
N TYR E 276 -22.15 -1.45 -22.26
CA TYR E 276 -20.80 -1.16 -22.79
C TYR E 276 -19.65 -1.31 -21.77
N VAL E 277 -19.89 -0.93 -20.52
CA VAL E 277 -18.86 -0.97 -19.49
C VAL E 277 -18.54 -2.41 -19.01
N MET E 278 -19.55 -3.17 -18.59
CA MET E 278 -19.32 -4.56 -18.14
C MET E 278 -18.69 -5.43 -19.24
N GLU E 279 -18.99 -5.11 -20.50
CA GLU E 279 -18.41 -5.88 -21.62
C GLU E 279 -16.90 -5.65 -21.71
N ASN E 280 -16.46 -4.43 -21.44
CA ASN E 280 -15.06 -4.05 -21.63
C ASN E 280 -14.27 -3.78 -20.34
N VAL E 281 -14.71 -4.33 -19.23
CA VAL E 281 -14.08 -4.01 -17.95
C VAL E 281 -12.73 -4.73 -17.82
N LEU E 282 -11.82 -4.19 -17.01
CA LEU E 282 -10.49 -4.78 -16.83
C LEU E 282 -10.40 -5.58 -15.51
N PHE E 283 -9.70 -6.70 -15.55
CA PHE E 283 -9.56 -7.59 -14.38
C PHE E 283 -8.11 -7.75 -13.93
N LYS E 284 -7.88 -7.62 -12.62
CA LYS E 284 -6.53 -7.83 -12.05
C LYS E 284 -6.34 -9.30 -11.71
N PRO E 425 -3.64 -7.08 -22.65
CA PRO E 425 -3.24 -7.99 -21.57
C PRO E 425 -4.24 -9.11 -21.33
N ILE E 426 -3.90 -10.00 -20.42
CA ILE E 426 -4.74 -11.15 -20.06
C ILE E 426 -6.09 -10.72 -19.48
N GLY E 427 -6.08 -9.70 -18.61
CA GLY E 427 -7.30 -9.21 -17.98
C GLY E 427 -8.17 -8.39 -18.90
N HIS E 428 -7.78 -8.31 -20.19
CA HIS E 428 -8.52 -7.52 -21.21
C HIS E 428 -9.71 -8.30 -21.73
N ALA E 429 -10.59 -7.60 -22.42
CA ALA E 429 -11.80 -8.18 -23.03
C ALA E 429 -11.53 -9.09 -24.22
N ARG E 430 -10.46 -8.80 -24.97
CA ARG E 430 -10.15 -9.58 -26.18
C ARG E 430 -9.34 -10.87 -25.85
N ARG E 431 -8.77 -10.93 -24.64
CA ARG E 431 -7.97 -12.06 -24.20
C ARG E 431 -8.65 -12.92 -23.10
N ARG E 432 -9.98 -12.95 -23.13
CA ARG E 432 -10.79 -13.60 -22.10
C ARG E 432 -10.67 -15.12 -22.08
N ALA E 433 -10.11 -15.71 -23.14
CA ALA E 433 -9.87 -17.15 -23.15
C ALA E 433 -8.59 -17.46 -22.39
N ASP E 434 -7.67 -16.51 -22.37
CA ASP E 434 -6.50 -16.62 -21.52
C ASP E 434 -6.91 -16.35 -20.05
N GLY E 435 -7.63 -15.25 -19.83
CA GLY E 435 -7.85 -14.69 -18.49
C GLY E 435 -8.91 -15.38 -17.63
N ILE E 436 -9.89 -16.03 -18.25
CA ILE E 436 -10.99 -16.64 -17.48
C ILE E 436 -10.49 -17.79 -16.60
N PRO E 437 -9.63 -18.67 -17.15
CA PRO E 437 -9.00 -19.73 -16.35
C PRO E 437 -8.08 -19.23 -15.23
N LYS E 438 -7.47 -18.07 -15.43
CA LYS E 438 -6.60 -17.50 -14.40
C LYS E 438 -7.47 -16.95 -13.28
N LEU E 439 -8.63 -16.41 -13.66
CA LEU E 439 -9.59 -15.89 -12.71
C LEU E 439 -10.10 -17.00 -11.79
N ILE E 440 -10.44 -18.16 -12.37
CA ILE E 440 -11.01 -19.27 -11.60
C ILE E 440 -9.89 -19.73 -10.66
N GLU E 441 -8.63 -19.66 -11.12
CA GLU E 441 -7.49 -19.92 -10.20
C GLU E 441 -7.53 -19.07 -8.90
N LYS E 442 -7.47 -17.75 -9.11
CA LYS E 442 -7.64 -16.79 -8.04
C LYS E 442 -8.81 -16.97 -7.10
N PHE E 443 -9.97 -17.24 -7.69
CA PHE E 443 -11.22 -17.44 -6.91
C PHE E 443 -11.08 -18.70 -6.06
N LYS E 444 -10.40 -19.71 -6.62
CA LYS E 444 -10.16 -20.99 -5.96
C LYS E 444 -9.16 -20.78 -4.78
N ILE E 445 -8.10 -20.02 -5.02
CA ILE E 445 -7.10 -19.81 -3.98
C ILE E 445 -7.77 -19.09 -2.78
N ASN E 446 -8.62 -18.11 -3.05
CA ASN E 446 -9.16 -17.25 -2.01
C ASN E 446 -10.21 -18.02 -1.17
N LEU E 447 -10.91 -18.95 -1.79
CA LEU E 447 -11.93 -19.71 -1.01
C LEU E 447 -11.22 -20.57 0.01
N ALA E 448 -10.02 -21.00 -0.39
CA ALA E 448 -9.21 -21.87 0.44
C ALA E 448 -8.81 -21.14 1.72
N ARG E 449 -8.80 -19.81 1.68
CA ARG E 449 -8.19 -18.99 2.74
C ARG E 449 -9.14 -18.48 3.79
N GLN E 450 -10.41 -18.81 3.66
CA GLN E 450 -11.35 -18.73 4.79
C GLN E 450 -12.16 -20.02 5.04
N PHE E 451 -12.33 -20.86 4.01
CA PHE E 451 -13.23 -22.03 4.05
C PHE E 451 -12.45 -23.36 3.95
N PRO E 452 -12.90 -24.41 4.68
CA PRO E 452 -12.44 -25.78 4.46
C PRO E 452 -13.00 -26.46 3.19
N THR E 453 -12.40 -27.61 2.80
CA THR E 453 -12.68 -28.27 1.48
C THR E 453 -14.15 -28.43 1.19
N ARG E 454 -14.92 -29.01 2.10
CA ARG E 454 -16.33 -29.39 1.80
C ARG E 454 -17.07 -28.12 1.38
N GLN E 455 -16.86 -27.07 2.16
CA GLN E 455 -17.53 -25.83 1.95
C GLN E 455 -17.04 -25.15 0.69
N GLN E 456 -15.71 -25.06 0.55
CA GLN E 456 -15.07 -24.54 -0.69
C GLN E 456 -15.51 -25.34 -1.92
N GLN E 457 -15.71 -26.63 -1.76
CA GLN E 457 -16.35 -27.50 -2.80
C GLN E 457 -17.78 -27.13 -3.12
N ARG E 458 -18.64 -27.06 -2.09
CA ARG E 458 -20.09 -26.88 -2.31
C ARG E 458 -20.45 -25.48 -2.81
N ILE E 459 -19.65 -24.49 -2.41
CA ILE E 459 -19.68 -23.16 -3.05
C ILE E 459 -19.26 -23.28 -4.52
N LEU E 460 -18.10 -23.91 -4.78
CA LEU E 460 -17.56 -24.03 -6.16
C LEU E 460 -18.54 -24.80 -7.12
N ASP E 461 -19.30 -25.74 -6.60
CA ASP E 461 -20.24 -26.48 -7.41
C ASP E 461 -21.35 -25.62 -8.01
N VAL E 462 -22.06 -24.86 -7.18
CA VAL E 462 -23.05 -23.92 -7.70
C VAL E 462 -22.44 -22.84 -8.57
N SER E 463 -21.27 -22.32 -8.17
CA SER E 463 -20.82 -21.03 -8.67
C SER E 463 -20.25 -21.10 -10.08
N LEU E 464 -19.55 -22.19 -10.42
CA LEU E 464 -18.80 -22.22 -11.70
C LEU E 464 -19.71 -22.56 -12.91
N ASP E 465 -21.01 -22.73 -12.65
CA ASP E 465 -22.02 -22.85 -13.73
C ASP E 465 -23.02 -21.67 -13.76
N ARG E 466 -23.09 -20.97 -14.90
CA ARG E 466 -23.91 -19.73 -15.02
C ARG E 466 -25.35 -19.96 -14.67
N ALA E 467 -25.98 -20.83 -15.45
CA ALA E 467 -27.24 -21.38 -15.02
C ALA E 467 -26.89 -22.19 -13.80
N ARG E 468 -27.86 -22.43 -12.94
CA ARG E 468 -27.58 -22.97 -11.59
C ARG E 468 -27.32 -21.84 -10.58
N LEU E 469 -26.35 -20.97 -10.87
CA LEU E 469 -26.14 -19.77 -10.07
C LEU E 469 -27.27 -18.76 -10.33
N GLU E 470 -27.53 -18.47 -11.61
CA GLU E 470 -28.60 -17.53 -12.02
C GLU E 470 -29.89 -17.82 -11.27
N GLN E 471 -30.28 -19.10 -11.25
CA GLN E 471 -31.60 -19.55 -10.78
C GLN E 471 -31.71 -19.58 -9.28
N MET E 472 -30.58 -19.39 -8.60
CA MET E 472 -30.55 -19.61 -7.16
C MET E 472 -30.92 -18.36 -6.37
N PRO E 473 -31.83 -18.51 -5.43
CA PRO E 473 -32.28 -17.48 -4.52
C PRO E 473 -31.15 -16.89 -3.64
N VAL E 474 -31.06 -15.55 -3.60
CA VAL E 474 -29.80 -14.92 -3.10
C VAL E 474 -29.53 -15.20 -1.64
N ASN E 475 -30.59 -15.30 -0.85
CA ASN E 475 -30.46 -15.77 0.52
C ASN E 475 -29.73 -17.13 0.59
N GLU E 476 -30.05 -18.03 -0.31
CA GLU E 476 -29.50 -19.39 -0.26
C GLU E 476 -28.03 -19.46 -0.65
N TYR E 477 -27.64 -18.68 -1.67
CA TYR E 477 -26.23 -18.57 -2.06
C TYR E 477 -25.42 -18.03 -0.93
N LEU E 478 -25.80 -16.86 -0.45
CA LEU E 478 -25.01 -16.25 0.60
C LEU E 478 -24.87 -17.16 1.88
N ASP E 479 -25.91 -17.92 2.22
CA ASP E 479 -25.78 -18.87 3.34
C ASP E 479 -24.53 -19.79 3.12
N LEU E 480 -24.27 -20.16 1.87
CA LEU E 480 -23.20 -21.09 1.53
C LEU E 480 -21.86 -20.52 2.07
N TYR E 481 -21.82 -19.18 2.25
CA TYR E 481 -20.59 -18.48 2.65
C TYR E 481 -20.51 -18.21 4.19
N VAL E 482 -21.35 -18.83 4.98
CA VAL E 482 -21.28 -18.60 6.42
C VAL E 482 -20.28 -19.60 7.07
N ASP F 11 -23.80 -6.81 -35.70
CA ASP F 11 -22.81 -7.30 -34.70
C ASP F 11 -22.76 -8.83 -34.73
N PHE F 12 -21.56 -9.38 -34.68
CA PHE F 12 -21.38 -10.80 -35.00
C PHE F 12 -21.83 -11.76 -33.91
N ASP F 13 -22.27 -12.95 -34.33
CA ASP F 13 -22.66 -13.99 -33.39
C ASP F 13 -21.50 -14.25 -32.45
N ARG F 14 -21.81 -14.28 -31.15
CA ARG F 14 -20.79 -14.38 -30.11
C ARG F 14 -19.98 -15.71 -30.18
N GLU F 15 -20.55 -16.73 -30.85
CA GLU F 15 -19.81 -17.97 -31.16
C GLU F 15 -18.60 -17.70 -32.07
N ILE F 16 -18.78 -16.83 -33.07
CA ILE F 16 -17.75 -16.51 -34.05
C ILE F 16 -16.69 -15.63 -33.42
N VAL F 17 -17.11 -14.68 -32.59
CA VAL F 17 -16.18 -13.78 -31.87
C VAL F 17 -15.22 -14.53 -30.99
N ASP F 18 -15.72 -15.58 -30.36
CA ASP F 18 -14.94 -16.31 -29.37
C ASP F 18 -13.84 -17.11 -30.09
N ILE F 19 -14.15 -17.59 -31.29
CA ILE F 19 -13.15 -18.20 -32.16
C ILE F 19 -12.12 -17.12 -32.58
N VAL F 20 -12.59 -16.05 -33.21
CA VAL F 20 -11.68 -15.04 -33.74
C VAL F 20 -10.66 -14.55 -32.69
N ASP F 21 -11.14 -14.28 -31.49
CA ASP F 21 -10.32 -13.75 -30.40
C ASP F 21 -9.31 -14.78 -29.85
N TYR F 22 -9.75 -16.02 -29.77
CA TYR F 22 -8.88 -17.12 -29.37
C TYR F 22 -7.69 -17.23 -30.35
N VAL F 23 -8.01 -17.29 -31.65
CA VAL F 23 -6.97 -17.46 -32.68
C VAL F 23 -6.08 -16.26 -32.79
N MET F 24 -6.60 -15.09 -32.50
CA MET F 24 -5.81 -13.88 -32.68
C MET F 24 -4.92 -13.62 -31.46
N ASN F 25 -5.48 -13.79 -30.26
CA ASN F 25 -4.87 -13.23 -29.09
C ASN F 25 -4.36 -14.23 -28.04
N TYR F 26 -4.76 -15.49 -28.14
CA TYR F 26 -4.43 -16.47 -27.09
C TYR F 26 -3.00 -16.94 -27.20
N GLU F 27 -2.28 -16.93 -26.07
CA GLU F 27 -0.88 -17.39 -26.01
C GLU F 27 -0.82 -18.75 -25.31
N ILE F 28 -0.50 -19.80 -26.08
CA ILE F 28 -0.30 -21.15 -25.55
C ILE F 28 0.92 -21.15 -24.64
N THR F 29 0.77 -21.60 -23.39
CA THR F 29 1.88 -21.66 -22.44
C THR F 29 2.08 -23.08 -21.88
N SER F 30 1.58 -24.10 -22.59
CA SER F 30 1.71 -25.49 -22.15
C SER F 30 2.81 -26.30 -22.88
N LYS F 31 3.95 -26.50 -22.20
CA LYS F 31 5.01 -27.37 -22.72
C LYS F 31 4.38 -28.67 -23.22
N VAL F 32 3.43 -29.19 -22.45
CA VAL F 32 2.83 -30.51 -22.71
C VAL F 32 2.11 -30.50 -24.06
N ALA F 33 1.49 -29.37 -24.39
CA ALA F 33 0.78 -29.18 -25.65
C ALA F 33 1.71 -29.06 -26.86
N TYR F 34 2.86 -28.40 -26.69
CA TYR F 34 3.81 -28.26 -27.78
C TYR F 34 4.54 -29.57 -28.01
N ASP F 35 4.95 -30.23 -26.93
CA ASP F 35 5.66 -31.52 -27.04
C ASP F 35 4.80 -32.58 -27.74
N THR F 36 3.49 -32.51 -27.54
CA THR F 36 2.54 -33.45 -28.19
C THR F 36 2.22 -33.01 -29.63
N ALA F 37 2.18 -31.71 -29.84
CA ALA F 37 2.05 -31.16 -31.18
C ALA F 37 3.19 -31.66 -32.04
N HIS F 38 4.39 -31.67 -31.47
CA HIS F 38 5.59 -32.10 -32.21
C HIS F 38 5.45 -33.54 -32.76
N TYR F 39 4.91 -34.44 -31.95
CA TYR F 39 4.80 -35.84 -32.34
C TYR F 39 3.61 -36.06 -33.28
N CYS F 40 2.61 -35.19 -33.17
CA CYS F 40 1.41 -35.30 -33.98
C CYS F 40 1.70 -34.89 -35.42
N LEU F 41 2.66 -33.99 -35.57
CA LEU F 41 3.09 -33.51 -36.87
C LEU F 41 3.74 -34.64 -37.62
N LEU F 42 4.73 -35.27 -37.00
CA LEU F 42 5.52 -36.21 -37.77
C LEU F 42 4.82 -37.59 -37.88
N ASP F 43 3.86 -37.86 -36.99
CA ASP F 43 2.95 -39.00 -37.16
C ASP F 43 2.10 -38.85 -38.42
N THR F 44 1.47 -37.69 -38.52
CA THR F 44 0.55 -37.37 -39.61
C THR F 44 1.28 -37.38 -40.94
N LEU F 45 2.49 -36.86 -40.95
CA LEU F 45 3.23 -36.71 -42.19
C LEU F 45 3.59 -38.08 -42.76
N GLY F 46 3.94 -39.00 -41.88
CA GLY F 46 4.26 -40.36 -42.29
C GLY F 46 3.04 -41.12 -42.80
N CYS F 47 1.88 -40.84 -42.22
CA CYS F 47 0.61 -41.44 -42.68
C CYS F 47 0.34 -41.05 -44.12
N GLY F 48 0.56 -39.77 -44.42
CA GLY F 48 0.51 -39.28 -45.79
C GLY F 48 1.46 -39.99 -46.73
N LEU F 49 2.70 -40.21 -46.31
CA LEU F 49 3.69 -40.86 -47.14
C LEU F 49 3.23 -42.30 -47.53
N GLU F 50 2.57 -42.96 -46.60
CA GLU F 50 2.14 -44.35 -46.73
C GLU F 50 0.97 -44.46 -47.73
N ALA F 51 0.10 -43.44 -47.74
CA ALA F 51 -0.99 -43.35 -48.74
C ALA F 51 -0.51 -43.38 -50.22
N LEU F 52 0.68 -42.83 -50.46
CA LEU F 52 1.22 -42.74 -51.82
C LEU F 52 1.40 -44.10 -52.47
N GLU F 53 1.39 -45.16 -51.66
CA GLU F 53 1.49 -46.55 -52.16
C GLU F 53 0.22 -46.94 -52.93
N TYR F 54 -0.82 -46.13 -52.82
CA TYR F 54 -2.17 -46.57 -53.19
C TYR F 54 -2.74 -45.73 -54.33
N PRO F 55 -2.87 -46.34 -55.53
CA PRO F 55 -3.30 -45.66 -56.76
C PRO F 55 -4.66 -44.97 -56.68
N ALA F 56 -5.46 -45.31 -55.69
CA ALA F 56 -6.73 -44.64 -55.47
C ALA F 56 -6.50 -43.25 -54.93
N CYS F 57 -5.55 -43.12 -54.01
CA CYS F 57 -5.14 -41.81 -53.58
C CYS F 57 -4.53 -41.03 -54.72
N LYS F 58 -3.46 -41.55 -55.30
CA LYS F 58 -2.63 -40.79 -56.23
C LYS F 58 -3.40 -40.16 -57.41
N LYS F 59 -4.34 -40.91 -57.98
CA LYS F 59 -5.16 -40.43 -59.07
C LYS F 59 -5.83 -39.06 -58.76
N LEU F 60 -5.99 -38.75 -57.47
CA LEU F 60 -6.68 -37.53 -57.05
C LEU F 60 -5.72 -36.36 -56.84
N LEU F 61 -4.43 -36.62 -56.99
CA LEU F 61 -3.37 -35.64 -56.64
C LEU F 61 -2.82 -34.93 -57.85
N GLY F 62 -1.86 -34.04 -57.59
CA GLY F 62 -1.27 -33.19 -58.63
C GLY F 62 -2.07 -31.94 -58.86
N PRO F 63 -1.70 -31.16 -59.88
CA PRO F 63 -2.57 -30.05 -60.26
C PRO F 63 -3.78 -30.57 -61.01
N ILE F 64 -4.76 -29.69 -61.21
CA ILE F 64 -5.92 -29.91 -62.08
C ILE F 64 -5.49 -30.23 -63.49
N VAL F 65 -4.48 -29.51 -63.98
CA VAL F 65 -4.01 -29.57 -65.37
C VAL F 65 -2.47 -29.79 -65.39
N PRO F 66 -2.03 -30.99 -65.78
CA PRO F 66 -0.59 -31.20 -65.65
C PRO F 66 0.21 -30.22 -66.50
N GLY F 67 1.35 -29.77 -65.98
CA GLY F 67 2.15 -28.73 -66.66
C GLY F 67 1.92 -27.27 -66.24
N THR F 68 1.10 -27.06 -65.19
CA THR F 68 0.88 -25.71 -64.68
C THR F 68 2.11 -25.22 -63.91
N VAL F 69 2.51 -23.97 -64.11
CA VAL F 69 3.66 -23.42 -63.23
C VAL F 69 3.29 -22.30 -62.24
N VAL F 70 3.35 -22.56 -60.96
CA VAL F 70 2.95 -21.60 -59.94
C VAL F 70 4.16 -21.02 -59.18
N PRO F 71 4.52 -19.78 -59.49
CA PRO F 71 5.61 -19.08 -58.82
C PRO F 71 5.62 -19.24 -57.30
N ASN F 72 6.77 -19.65 -56.75
CA ASN F 72 6.93 -19.90 -55.33
C ASN F 72 5.81 -20.72 -54.69
N GLY F 73 5.38 -21.74 -55.41
CA GLY F 73 4.15 -22.48 -55.05
C GLY F 73 4.39 -23.56 -54.02
N ALA F 74 3.34 -23.91 -53.32
CA ALA F 74 3.47 -24.79 -52.13
C ALA F 74 3.78 -26.25 -52.49
N ARG F 75 4.71 -26.87 -51.76
CA ARG F 75 5.19 -28.23 -52.09
C ARG F 75 4.32 -29.37 -51.50
N VAL F 76 4.18 -30.48 -52.23
CA VAL F 76 3.58 -31.71 -51.69
C VAL F 76 4.65 -32.76 -51.31
N PRO F 77 4.77 -33.12 -50.02
CA PRO F 77 5.80 -34.11 -49.63
C PRO F 77 5.71 -35.45 -50.39
N GLY F 78 6.88 -35.97 -50.80
CA GLY F 78 6.97 -37.28 -51.46
C GLY F 78 6.90 -37.11 -52.95
N THR F 79 6.90 -35.86 -53.41
CA THR F 79 6.81 -35.53 -54.84
C THR F 79 7.83 -34.43 -55.20
N GLN F 80 7.82 -33.95 -56.45
CA GLN F 80 8.42 -32.68 -56.81
C GLN F 80 7.31 -31.71 -57.35
N PHE F 81 6.04 -31.95 -57.01
CA PHE F 81 5.01 -31.00 -57.36
C PHE F 81 5.18 -29.71 -56.59
N GLN F 82 4.80 -28.59 -57.20
CA GLN F 82 4.66 -27.30 -56.49
C GLN F 82 3.41 -26.60 -56.99
N LEU F 83 2.41 -26.43 -56.12
CA LEU F 83 1.07 -26.04 -56.57
C LEU F 83 0.57 -24.74 -55.86
N ASP F 84 -0.58 -24.21 -56.25
CA ASP F 84 -1.19 -23.11 -55.50
C ASP F 84 -1.68 -23.64 -54.11
N PRO F 85 -1.67 -22.78 -53.06
CA PRO F 85 -1.87 -23.18 -51.69
C PRO F 85 -3.19 -23.92 -51.48
N VAL F 86 -4.15 -23.64 -52.35
CA VAL F 86 -5.46 -24.34 -52.33
C VAL F 86 -5.40 -25.78 -52.81
N GLN F 87 -4.84 -26.01 -54.01
CA GLN F 87 -4.63 -27.39 -54.48
C GLN F 87 -3.54 -28.15 -53.76
N ALA F 88 -2.66 -27.45 -53.05
CA ALA F 88 -1.66 -28.11 -52.22
C ALA F 88 -2.28 -28.63 -50.92
N ALA F 89 -3.22 -27.87 -50.38
CA ALA F 89 -3.90 -28.27 -49.15
C ALA F 89 -4.72 -29.55 -49.31
N PHE F 90 -5.43 -29.68 -50.44
CA PHE F 90 -6.24 -30.87 -50.70
C PHE F 90 -5.37 -32.08 -50.91
N ASN F 91 -4.20 -31.86 -51.47
CA ASN F 91 -3.27 -32.95 -51.72
C ASN F 91 -2.80 -33.55 -50.38
N ILE F 92 -2.35 -32.66 -49.50
CA ILE F 92 -1.85 -33.06 -48.20
C ILE F 92 -2.99 -33.59 -47.33
N GLY F 93 -4.06 -32.80 -47.14
CA GLY F 93 -5.22 -33.36 -46.48
C GLY F 93 -5.61 -34.79 -46.89
N ALA F 94 -5.82 -35.02 -48.18
CA ALA F 94 -6.31 -36.34 -48.61
C ALA F 94 -5.30 -37.46 -48.28
N MET F 95 -4.03 -37.18 -48.47
CA MET F 95 -2.99 -38.14 -48.16
C MET F 95 -3.01 -38.55 -46.68
N ILE F 96 -3.03 -37.58 -45.78
CA ILE F 96 -2.84 -37.87 -44.36
C ILE F 96 -4.04 -38.62 -43.76
N ARG F 97 -5.21 -38.50 -44.38
CA ARG F 97 -6.43 -39.10 -43.79
C ARG F 97 -6.85 -40.38 -44.54
N TRP F 98 -6.14 -40.69 -45.62
CA TRP F 98 -6.61 -41.69 -46.58
C TRP F 98 -6.81 -43.07 -45.97
N LEU F 99 -5.84 -43.55 -45.18
CA LEU F 99 -5.87 -44.93 -44.66
C LEU F 99 -6.50 -45.06 -43.28
N ASP F 100 -7.00 -43.96 -42.73
CA ASP F 100 -7.63 -44.00 -41.40
C ASP F 100 -6.65 -44.44 -40.28
N PHE F 101 -5.44 -43.89 -40.32
CA PHE F 101 -4.39 -44.24 -39.35
C PHE F 101 -3.86 -43.00 -38.57
N ASN F 102 -4.49 -41.84 -38.79
CA ASN F 102 -4.04 -40.57 -38.18
C ASN F 102 -4.74 -40.31 -36.85
N ASP F 103 -4.30 -39.30 -36.10
CA ASP F 103 -4.77 -39.07 -34.74
C ASP F 103 -6.28 -38.84 -34.70
N THR F 104 -6.87 -38.95 -33.50
CA THR F 104 -8.32 -39.05 -33.37
C THR F 104 -8.84 -38.38 -32.09
N TRP F 105 -10.10 -37.92 -32.15
CA TRP F 105 -10.77 -37.29 -31.01
C TRP F 105 -12.23 -37.75 -30.99
N LEU F 106 -12.57 -38.58 -30.00
CA LEU F 106 -13.95 -39.06 -29.82
C LEU F 106 -14.70 -38.30 -28.71
N ALA F 107 -15.85 -37.73 -29.08
CA ALA F 107 -16.68 -36.94 -28.17
C ALA F 107 -18.15 -37.16 -28.50
N ALA F 108 -18.97 -36.11 -28.42
CA ALA F 108 -20.30 -36.13 -29.03
C ALA F 108 -20.16 -36.29 -30.54
N GLU F 109 -19.13 -35.69 -31.09
CA GLU F 109 -18.82 -35.83 -32.52
C GLU F 109 -17.44 -36.46 -32.70
N TRP F 110 -17.33 -37.37 -33.65
CA TRP F 110 -16.08 -38.11 -33.89
C TRP F 110 -15.31 -37.52 -35.10
N GLY F 111 -14.03 -37.22 -34.89
CA GLY F 111 -13.24 -36.54 -35.94
C GLY F 111 -11.73 -36.71 -35.79
N HIS F 112 -11.00 -36.13 -36.74
CA HIS F 112 -9.54 -36.22 -36.79
C HIS F 112 -8.90 -34.85 -36.98
N PRO F 113 -8.64 -34.14 -35.87
CA PRO F 113 -8.07 -32.78 -35.82
C PRO F 113 -6.76 -32.58 -36.59
N SER F 114 -5.98 -33.64 -36.77
CA SER F 114 -4.80 -33.53 -37.64
C SER F 114 -5.16 -33.14 -39.11
N ASP F 115 -6.39 -33.44 -39.56
CA ASP F 115 -6.79 -33.09 -40.93
C ASP F 115 -6.52 -31.62 -41.29
N ASN F 116 -6.48 -30.76 -40.26
CA ASN F 116 -6.29 -29.33 -40.49
C ASN F 116 -4.85 -28.98 -40.93
N LEU F 117 -3.93 -29.93 -40.79
CA LEU F 117 -2.52 -29.71 -41.19
C LEU F 117 -2.46 -29.25 -42.65
N GLY F 118 -3.16 -29.99 -43.51
CA GLY F 118 -3.23 -29.69 -44.95
C GLY F 118 -3.38 -28.19 -45.19
N GLY F 119 -4.38 -27.59 -44.59
CA GLY F 119 -4.65 -26.20 -44.79
C GLY F 119 -3.58 -25.32 -44.23
N ILE F 120 -3.28 -25.55 -42.97
CA ILE F 120 -2.25 -24.81 -42.27
C ILE F 120 -0.86 -24.95 -42.95
N LEU F 121 -0.49 -26.16 -43.33
CA LEU F 121 0.89 -26.40 -43.78
C LEU F 121 1.15 -26.00 -45.24
N ALA F 122 0.27 -26.38 -46.17
CA ALA F 122 0.35 -25.84 -47.53
C ALA F 122 0.43 -24.27 -47.55
N THR F 123 -0.41 -23.63 -46.74
CA THR F 123 -0.56 -22.18 -46.73
C THR F 123 0.65 -21.49 -45.98
N ALA F 124 1.41 -22.27 -45.20
CA ALA F 124 2.59 -21.79 -44.45
C ALA F 124 3.89 -21.94 -45.22
N ASP F 125 3.98 -23.00 -46.02
CA ASP F 125 5.07 -23.20 -46.98
C ASP F 125 5.06 -22.06 -48.04
N TRP F 126 3.91 -21.85 -48.69
CA TRP F 126 3.68 -20.76 -49.66
C TRP F 126 4.04 -19.35 -49.14
N LEU F 127 3.49 -18.90 -48.01
CA LEU F 127 3.92 -17.67 -47.46
C LEU F 127 5.45 -17.60 -47.19
N SER F 128 6.09 -18.72 -46.84
CA SER F 128 7.52 -18.74 -46.55
C SER F 128 8.38 -18.56 -47.81
N ARG F 129 7.97 -19.20 -48.91
CA ARG F 129 8.77 -19.15 -50.10
C ARG F 129 8.65 -17.76 -50.70
N ASN F 130 7.52 -17.12 -50.47
CA ASN F 130 7.31 -15.76 -50.90
C ASN F 130 8.08 -14.75 -50.14
N ALA F 131 8.15 -14.93 -48.83
CA ALA F 131 8.95 -14.01 -48.00
C ALA F 131 10.40 -14.11 -48.35
N VAL F 132 10.88 -15.33 -48.50
CA VAL F 132 12.27 -15.54 -48.77
C VAL F 132 12.60 -14.88 -50.13
N ALA F 133 11.78 -15.07 -51.15
CA ALA F 133 12.02 -14.42 -52.44
C ALA F 133 12.02 -12.85 -52.39
N ALA F 134 11.33 -12.28 -51.40
CA ALA F 134 11.23 -10.82 -51.25
C ALA F 134 12.27 -10.30 -50.24
N GLY F 135 13.17 -11.18 -49.88
CA GLY F 135 14.25 -10.84 -48.94
C GLY F 135 13.75 -10.56 -47.53
N LYS F 136 12.57 -11.09 -47.21
CA LYS F 136 11.95 -10.91 -45.90
C LYS F 136 12.16 -12.23 -45.04
N ALA F 137 11.61 -12.28 -43.84
CA ALA F 137 11.89 -13.36 -42.91
C ALA F 137 10.79 -14.44 -42.96
N PRO F 138 11.17 -15.73 -43.11
CA PRO F 138 10.08 -16.68 -43.41
C PRO F 138 9.39 -17.09 -42.14
N LEU F 139 8.39 -17.93 -42.26
CA LEU F 139 7.82 -18.57 -41.08
C LEU F 139 8.71 -19.71 -40.49
N THR F 140 8.42 -20.09 -39.24
CA THR F 140 9.12 -21.22 -38.57
C THR F 140 8.21 -22.42 -38.31
N MET F 141 8.80 -23.59 -38.20
CA MET F 141 8.02 -24.77 -37.91
C MET F 141 7.27 -24.68 -36.54
N LYS F 142 7.65 -23.72 -35.67
CA LYS F 142 7.01 -23.55 -34.35
C LYS F 142 5.66 -22.93 -34.55
N GLN F 143 5.55 -22.05 -35.56
CA GLN F 143 4.28 -21.42 -35.93
C GLN F 143 3.28 -22.41 -36.51
N VAL F 144 3.71 -23.61 -36.87
CA VAL F 144 2.83 -24.61 -37.43
C VAL F 144 2.28 -25.55 -36.36
N LEU F 145 3.09 -25.92 -35.39
CA LEU F 145 2.55 -26.59 -34.19
C LEU F 145 1.52 -25.68 -33.53
N SER F 146 1.81 -24.40 -33.51
CA SER F 146 0.99 -23.44 -32.81
C SER F 146 -0.40 -23.38 -33.46
N GLY F 147 -0.46 -23.34 -34.79
CA GLY F 147 -1.73 -23.39 -35.53
C GLY F 147 -2.44 -24.71 -35.38
N MET F 148 -1.65 -25.76 -35.20
CA MET F 148 -2.17 -27.13 -35.07
C MET F 148 -2.83 -27.32 -33.72
N ILE F 149 -2.15 -26.84 -32.69
CA ILE F 149 -2.74 -26.77 -31.36
C ILE F 149 -4.06 -26.00 -31.38
N LYS F 150 -4.08 -24.82 -31.99
CA LYS F 150 -5.30 -23.99 -31.99
C LYS F 150 -6.44 -24.62 -32.82
N ALA F 151 -6.08 -25.35 -33.85
CA ALA F 151 -7.05 -25.94 -34.79
C ALA F 151 -7.66 -27.19 -34.20
N HIS F 152 -6.86 -27.93 -33.43
CA HIS F 152 -7.39 -29.04 -32.60
C HIS F 152 -8.39 -28.50 -31.58
N GLU F 153 -8.09 -27.32 -31.05
CA GLU F 153 -8.90 -26.78 -29.97
C GLU F 153 -10.29 -26.43 -30.46
N ILE F 154 -10.36 -25.67 -31.55
CA ILE F 154 -11.64 -25.17 -32.06
C ILE F 154 -12.53 -26.29 -32.59
N GLN F 155 -11.96 -27.18 -33.38
CA GLN F 155 -12.71 -28.33 -33.84
C GLN F 155 -13.16 -29.13 -32.60
N GLY F 156 -12.20 -29.49 -31.75
CA GLY F 156 -12.46 -30.46 -30.67
C GLY F 156 -13.42 -29.99 -29.58
N CYS F 157 -13.38 -28.72 -29.24
CA CYS F 157 -14.23 -28.21 -28.18
C CYS F 157 -15.70 -28.11 -28.62
N ILE F 158 -15.94 -27.68 -29.86
CA ILE F 158 -17.32 -27.69 -30.39
C ILE F 158 -17.84 -29.12 -30.47
N ALA F 159 -16.96 -30.06 -30.77
CA ALA F 159 -17.36 -31.46 -30.94
C ALA F 159 -17.70 -32.19 -29.61
N LEU F 160 -17.39 -31.55 -28.47
CA LEU F 160 -17.60 -32.17 -27.12
C LEU F 160 -19.05 -32.49 -26.84
N GLU F 161 -19.94 -31.56 -27.18
CA GLU F 161 -21.37 -31.69 -26.83
C GLU F 161 -22.28 -31.60 -28.03
N ASN F 162 -21.75 -31.19 -29.17
CA ASN F 162 -22.57 -30.92 -30.33
C ASN F 162 -22.34 -32.01 -31.37
N ALA F 163 -23.38 -32.80 -31.63
CA ALA F 163 -23.26 -33.92 -32.56
C ALA F 163 -23.93 -33.59 -33.91
N PHE F 164 -23.14 -33.50 -34.95
CA PHE F 164 -23.64 -33.13 -36.25
C PHE F 164 -24.17 -34.34 -37.05
N ASN F 165 -23.86 -35.55 -36.57
CA ASN F 165 -24.34 -36.81 -37.20
C ASN F 165 -25.83 -37.09 -36.92
N ARG F 166 -26.34 -36.61 -35.79
CA ARG F 166 -27.76 -36.74 -35.47
C ARG F 166 -28.62 -35.77 -36.30
N VAL F 167 -27.99 -34.91 -37.10
CA VAL F 167 -28.72 -34.00 -38.01
C VAL F 167 -28.40 -34.28 -39.48
N GLY F 168 -27.57 -35.30 -39.74
CA GLY F 168 -27.37 -35.82 -41.09
C GLY F 168 -26.10 -35.35 -41.79
N LEU F 169 -25.30 -34.52 -41.10
CA LEU F 169 -24.14 -33.88 -41.72
C LEU F 169 -22.82 -34.55 -41.32
N ASP F 170 -21.81 -34.40 -42.19
CA ASP F 170 -20.50 -34.94 -41.91
C ASP F 170 -19.72 -34.02 -40.96
N HIS F 171 -18.85 -34.61 -40.17
CA HIS F 171 -18.08 -33.90 -39.15
C HIS F 171 -17.05 -32.91 -39.74
N VAL F 172 -16.68 -33.12 -41.02
CA VAL F 172 -15.64 -32.33 -41.70
C VAL F 172 -15.99 -30.83 -41.75
N LEU F 173 -17.26 -30.53 -41.55
CA LEU F 173 -17.72 -29.21 -41.23
C LEU F 173 -16.82 -28.46 -40.23
N LEU F 174 -16.36 -29.14 -39.17
CA LEU F 174 -15.60 -28.48 -38.12
C LEU F 174 -14.16 -28.30 -38.56
N VAL F 175 -13.78 -28.97 -39.64
CA VAL F 175 -12.45 -28.80 -40.25
C VAL F 175 -12.45 -27.53 -41.13
N LYS F 176 -13.51 -27.37 -41.93
CA LYS F 176 -13.78 -26.13 -42.67
C LYS F 176 -13.61 -24.92 -41.78
N VAL F 177 -14.26 -25.00 -40.63
CA VAL F 177 -14.31 -23.87 -39.72
C VAL F 177 -12.94 -23.58 -39.10
N ALA F 178 -12.29 -24.65 -38.63
CA ALA F 178 -11.11 -24.48 -37.81
C ALA F 178 -9.98 -23.95 -38.65
N SER F 179 -9.88 -24.52 -39.85
CA SER F 179 -8.84 -24.17 -40.79
C SER F 179 -8.99 -22.73 -41.26
N THR F 180 -10.22 -22.33 -41.58
CA THR F 180 -10.49 -20.98 -42.10
C THR F 180 -10.08 -19.95 -41.06
N ALA F 181 -10.19 -20.32 -39.79
CA ALA F 181 -9.91 -19.42 -38.69
C ALA F 181 -8.43 -19.23 -38.43
N VAL F 182 -7.68 -20.33 -38.41
CA VAL F 182 -6.23 -20.24 -38.17
C VAL F 182 -5.43 -19.81 -39.44
N VAL F 183 -5.86 -20.26 -40.62
CA VAL F 183 -5.22 -19.82 -41.89
C VAL F 183 -5.45 -18.34 -42.19
N ALA F 184 -6.67 -17.83 -41.99
CA ALA F 184 -6.91 -16.39 -42.14
C ALA F 184 -5.94 -15.60 -41.25
N GLU F 185 -5.60 -16.14 -40.08
CA GLU F 185 -4.79 -15.38 -39.12
C GLU F 185 -3.41 -14.88 -39.42
N MET F 186 -2.36 -15.67 -39.36
CA MET F 186 -1.83 -16.52 -40.39
C MET F 186 -1.51 -15.82 -41.75
N LEU F 187 -2.47 -15.75 -42.66
CA LEU F 187 -2.31 -14.86 -43.82
C LEU F 187 -2.24 -13.38 -43.38
N GLY F 188 -2.39 -13.12 -42.09
CA GLY F 188 -2.16 -11.78 -41.56
C GLY F 188 -3.33 -10.83 -41.73
N LEU F 189 -4.55 -11.33 -41.58
CA LEU F 189 -5.75 -10.49 -41.73
C LEU F 189 -6.15 -9.74 -40.46
N THR F 190 -7.00 -8.75 -40.67
CA THR F 190 -7.55 -7.89 -39.62
C THR F 190 -8.65 -8.61 -38.85
N ARG F 191 -8.91 -8.18 -37.62
CA ARG F 191 -10.00 -8.74 -36.83
C ARG F 191 -11.22 -8.86 -37.75
N ASP F 192 -11.64 -7.71 -38.26
CA ASP F 192 -12.83 -7.64 -39.11
C ASP F 192 -12.79 -8.66 -40.24
N GLU F 193 -11.62 -8.86 -40.83
CA GLU F 193 -11.50 -9.78 -41.97
C GLU F 193 -11.61 -11.25 -41.60
N ILE F 194 -11.07 -11.59 -40.44
CA ILE F 194 -11.14 -12.95 -39.94
C ILE F 194 -12.58 -13.24 -39.49
N LEU F 195 -13.22 -12.26 -38.85
CA LEU F 195 -14.66 -12.34 -38.55
C LEU F 195 -15.49 -12.62 -39.84
N ASN F 196 -15.14 -11.95 -40.93
CA ASN F 196 -15.83 -12.17 -42.22
C ASN F 196 -15.59 -13.57 -42.80
N ALA F 197 -14.35 -14.03 -42.70
CA ALA F 197 -13.93 -15.34 -43.24
C ALA F 197 -14.61 -16.52 -42.56
N VAL F 198 -14.62 -16.51 -41.21
CA VAL F 198 -15.32 -17.56 -40.43
C VAL F 198 -16.83 -17.56 -40.69
N SER F 199 -17.45 -16.38 -40.72
CA SER F 199 -18.86 -16.30 -41.05
C SER F 199 -19.14 -16.90 -42.45
N LEU F 200 -18.23 -16.69 -43.38
CA LEU F 200 -18.40 -17.27 -44.73
C LEU F 200 -18.39 -18.80 -44.66
N ALA F 201 -17.54 -19.38 -43.82
CA ALA F 201 -17.52 -20.84 -43.63
C ALA F 201 -18.90 -21.38 -43.23
N TRP F 202 -19.55 -20.74 -42.26
CA TRP F 202 -20.83 -21.23 -41.71
C TRP F 202 -21.97 -21.20 -42.71
N VAL F 203 -21.98 -20.22 -43.60
CA VAL F 203 -23.05 -20.10 -44.60
C VAL F 203 -22.83 -21.02 -45.79
N ASP F 204 -21.60 -21.52 -45.91
CA ASP F 204 -21.20 -22.40 -47.00
C ASP F 204 -22.19 -23.56 -47.04
N GLY F 205 -21.96 -24.53 -47.91
CA GLY F 205 -22.75 -25.76 -47.87
C GLY F 205 -22.00 -26.87 -47.15
N GLN F 206 -22.73 -27.80 -46.53
CA GLN F 206 -22.08 -28.86 -45.79
C GLN F 206 -22.43 -30.29 -46.30
N SER F 207 -21.38 -31.01 -46.71
CA SER F 207 -21.50 -32.40 -47.13
C SER F 207 -22.35 -33.25 -46.17
N LEU F 208 -23.18 -34.12 -46.76
CA LEU F 208 -23.82 -35.24 -46.05
C LEU F 208 -22.80 -36.27 -45.59
N ARG F 209 -23.26 -37.33 -44.95
CA ARG F 209 -22.38 -38.46 -44.60
C ARG F 209 -22.83 -39.78 -45.24
N THR F 210 -23.65 -39.66 -46.28
CA THR F 210 -24.09 -40.81 -47.08
C THR F 210 -22.94 -41.77 -47.41
N TYR F 211 -21.79 -41.21 -47.81
CA TYR F 211 -20.63 -41.99 -48.26
C TYR F 211 -19.97 -42.79 -47.15
N ARG F 212 -20.45 -42.64 -45.92
CA ARG F 212 -19.82 -43.29 -44.77
C ARG F 212 -20.63 -44.48 -44.32
N HIS F 213 -21.80 -44.71 -44.90
CA HIS F 213 -22.72 -45.74 -44.39
C HIS F 213 -23.15 -46.73 -45.46
N ALA F 214 -23.34 -47.99 -45.06
CA ALA F 214 -23.96 -48.98 -45.94
C ALA F 214 -25.33 -48.46 -46.36
N PRO F 215 -25.69 -48.56 -47.65
CA PRO F 215 -24.99 -49.33 -48.68
C PRO F 215 -24.19 -48.45 -49.67
N ASN F 216 -23.73 -47.28 -49.21
CA ASN F 216 -23.07 -46.32 -50.07
C ASN F 216 -21.62 -46.05 -49.65
N THR F 217 -21.12 -46.81 -48.69
CA THR F 217 -19.76 -46.59 -48.17
C THR F 217 -18.75 -46.54 -49.33
N GLY F 218 -17.93 -45.49 -49.35
CA GLY F 218 -17.12 -45.17 -50.53
C GLY F 218 -15.96 -44.25 -50.18
N THR F 219 -15.15 -43.90 -51.18
CA THR F 219 -13.79 -43.43 -50.94
C THR F 219 -13.74 -41.92 -50.74
N ARG F 220 -14.91 -41.29 -50.72
CA ARG F 220 -15.05 -39.91 -50.26
C ARG F 220 -14.97 -39.80 -48.74
N LYS F 221 -15.09 -40.95 -48.07
CA LYS F 221 -14.82 -41.03 -46.66
C LYS F 221 -13.34 -40.67 -46.35
N SER F 222 -12.48 -40.83 -47.36
CA SER F 222 -11.08 -40.62 -47.19
C SER F 222 -10.68 -39.20 -47.54
N TRP F 223 -11.38 -38.59 -48.49
CA TRP F 223 -10.98 -37.26 -48.95
C TRP F 223 -11.88 -36.09 -48.58
N ALA F 224 -12.99 -36.38 -47.92
CA ALA F 224 -13.94 -35.33 -47.55
C ALA F 224 -13.25 -34.25 -46.70
N ALA F 225 -12.41 -34.67 -45.76
CA ALA F 225 -11.73 -33.73 -44.84
C ALA F 225 -10.73 -32.87 -45.58
N GLY F 226 -10.03 -33.46 -46.54
CA GLY F 226 -9.03 -32.74 -47.32
C GLY F 226 -9.67 -31.68 -48.22
N ASP F 227 -10.90 -31.96 -48.67
CA ASP F 227 -11.67 -31.00 -49.43
C ASP F 227 -12.15 -29.81 -48.56
N ALA F 228 -12.31 -30.06 -47.26
CA ALA F 228 -12.74 -29.02 -46.33
C ALA F 228 -11.64 -28.05 -45.99
N THR F 229 -10.47 -28.57 -45.64
CA THR F 229 -9.32 -27.74 -45.25
C THR F 229 -8.82 -26.88 -46.41
N SER F 230 -8.83 -27.45 -47.62
CA SER F 230 -8.61 -26.71 -48.88
C SER F 230 -9.67 -25.63 -49.12
N ARG F 231 -10.94 -25.99 -48.94
CA ARG F 231 -12.04 -25.00 -48.97
C ARG F 231 -11.80 -23.83 -48.02
N ALA F 232 -11.27 -24.15 -46.83
CA ALA F 232 -10.94 -23.15 -45.83
C ALA F 232 -9.95 -22.14 -46.37
N VAL F 233 -8.95 -22.63 -47.09
CA VAL F 233 -7.92 -21.76 -47.59
C VAL F 233 -8.42 -20.90 -48.73
N ARG F 234 -9.22 -21.50 -49.60
CA ARG F 234 -9.88 -20.68 -50.65
C ARG F 234 -10.70 -19.49 -50.09
N LEU F 235 -11.40 -19.74 -48.99
CA LEU F 235 -12.28 -18.75 -48.43
C LEU F 235 -11.50 -17.68 -47.67
N ALA F 236 -10.43 -18.10 -46.99
CA ALA F 236 -9.60 -17.17 -46.24
C ALA F 236 -9.03 -16.13 -47.23
N LEU F 237 -8.55 -16.60 -48.39
CA LEU F 237 -7.94 -15.69 -49.38
C LEU F 237 -9.02 -14.78 -50.01
N MET F 238 -10.30 -15.16 -49.90
CA MET F 238 -11.36 -14.29 -50.45
C MET F 238 -11.50 -13.10 -49.51
N ALA F 239 -11.55 -13.42 -48.22
CA ALA F 239 -11.49 -12.43 -47.13
C ALA F 239 -10.33 -11.49 -47.30
N LYS F 240 -9.19 -12.02 -47.73
CA LYS F 240 -8.01 -11.18 -47.94
C LYS F 240 -8.31 -10.01 -48.89
N THR F 241 -9.27 -10.20 -49.81
CA THR F 241 -9.55 -9.17 -50.81
C THR F 241 -10.34 -8.02 -50.22
N GLY F 242 -11.06 -8.29 -49.13
CA GLY F 242 -12.06 -7.36 -48.62
C GLY F 242 -13.50 -7.86 -48.70
N GLU F 243 -13.68 -9.13 -49.04
CA GLU F 243 -15.01 -9.73 -49.19
C GLU F 243 -15.81 -9.76 -47.86
N MET F 244 -17.06 -9.34 -47.94
CA MET F 244 -17.80 -9.05 -46.75
C MET F 244 -18.29 -10.32 -46.05
N GLY F 245 -18.62 -10.18 -44.78
CA GLY F 245 -19.09 -11.30 -43.99
C GLY F 245 -20.59 -11.21 -43.69
N TYR F 246 -21.09 -12.23 -42.99
CA TYR F 246 -22.51 -12.35 -42.74
C TYR F 246 -22.72 -12.54 -41.24
N PRO F 247 -23.03 -11.44 -40.53
CA PRO F 247 -22.87 -11.36 -39.07
C PRO F 247 -23.73 -12.35 -38.27
N SER F 248 -24.99 -12.48 -38.65
CA SER F 248 -25.90 -13.37 -37.93
C SER F 248 -26.06 -14.70 -38.68
N ALA F 249 -24.92 -15.25 -39.09
CA ALA F 249 -24.89 -16.47 -39.90
C ALA F 249 -25.44 -17.70 -39.15
N LEU F 250 -25.25 -17.77 -37.82
CA LEU F 250 -25.78 -18.90 -37.03
C LEU F 250 -27.20 -18.60 -36.50
N THR F 251 -27.36 -17.43 -35.88
CA THR F 251 -28.57 -17.14 -35.11
C THR F 251 -29.69 -16.44 -35.93
N ALA F 252 -29.51 -16.27 -37.24
CA ALA F 252 -30.51 -15.56 -38.04
C ALA F 252 -31.81 -16.35 -38.11
N LYS F 253 -32.93 -15.65 -37.95
CA LYS F 253 -34.26 -16.28 -37.96
C LYS F 253 -34.58 -16.82 -39.35
N THR F 254 -35.09 -18.06 -39.41
CA THR F 254 -35.46 -18.74 -40.68
C THR F 254 -34.25 -19.16 -41.55
N TRP F 255 -33.35 -18.21 -41.78
CA TRP F 255 -32.30 -18.39 -42.76
C TRP F 255 -30.97 -18.86 -42.16
N GLY F 256 -30.67 -18.41 -40.94
CA GLY F 256 -29.40 -18.74 -40.29
C GLY F 256 -29.19 -20.23 -40.14
N PHE F 257 -28.03 -20.60 -39.67
CA PHE F 257 -27.63 -22.02 -39.66
C PHE F 257 -28.45 -22.82 -38.62
N TYR F 258 -28.64 -22.26 -37.42
CA TYR F 258 -29.33 -22.97 -36.34
C TYR F 258 -30.70 -23.44 -36.84
N ASP F 259 -31.44 -22.54 -37.50
CA ASP F 259 -32.80 -22.87 -37.98
C ASP F 259 -32.80 -23.90 -39.12
N VAL F 260 -31.86 -23.80 -40.05
CA VAL F 260 -31.89 -24.64 -41.25
C VAL F 260 -31.28 -26.04 -41.01
N SER F 261 -30.25 -26.13 -40.17
CA SER F 261 -29.39 -27.32 -40.10
C SER F 261 -29.29 -27.92 -38.72
N PHE F 262 -29.66 -27.16 -37.69
CA PHE F 262 -29.53 -27.64 -36.30
C PHE F 262 -30.87 -27.60 -35.53
N LYS F 263 -31.99 -27.62 -36.26
CA LYS F 263 -33.33 -27.78 -35.68
C LYS F 263 -33.66 -26.73 -34.61
N GLY F 264 -33.24 -25.48 -34.84
CA GLY F 264 -33.56 -24.36 -33.92
C GLY F 264 -32.72 -24.31 -32.64
N GLU F 265 -31.98 -25.38 -32.36
CA GLU F 265 -31.18 -25.45 -31.16
C GLU F 265 -29.86 -24.65 -31.32
N THR F 266 -29.26 -24.29 -30.18
CA THR F 266 -27.98 -23.56 -30.14
C THR F 266 -26.78 -24.49 -29.93
N PHE F 267 -25.64 -24.14 -30.52
CA PHE F 267 -24.40 -24.84 -30.21
C PHE F 267 -24.08 -24.56 -28.75
N ARG F 268 -23.84 -25.61 -27.98
CA ARG F 268 -23.61 -25.46 -26.56
C ARG F 268 -22.20 -25.92 -26.19
N PHE F 269 -21.36 -24.97 -25.79
CA PHE F 269 -19.96 -25.24 -25.56
C PHE F 269 -19.69 -25.20 -24.06
N GLN F 270 -19.27 -26.33 -23.49
CA GLN F 270 -19.10 -26.45 -22.04
C GLN F 270 -17.96 -25.58 -21.49
N ARG F 271 -16.81 -25.58 -22.17
CA ARG F 271 -15.58 -24.97 -21.62
C ARG F 271 -14.93 -24.00 -22.61
N PRO F 272 -14.08 -23.08 -22.11
CA PRO F 272 -13.41 -22.08 -22.96
C PRO F 272 -12.19 -22.65 -23.70
N TYR F 273 -11.85 -22.07 -24.85
CA TYR F 273 -10.78 -22.63 -25.68
C TYR F 273 -9.42 -22.46 -25.00
N GLY F 274 -8.60 -23.51 -25.03
CA GLY F 274 -7.27 -23.46 -24.46
C GLY F 274 -6.35 -24.47 -25.11
N SER F 275 -5.71 -25.33 -24.31
CA SER F 275 -4.73 -26.31 -24.83
C SER F 275 -5.23 -27.74 -24.62
N TYR F 276 -6.56 -27.88 -24.50
CA TYR F 276 -7.16 -29.07 -23.91
C TYR F 276 -7.23 -30.26 -24.83
N VAL F 277 -7.48 -30.01 -26.11
CA VAL F 277 -7.61 -31.09 -27.08
C VAL F 277 -6.24 -31.73 -27.45
N MET F 278 -5.25 -30.93 -27.85
CA MET F 278 -3.94 -31.50 -28.22
C MET F 278 -3.28 -32.24 -27.06
N GLU F 279 -3.57 -31.82 -25.82
CA GLU F 279 -3.02 -32.51 -24.65
C GLU F 279 -3.59 -33.94 -24.53
N ASN F 280 -4.89 -34.10 -24.83
CA ASN F 280 -5.59 -35.36 -24.61
C ASN F 280 -5.96 -36.14 -25.87
N VAL F 281 -5.29 -35.88 -26.98
CA VAL F 281 -5.65 -36.50 -28.26
C VAL F 281 -5.27 -38.00 -28.26
N LEU F 282 -5.97 -38.81 -29.05
CA LEU F 282 -5.68 -40.26 -29.18
C LEU F 282 -4.84 -40.58 -30.43
N PHE F 283 -3.90 -41.50 -30.30
CA PHE F 283 -3.02 -41.86 -31.40
C PHE F 283 -3.16 -43.33 -31.80
N LYS F 284 -3.27 -43.59 -33.11
CA LYS F 284 -3.30 -44.96 -33.64
C LYS F 284 -1.90 -45.49 -33.90
N ILE F 285 -1.24 -45.95 -32.83
CA ILE F 285 0.17 -46.28 -32.82
C ILE F 285 0.39 -47.75 -32.49
N SER F 286 -0.62 -48.58 -32.81
CA SER F 286 -0.42 -50.04 -33.05
C SER F 286 -0.62 -50.37 -34.53
N PRO F 425 -5.16 -47.13 -22.88
CA PRO F 425 -4.29 -47.80 -23.87
C PRO F 425 -2.96 -47.08 -24.10
N ILE F 426 -2.12 -47.66 -24.95
CA ILE F 426 -0.82 -47.08 -25.34
C ILE F 426 -0.95 -45.68 -25.97
N GLY F 427 -1.89 -45.55 -26.91
CA GLY F 427 -2.10 -44.29 -27.62
C GLY F 427 -2.79 -43.22 -26.79
N HIS F 428 -3.02 -43.52 -25.51
CA HIS F 428 -3.66 -42.59 -24.59
C HIS F 428 -2.68 -41.53 -24.04
N ALA F 429 -3.23 -40.48 -23.41
CA ALA F 429 -2.44 -39.39 -22.84
C ALA F 429 -1.65 -39.76 -21.56
N ARG F 430 -2.15 -40.72 -20.80
CA ARG F 430 -1.49 -41.12 -19.56
C ARG F 430 -0.36 -42.13 -19.81
N ARG F 431 -0.40 -42.79 -20.96
CA ARG F 431 0.56 -43.85 -21.27
C ARG F 431 1.58 -43.43 -22.32
N ARG F 432 1.86 -42.13 -22.37
CA ARG F 432 2.72 -41.55 -23.39
C ARG F 432 4.18 -42.00 -23.30
N ALA F 433 4.59 -42.58 -22.18
CA ALA F 433 5.96 -43.06 -22.05
C ALA F 433 6.08 -44.42 -22.73
N ASP F 434 4.98 -45.15 -22.77
CA ASP F 434 4.93 -46.36 -23.57
C ASP F 434 4.74 -46.03 -25.09
N GLY F 435 3.81 -45.12 -25.39
CA GLY F 435 3.36 -44.86 -26.77
C GLY F 435 4.25 -43.99 -27.63
N ILE F 436 5.02 -43.09 -27.02
CA ILE F 436 5.87 -42.18 -27.81
C ILE F 436 6.94 -42.95 -28.61
N PRO F 437 7.64 -43.91 -27.97
CA PRO F 437 8.62 -44.75 -28.68
C PRO F 437 7.99 -45.61 -29.76
N LYS F 438 6.72 -45.99 -29.59
CA LYS F 438 6.03 -46.78 -30.62
C LYS F 438 5.69 -45.90 -31.82
N LEU F 439 5.39 -44.64 -31.53
CA LEU F 439 5.15 -43.65 -32.56
C LEU F 439 6.38 -43.41 -33.43
N ILE F 440 7.56 -43.26 -32.81
CA ILE F 440 8.80 -42.95 -33.54
C ILE F 440 9.13 -44.06 -34.54
N GLU F 441 8.82 -45.30 -34.18
CA GLU F 441 9.09 -46.44 -35.09
C GLU F 441 8.13 -46.43 -36.28
N LYS F 442 6.86 -46.13 -36.00
CA LYS F 442 5.86 -45.97 -37.07
C LYS F 442 6.30 -44.90 -38.05
N PHE F 443 6.77 -43.79 -37.51
CA PHE F 443 7.31 -42.71 -38.33
C PHE F 443 8.56 -43.18 -39.09
N LYS F 444 9.39 -43.97 -38.41
CA LYS F 444 10.61 -44.53 -39.00
C LYS F 444 10.28 -45.51 -40.13
N ILE F 445 9.32 -46.38 -39.89
CA ILE F 445 8.96 -47.37 -40.90
C ILE F 445 8.45 -46.68 -42.16
N ASN F 446 7.68 -45.61 -41.97
CA ASN F 446 7.00 -44.95 -43.11
C ASN F 446 7.97 -44.15 -43.97
N LEU F 447 9.00 -43.56 -43.34
CA LEU F 447 10.01 -42.82 -44.10
C LEU F 447 10.72 -43.81 -45.01
N ALA F 448 10.90 -45.03 -44.52
CA ALA F 448 11.63 -46.04 -45.25
C ALA F 448 10.92 -46.37 -46.54
N ARG F 449 9.61 -46.12 -46.58
CA ARG F 449 8.79 -46.63 -47.67
C ARG F 449 8.64 -45.67 -48.85
N GLN F 450 9.10 -44.45 -48.72
CA GLN F 450 9.18 -43.52 -49.89
C GLN F 450 10.61 -43.00 -50.14
N PHE F 451 11.45 -43.01 -49.09
CA PHE F 451 12.77 -42.37 -49.12
C PHE F 451 13.91 -43.38 -48.87
N PRO F 452 15.04 -43.21 -49.58
CA PRO F 452 16.25 -43.97 -49.31
C PRO F 452 16.97 -43.52 -48.03
N THR F 453 17.94 -44.34 -47.60
CA THR F 453 18.67 -44.13 -46.32
C THR F 453 19.11 -42.72 -46.01
N ARG F 454 19.89 -42.15 -46.92
CA ARG F 454 20.48 -40.86 -46.60
C ARG F 454 19.39 -39.84 -46.32
N GLN F 455 18.38 -39.85 -47.17
CA GLN F 455 17.31 -38.88 -47.04
C GLN F 455 16.51 -39.15 -45.79
N GLN F 456 16.15 -40.42 -45.60
CA GLN F 456 15.41 -40.82 -44.40
C GLN F 456 16.25 -40.46 -43.15
N GLN F 457 17.57 -40.56 -43.25
CA GLN F 457 18.46 -40.08 -42.17
C GLN F 457 18.39 -38.59 -41.96
N ARG F 458 18.57 -37.80 -43.02
CA ARG F 458 18.71 -36.34 -42.86
C ARG F 458 17.38 -35.66 -42.47
N ILE F 459 16.27 -36.26 -42.85
CA ILE F 459 14.97 -35.89 -42.28
C ILE F 459 14.93 -36.24 -40.78
N LEU F 460 15.28 -37.49 -40.43
CA LEU F 460 15.23 -37.93 -39.01
C LEU F 460 16.14 -37.09 -38.09
N ASP F 461 17.24 -36.57 -38.62
CA ASP F 461 18.17 -35.78 -37.81
C ASP F 461 17.55 -34.47 -37.30
N VAL F 462 16.96 -33.69 -38.19
CA VAL F 462 16.22 -32.51 -37.77
C VAL F 462 14.98 -32.84 -36.93
N SER F 463 14.24 -33.88 -37.30
CA SER F 463 12.85 -34.02 -36.85
C SER F 463 12.71 -34.56 -35.41
N LEU F 464 13.59 -35.46 -35.02
CA LEU F 464 13.46 -36.12 -33.73
C LEU F 464 13.95 -35.23 -32.53
N ASP F 465 14.40 -33.99 -32.82
CA ASP F 465 14.70 -33.00 -31.78
C ASP F 465 13.74 -31.79 -31.85
N ARG F 466 13.00 -31.55 -30.76
CA ARG F 466 11.93 -30.53 -30.74
C ARG F 466 12.45 -29.09 -31.02
N ALA F 467 13.40 -28.61 -30.25
CA ALA F 467 14.24 -27.52 -30.73
C ALA F 467 15.02 -28.09 -31.90
N ARG F 468 15.54 -27.22 -32.76
CA ARG F 468 16.08 -27.66 -34.06
C ARG F 468 14.93 -27.67 -35.05
N LEU F 469 13.92 -28.49 -34.81
CA LEU F 469 12.75 -28.50 -35.67
C LEU F 469 11.98 -27.20 -35.54
N GLU F 470 11.66 -26.83 -34.29
CA GLU F 470 10.97 -25.57 -34.00
C GLU F 470 11.58 -24.42 -34.80
N GLN F 471 12.91 -24.31 -34.75
CA GLN F 471 13.65 -23.14 -35.26
C GLN F 471 13.77 -23.10 -36.76
N MET F 472 13.42 -24.20 -37.39
CA MET F 472 13.69 -24.36 -38.80
C MET F 472 12.60 -23.78 -39.67
N PRO F 473 12.99 -22.95 -40.64
CA PRO F 473 12.12 -22.34 -41.61
C PRO F 473 11.32 -23.35 -42.47
N VAL F 474 10.01 -23.17 -42.57
CA VAL F 474 9.15 -24.27 -43.07
C VAL F 474 9.48 -24.66 -44.51
N ASN F 475 9.81 -23.67 -45.35
CA ASN F 475 10.29 -23.96 -46.70
C ASN F 475 11.47 -24.97 -46.70
N GLU F 476 12.39 -24.81 -45.74
CA GLU F 476 13.61 -25.65 -45.67
C GLU F 476 13.38 -27.08 -45.19
N TYR F 477 12.48 -27.23 -44.24
CA TYR F 477 12.01 -28.56 -43.82
C TYR F 477 11.34 -29.31 -44.97
N LEU F 478 10.27 -28.73 -45.52
CA LEU F 478 9.51 -29.42 -46.53
C LEU F 478 10.38 -29.78 -47.75
N ASP F 479 11.43 -28.97 -48.04
CA ASP F 479 12.41 -29.35 -49.07
C ASP F 479 12.98 -30.75 -48.80
N LEU F 480 13.25 -31.02 -47.53
CA LEU F 480 13.88 -32.29 -47.14
C LEU F 480 13.04 -33.48 -47.65
N TYR F 481 11.74 -33.25 -47.88
CA TYR F 481 10.81 -34.32 -48.28
C TYR F 481 10.57 -34.43 -49.81
N VAL F 482 11.36 -33.76 -50.64
CA VAL F 482 11.22 -33.95 -52.09
C VAL F 482 11.96 -35.17 -52.61
#